data_6HI4
# 
_entry.id   6HI4 
# 
_audit_conform.dict_name       mmcif_pdbx.dic 
_audit_conform.dict_version    5.383 
_audit_conform.dict_location   http://mmcif.pdb.org/dictionaries/ascii/mmcif_pdbx.dic 
# 
loop_
_database_2.database_id 
_database_2.database_code 
_database_2.pdbx_database_accession 
_database_2.pdbx_DOI 
PDB   6HI4         pdb_00006hi4 10.2210/pdb6hi4/pdb 
WWPDB D_1200011708 ?            ?                   
# 
loop_
_pdbx_audit_revision_history.ordinal 
_pdbx_audit_revision_history.data_content_type 
_pdbx_audit_revision_history.major_revision 
_pdbx_audit_revision_history.minor_revision 
_pdbx_audit_revision_history.revision_date 
1 'Structure model' 1 0 2019-02-20 
2 'Structure model' 1 1 2020-11-04 
3 'Structure model' 1 2 2024-01-17 
# 
_pdbx_audit_revision_details.ordinal             1 
_pdbx_audit_revision_details.revision_ordinal    1 
_pdbx_audit_revision_details.data_content_type   'Structure model' 
_pdbx_audit_revision_details.provider            repository 
_pdbx_audit_revision_details.type                'Initial release' 
_pdbx_audit_revision_details.description         ? 
_pdbx_audit_revision_details.details             ? 
# 
loop_
_pdbx_audit_revision_group.ordinal 
_pdbx_audit_revision_group.revision_ordinal 
_pdbx_audit_revision_group.data_content_type 
_pdbx_audit_revision_group.group 
1 2 'Structure model' 'Database references'    
2 3 'Structure model' 'Data collection'        
3 3 'Structure model' 'Database references'    
4 3 'Structure model' 'Refinement description' 
# 
loop_
_pdbx_audit_revision_category.ordinal 
_pdbx_audit_revision_category.revision_ordinal 
_pdbx_audit_revision_category.data_content_type 
_pdbx_audit_revision_category.category 
1 2 'Structure model' citation                      
2 2 'Structure model' citation_author               
3 3 'Structure model' chem_comp_atom                
4 3 'Structure model' chem_comp_bond                
5 3 'Structure model' database_2                    
6 3 'Structure model' pdbx_initial_refinement_model 
# 
loop_
_pdbx_audit_revision_item.ordinal 
_pdbx_audit_revision_item.revision_ordinal 
_pdbx_audit_revision_item.data_content_type 
_pdbx_audit_revision_item.item 
1  2 'Structure model' '_citation.country'                   
2  2 'Structure model' '_citation.journal_abbrev'            
3  2 'Structure model' '_citation.journal_id_CSD'            
4  2 'Structure model' '_citation.journal_id_ISSN'           
5  2 'Structure model' '_citation.journal_volume'            
6  2 'Structure model' '_citation.page_first'                
7  2 'Structure model' '_citation.page_last'                 
8  2 'Structure model' '_citation.pdbx_database_id_DOI'      
9  2 'Structure model' '_citation.pdbx_database_id_PubMed'   
10 2 'Structure model' '_citation.title'                     
11 2 'Structure model' '_citation.year'                      
12 3 'Structure model' '_database_2.pdbx_DOI'                
13 3 'Structure model' '_database_2.pdbx_database_accession' 
# 
_pdbx_database_status.status_code                     REL 
_pdbx_database_status.status_code_sf                  REL 
_pdbx_database_status.status_code_mr                  ? 
_pdbx_database_status.entry_id                        6HI4 
_pdbx_database_status.recvd_initial_deposition_date   2018-08-29 
_pdbx_database_status.SG_entry                        N 
_pdbx_database_status.deposit_site                    PDBE 
_pdbx_database_status.process_site                    PDBE 
_pdbx_database_status.status_code_cs                  ? 
_pdbx_database_status.methods_development_category    ? 
_pdbx_database_status.pdb_format_compatible           Y 
_pdbx_database_status.status_code_nmr_data            ? 
# 
loop_
_audit_author.name 
_audit_author.pdbx_ordinal 
_audit_author.identifier_ORCID 
'Sledz, P.'    1 ? 
'Caflisch, A.' 2 ? 
# 
_citation.abstract                  ? 
_citation.abstract_id_CAS           ? 
_citation.book_id_ISBN              ? 
_citation.book_publisher            ? 
_citation.book_publisher_city       ? 
_citation.book_title                ? 
_citation.coordinate_linkage        ? 
_citation.country                   US 
_citation.database_id_Medline       ? 
_citation.details                   ? 
_citation.id                        primary 
_citation.journal_abbrev            'Acs Med.Chem.Lett.' 
_citation.journal_id_ASTM           ? 
_citation.journal_id_CSD            ? 
_citation.journal_id_ISSN           1948-5875 
_citation.journal_full              ? 
_citation.journal_issue             ? 
_citation.journal_volume            11 
_citation.language                  ? 
_citation.page_first                1573 
_citation.page_last                 1580 
_citation.title                     'Hitting a Moving Target: Simulation and Crystallography Study of ATAD2 Bromodomain Blockers.' 
_citation.year                      2020 
_citation.database_id_CSD           ? 
_citation.pdbx_database_id_DOI      10.1021/acsmedchemlett.0c00080 
_citation.pdbx_database_id_PubMed   32832026 
_citation.unpublished_flag          ? 
# 
loop_
_citation_author.citation_id 
_citation_author.name 
_citation_author.ordinal 
_citation_author.identifier_ORCID 
primary 'Dolbois, A.'        1  ? 
primary 'Batiste, L.'        2  ? 
primary 'Wiedmer, L.'        3  ? 
primary 'Dong, J.'           4  ? 
primary 'Brutsch, M.'        5  ? 
primary 'Huang, D.'          6  ? 
primary 'Deerain, N.M.'      7  ? 
primary 'Spiliotopoulos, D.' 8  ? 
primary 'Cheng-Sanchez, I.'  9  ? 
primary 'Laul, E.'           10 ? 
primary 'Nevado, C.'         11 ? 
primary 'Sledz, P.'          12 ? 
primary 'Caflisch, A.'       13 ? 
# 
loop_
_entity.id 
_entity.type 
_entity.src_method 
_entity.pdbx_description 
_entity.formula_weight 
_entity.pdbx_number_of_molecules 
_entity.pdbx_ec 
_entity.pdbx_mutation 
_entity.pdbx_fragment 
_entity.details 
1 polymer     man 'ATPase family AAA domain-containing protein 2'                                      15453.514 1   ? ? ? ? 
2 non-polymer syn '(2~{R})-2-azanyl-~{N}-[4-ethanoyl-5-(3-methoxyphenyl)-1,3-thiazol-2-yl]propanamide' 319.379   1   ? ? ? ? 
3 non-polymer syn 'SULFATE ION'                                                                        96.063    1   ? ? ? ? 
4 water       nat water                                                                                18.015    176 ? ? ? ? 
# 
_entity_name_com.entity_id   1 
_entity_name_com.name        'Bromodomain of ATAD2' 
# 
_entity_poly.entity_id                      1 
_entity_poly.type                           'polypeptide(L)' 
_entity_poly.nstd_linkage                   no 
_entity_poly.nstd_monomer                   no 
_entity_poly.pdbx_seq_one_letter_code       
;SMQEEDTFRELRIFLRNVTHRLAIDKRFRVFTKPVDPDEVPDYVTVIKQPMDLSSVISKIDLHKYLTVKDYLRDIDLICS
NALEYNPDRDPGDRLIRHRACALRDTAYAIIKEELDEDFEQLCEEIQESR
;
_entity_poly.pdbx_seq_one_letter_code_can   
;SMQEEDTFRELRIFLRNVTHRLAIDKRFRVFTKPVDPDEVPDYVTVIKQPMDLSSVISKIDLHKYLTVKDYLRDIDLICS
NALEYNPDRDPGDRLIRHRACALRDTAYAIIKEELDEDFEQLCEEIQESR
;
_entity_poly.pdbx_strand_id                 A 
_entity_poly.pdbx_target_identifier         ? 
# 
loop_
_pdbx_entity_nonpoly.entity_id 
_pdbx_entity_nonpoly.name 
_pdbx_entity_nonpoly.comp_id 
2 '(2~{R})-2-azanyl-~{N}-[4-ethanoyl-5-(3-methoxyphenyl)-1,3-thiazol-2-yl]propanamide' G5W 
3 'SULFATE ION'                                                                        SO4 
4 water                                                                                HOH 
# 
loop_
_entity_poly_seq.entity_id 
_entity_poly_seq.num 
_entity_poly_seq.mon_id 
_entity_poly_seq.hetero 
1 1   SER n 
1 2   MET n 
1 3   GLN n 
1 4   GLU n 
1 5   GLU n 
1 6   ASP n 
1 7   THR n 
1 8   PHE n 
1 9   ARG n 
1 10  GLU n 
1 11  LEU n 
1 12  ARG n 
1 13  ILE n 
1 14  PHE n 
1 15  LEU n 
1 16  ARG n 
1 17  ASN n 
1 18  VAL n 
1 19  THR n 
1 20  HIS n 
1 21  ARG n 
1 22  LEU n 
1 23  ALA n 
1 24  ILE n 
1 25  ASP n 
1 26  LYS n 
1 27  ARG n 
1 28  PHE n 
1 29  ARG n 
1 30  VAL n 
1 31  PHE n 
1 32  THR n 
1 33  LYS n 
1 34  PRO n 
1 35  VAL n 
1 36  ASP n 
1 37  PRO n 
1 38  ASP n 
1 39  GLU n 
1 40  VAL n 
1 41  PRO n 
1 42  ASP n 
1 43  TYR n 
1 44  VAL n 
1 45  THR n 
1 46  VAL n 
1 47  ILE n 
1 48  LYS n 
1 49  GLN n 
1 50  PRO n 
1 51  MET n 
1 52  ASP n 
1 53  LEU n 
1 54  SER n 
1 55  SER n 
1 56  VAL n 
1 57  ILE n 
1 58  SER n 
1 59  LYS n 
1 60  ILE n 
1 61  ASP n 
1 62  LEU n 
1 63  HIS n 
1 64  LYS n 
1 65  TYR n 
1 66  LEU n 
1 67  THR n 
1 68  VAL n 
1 69  LYS n 
1 70  ASP n 
1 71  TYR n 
1 72  LEU n 
1 73  ARG n 
1 74  ASP n 
1 75  ILE n 
1 76  ASP n 
1 77  LEU n 
1 78  ILE n 
1 79  CYS n 
1 80  SER n 
1 81  ASN n 
1 82  ALA n 
1 83  LEU n 
1 84  GLU n 
1 85  TYR n 
1 86  ASN n 
1 87  PRO n 
1 88  ASP n 
1 89  ARG n 
1 90  ASP n 
1 91  PRO n 
1 92  GLY n 
1 93  ASP n 
1 94  ARG n 
1 95  LEU n 
1 96  ILE n 
1 97  ARG n 
1 98  HIS n 
1 99  ARG n 
1 100 ALA n 
1 101 CYS n 
1 102 ALA n 
1 103 LEU n 
1 104 ARG n 
1 105 ASP n 
1 106 THR n 
1 107 ALA n 
1 108 TYR n 
1 109 ALA n 
1 110 ILE n 
1 111 ILE n 
1 112 LYS n 
1 113 GLU n 
1 114 GLU n 
1 115 LEU n 
1 116 ASP n 
1 117 GLU n 
1 118 ASP n 
1 119 PHE n 
1 120 GLU n 
1 121 GLN n 
1 122 LEU n 
1 123 CYS n 
1 124 GLU n 
1 125 GLU n 
1 126 ILE n 
1 127 GLN n 
1 128 GLU n 
1 129 SER n 
1 130 ARG n 
# 
_entity_src_gen.entity_id                          1 
_entity_src_gen.pdbx_src_id                        1 
_entity_src_gen.pdbx_alt_source_flag               sample 
_entity_src_gen.pdbx_seq_type                      ? 
_entity_src_gen.pdbx_beg_seq_num                   ? 
_entity_src_gen.pdbx_end_seq_num                   ? 
_entity_src_gen.gene_src_common_name               Human 
_entity_src_gen.gene_src_genus                     ? 
_entity_src_gen.pdbx_gene_src_gene                 ? 
_entity_src_gen.gene_src_species                   ? 
_entity_src_gen.gene_src_strain                    ? 
_entity_src_gen.gene_src_tissue                    ? 
_entity_src_gen.gene_src_tissue_fraction           ? 
_entity_src_gen.gene_src_details                   ? 
_entity_src_gen.pdbx_gene_src_fragment             ? 
_entity_src_gen.pdbx_gene_src_scientific_name      'Homo sapiens' 
_entity_src_gen.pdbx_gene_src_ncbi_taxonomy_id     9606 
_entity_src_gen.pdbx_gene_src_variant              ? 
_entity_src_gen.pdbx_gene_src_cell_line            ? 
_entity_src_gen.pdbx_gene_src_atcc                 ? 
_entity_src_gen.pdbx_gene_src_organ                ? 
_entity_src_gen.pdbx_gene_src_organelle            ? 
_entity_src_gen.pdbx_gene_src_cell                 ? 
_entity_src_gen.pdbx_gene_src_cellular_location    ? 
_entity_src_gen.host_org_common_name               ? 
_entity_src_gen.pdbx_host_org_scientific_name      'Escherichia coli' 
_entity_src_gen.pdbx_host_org_ncbi_taxonomy_id     562 
_entity_src_gen.host_org_genus                     ? 
_entity_src_gen.pdbx_host_org_gene                 ? 
_entity_src_gen.pdbx_host_org_organ                ? 
_entity_src_gen.host_org_species                   ? 
_entity_src_gen.pdbx_host_org_tissue               ? 
_entity_src_gen.pdbx_host_org_tissue_fraction      ? 
_entity_src_gen.pdbx_host_org_strain               ? 
_entity_src_gen.pdbx_host_org_variant              ? 
_entity_src_gen.pdbx_host_org_cell_line            ? 
_entity_src_gen.pdbx_host_org_atcc                 ? 
_entity_src_gen.pdbx_host_org_culture_collection   ? 
_entity_src_gen.pdbx_host_org_cell                 ? 
_entity_src_gen.pdbx_host_org_organelle            ? 
_entity_src_gen.pdbx_host_org_cellular_location    ? 
_entity_src_gen.pdbx_host_org_vector_type          ? 
_entity_src_gen.pdbx_host_org_vector               ? 
_entity_src_gen.host_org_details                   ? 
_entity_src_gen.expression_system_id               ? 
_entity_src_gen.plasmid_name                       ? 
_entity_src_gen.plasmid_details                    ? 
_entity_src_gen.pdbx_description                   ? 
# 
loop_
_chem_comp.id 
_chem_comp.type 
_chem_comp.mon_nstd_flag 
_chem_comp.name 
_chem_comp.pdbx_synonyms 
_chem_comp.formula 
_chem_comp.formula_weight 
ALA 'L-peptide linking' y ALANINE                                                                              ? 'C3 H7 N O2'      
89.093  
ARG 'L-peptide linking' y ARGININE                                                                             ? 'C6 H15 N4 O2 1'  
175.209 
ASN 'L-peptide linking' y ASPARAGINE                                                                           ? 'C4 H8 N2 O3'     
132.118 
ASP 'L-peptide linking' y 'ASPARTIC ACID'                                                                      ? 'C4 H7 N O4'      
133.103 
CYS 'L-peptide linking' y CYSTEINE                                                                             ? 'C3 H7 N O2 S'    
121.158 
G5W non-polymer         . '(2~{R})-2-azanyl-~{N}-[4-ethanoyl-5-(3-methoxyphenyl)-1,3-thiazol-2-yl]propanamide' ? 'C15 H17 N3 O3 S' 
319.379 
GLN 'L-peptide linking' y GLUTAMINE                                                                            ? 'C5 H10 N2 O3'    
146.144 
GLU 'L-peptide linking' y 'GLUTAMIC ACID'                                                                      ? 'C5 H9 N O4'      
147.129 
GLY 'peptide linking'   y GLYCINE                                                                              ? 'C2 H5 N O2'      
75.067  
HIS 'L-peptide linking' y HISTIDINE                                                                            ? 'C6 H10 N3 O2 1'  
156.162 
HOH non-polymer         . WATER                                                                                ? 'H2 O'            
18.015  
ILE 'L-peptide linking' y ISOLEUCINE                                                                           ? 'C6 H13 N O2'     
131.173 
LEU 'L-peptide linking' y LEUCINE                                                                              ? 'C6 H13 N O2'     
131.173 
LYS 'L-peptide linking' y LYSINE                                                                               ? 'C6 H15 N2 O2 1'  
147.195 
MET 'L-peptide linking' y METHIONINE                                                                           ? 'C5 H11 N O2 S'   
149.211 
PHE 'L-peptide linking' y PHENYLALANINE                                                                        ? 'C9 H11 N O2'     
165.189 
PRO 'L-peptide linking' y PROLINE                                                                              ? 'C5 H9 N O2'      
115.130 
SER 'L-peptide linking' y SERINE                                                                               ? 'C3 H7 N O3'      
105.093 
SO4 non-polymer         . 'SULFATE ION'                                                                        ? 'O4 S -2'         
96.063  
THR 'L-peptide linking' y THREONINE                                                                            ? 'C4 H9 N O3'      
119.119 
TYR 'L-peptide linking' y TYROSINE                                                                             ? 'C9 H11 N O3'     
181.189 
VAL 'L-peptide linking' y VALINE                                                                               ? 'C5 H11 N O2'     
117.146 
# 
loop_
_pdbx_poly_seq_scheme.asym_id 
_pdbx_poly_seq_scheme.entity_id 
_pdbx_poly_seq_scheme.seq_id 
_pdbx_poly_seq_scheme.mon_id 
_pdbx_poly_seq_scheme.ndb_seq_num 
_pdbx_poly_seq_scheme.pdb_seq_num 
_pdbx_poly_seq_scheme.auth_seq_num 
_pdbx_poly_seq_scheme.pdb_mon_id 
_pdbx_poly_seq_scheme.auth_mon_id 
_pdbx_poly_seq_scheme.pdb_strand_id 
_pdbx_poly_seq_scheme.pdb_ins_code 
_pdbx_poly_seq_scheme.hetero 
A 1 1   SER 1   979  979  SER SER A . n 
A 1 2   MET 2   980  980  MET MET A . n 
A 1 3   GLN 3   981  981  GLN GLN A . n 
A 1 4   GLU 4   982  982  GLU GLU A . n 
A 1 5   GLU 5   983  983  GLU GLU A . n 
A 1 6   ASP 6   984  984  ASP ASP A . n 
A 1 7   THR 7   985  985  THR THR A . n 
A 1 8   PHE 8   986  986  PHE PHE A . n 
A 1 9   ARG 9   987  987  ARG ARG A . n 
A 1 10  GLU 10  988  988  GLU GLU A . n 
A 1 11  LEU 11  989  989  LEU LEU A . n 
A 1 12  ARG 12  990  990  ARG ARG A . n 
A 1 13  ILE 13  991  991  ILE ILE A . n 
A 1 14  PHE 14  992  992  PHE PHE A . n 
A 1 15  LEU 15  993  993  LEU LEU A . n 
A 1 16  ARG 16  994  994  ARG ARG A . n 
A 1 17  ASN 17  995  995  ASN ASN A . n 
A 1 18  VAL 18  996  996  VAL VAL A . n 
A 1 19  THR 19  997  997  THR THR A . n 
A 1 20  HIS 20  998  998  HIS HIS A . n 
A 1 21  ARG 21  999  999  ARG ARG A . n 
A 1 22  LEU 22  1000 1000 LEU LEU A . n 
A 1 23  ALA 23  1001 1001 ALA ALA A . n 
A 1 24  ILE 24  1002 1002 ILE ILE A . n 
A 1 25  ASP 25  1003 1003 ASP ASP A . n 
A 1 26  LYS 26  1004 1004 LYS LYS A . n 
A 1 27  ARG 27  1005 1005 ARG ARG A . n 
A 1 28  PHE 28  1006 1006 PHE PHE A . n 
A 1 29  ARG 29  1007 1007 ARG ARG A . n 
A 1 30  VAL 30  1008 1008 VAL VAL A . n 
A 1 31  PHE 31  1009 1009 PHE PHE A . n 
A 1 32  THR 32  1010 1010 THR THR A . n 
A 1 33  LYS 33  1011 1011 LYS LYS A . n 
A 1 34  PRO 34  1012 1012 PRO PRO A . n 
A 1 35  VAL 35  1013 1013 VAL VAL A . n 
A 1 36  ASP 36  1014 1014 ASP ASP A . n 
A 1 37  PRO 37  1015 1015 PRO PRO A . n 
A 1 38  ASP 38  1016 1016 ASP ASP A . n 
A 1 39  GLU 39  1017 1017 GLU GLU A . n 
A 1 40  VAL 40  1018 1018 VAL VAL A . n 
A 1 41  PRO 41  1019 1019 PRO PRO A . n 
A 1 42  ASP 42  1020 1020 ASP ASP A . n 
A 1 43  TYR 43  1021 1021 TYR TYR A . n 
A 1 44  VAL 44  1022 1022 VAL VAL A . n 
A 1 45  THR 45  1023 1023 THR THR A . n 
A 1 46  VAL 46  1024 1024 VAL VAL A . n 
A 1 47  ILE 47  1025 1025 ILE ILE A . n 
A 1 48  LYS 48  1026 1026 LYS LYS A . n 
A 1 49  GLN 49  1027 1027 GLN GLN A . n 
A 1 50  PRO 50  1028 1028 PRO PRO A . n 
A 1 51  MET 51  1029 1029 MET MET A . n 
A 1 52  ASP 52  1030 1030 ASP ASP A . n 
A 1 53  LEU 53  1031 1031 LEU LEU A . n 
A 1 54  SER 54  1032 1032 SER SER A . n 
A 1 55  SER 55  1033 1033 SER SER A . n 
A 1 56  VAL 56  1034 1034 VAL VAL A . n 
A 1 57  ILE 57  1035 1035 ILE ILE A . n 
A 1 58  SER 58  1036 1036 SER SER A . n 
A 1 59  LYS 59  1037 1037 LYS LYS A . n 
A 1 60  ILE 60  1038 1038 ILE ILE A . n 
A 1 61  ASP 61  1039 1039 ASP ASP A . n 
A 1 62  LEU 62  1040 1040 LEU LEU A . n 
A 1 63  HIS 63  1041 1041 HIS HIS A . n 
A 1 64  LYS 64  1042 1042 LYS LYS A . n 
A 1 65  TYR 65  1043 1043 TYR TYR A . n 
A 1 66  LEU 66  1044 1044 LEU LEU A . n 
A 1 67  THR 67  1045 1045 THR THR A . n 
A 1 68  VAL 68  1046 1046 VAL VAL A . n 
A 1 69  LYS 69  1047 1047 LYS LYS A . n 
A 1 70  ASP 70  1048 1048 ASP ASP A . n 
A 1 71  TYR 71  1049 1049 TYR TYR A . n 
A 1 72  LEU 72  1050 1050 LEU LEU A . n 
A 1 73  ARG 73  1051 1051 ARG ARG A . n 
A 1 74  ASP 74  1052 1052 ASP ASP A . n 
A 1 75  ILE 75  1053 1053 ILE ILE A . n 
A 1 76  ASP 76  1054 1054 ASP ASP A . n 
A 1 77  LEU 77  1055 1055 LEU LEU A . n 
A 1 78  ILE 78  1056 1056 ILE ILE A . n 
A 1 79  CYS 79  1057 1057 CYS CYS A . n 
A 1 80  SER 80  1058 1058 SER SER A . n 
A 1 81  ASN 81  1059 1059 ASN ASN A . n 
A 1 82  ALA 82  1060 1060 ALA ALA A . n 
A 1 83  LEU 83  1061 1061 LEU LEU A . n 
A 1 84  GLU 84  1062 1062 GLU GLU A . n 
A 1 85  TYR 85  1063 1063 TYR TYR A . n 
A 1 86  ASN 86  1064 1064 ASN ASN A . n 
A 1 87  PRO 87  1065 1065 PRO PRO A . n 
A 1 88  ASP 88  1066 1066 ASP ASP A . n 
A 1 89  ARG 89  1067 1067 ARG ARG A . n 
A 1 90  ASP 90  1068 1068 ASP ASP A . n 
A 1 91  PRO 91  1069 1069 PRO PRO A . n 
A 1 92  GLY 92  1070 1070 GLY GLY A . n 
A 1 93  ASP 93  1071 1071 ASP ASP A . n 
A 1 94  ARG 94  1072 1072 ARG ARG A . n 
A 1 95  LEU 95  1073 1073 LEU LEU A . n 
A 1 96  ILE 96  1074 1074 ILE ILE A . n 
A 1 97  ARG 97  1075 1075 ARG ARG A . n 
A 1 98  HIS 98  1076 1076 HIS HIS A . n 
A 1 99  ARG 99  1077 1077 ARG ARG A . n 
A 1 100 ALA 100 1078 1078 ALA ALA A . n 
A 1 101 CYS 101 1079 1079 CYS CYS A . n 
A 1 102 ALA 102 1080 1080 ALA ALA A . n 
A 1 103 LEU 103 1081 1081 LEU LEU A . n 
A 1 104 ARG 104 1082 1082 ARG ARG A . n 
A 1 105 ASP 105 1083 1083 ASP ASP A . n 
A 1 106 THR 106 1084 1084 THR THR A . n 
A 1 107 ALA 107 1085 1085 ALA ALA A . n 
A 1 108 TYR 108 1086 1086 TYR TYR A . n 
A 1 109 ALA 109 1087 1087 ALA ALA A . n 
A 1 110 ILE 110 1088 1088 ILE ILE A . n 
A 1 111 ILE 111 1089 1089 ILE ILE A . n 
A 1 112 LYS 112 1090 1090 LYS LYS A . n 
A 1 113 GLU 113 1091 1091 GLU GLU A . n 
A 1 114 GLU 114 1092 1092 GLU GLU A . n 
A 1 115 LEU 115 1093 1093 LEU LEU A . n 
A 1 116 ASP 116 1094 1094 ASP ASP A . n 
A 1 117 GLU 117 1095 1095 GLU GLU A . n 
A 1 118 ASP 118 1096 1096 ASP ASP A . n 
A 1 119 PHE 119 1097 1097 PHE PHE A . n 
A 1 120 GLU 120 1098 1098 GLU GLU A . n 
A 1 121 GLN 121 1099 1099 GLN GLN A . n 
A 1 122 LEU 122 1100 1100 LEU LEU A . n 
A 1 123 CYS 123 1101 1101 CYS CYS A . n 
A 1 124 GLU 124 1102 1102 GLU GLU A . n 
A 1 125 GLU 125 1103 1103 GLU GLU A . n 
A 1 126 ILE 126 1104 1104 ILE ILE A . n 
A 1 127 GLN 127 1105 1105 GLN GLN A . n 
A 1 128 GLU 128 1106 1106 GLU GLU A . n 
A 1 129 SER 129 1107 1107 SER SER A . n 
A 1 130 ARG 130 1108 1108 ARG ARG A . n 
# 
loop_
_pdbx_nonpoly_scheme.asym_id 
_pdbx_nonpoly_scheme.entity_id 
_pdbx_nonpoly_scheme.mon_id 
_pdbx_nonpoly_scheme.ndb_seq_num 
_pdbx_nonpoly_scheme.pdb_seq_num 
_pdbx_nonpoly_scheme.auth_seq_num 
_pdbx_nonpoly_scheme.pdb_mon_id 
_pdbx_nonpoly_scheme.auth_mon_id 
_pdbx_nonpoly_scheme.pdb_strand_id 
_pdbx_nonpoly_scheme.pdb_ins_code 
B 2 G5W 1   1201 1   G5W DRG A . 
C 3 SO4 1   1202 1   SO4 SO4 A . 
D 4 HOH 1   1301 148 HOH HOH A . 
D 4 HOH 2   1302 109 HOH HOH A . 
D 4 HOH 3   1303 160 HOH HOH A . 
D 4 HOH 4   1304 154 HOH HOH A . 
D 4 HOH 5   1305 146 HOH HOH A . 
D 4 HOH 6   1306 19  HOH HOH A . 
D 4 HOH 7   1307 18  HOH HOH A . 
D 4 HOH 8   1308 107 HOH HOH A . 
D 4 HOH 9   1309 87  HOH HOH A . 
D 4 HOH 10  1310 44  HOH HOH A . 
D 4 HOH 11  1311 80  HOH HOH A . 
D 4 HOH 12  1312 126 HOH HOH A . 
D 4 HOH 13  1313 75  HOH HOH A . 
D 4 HOH 14  1314 35  HOH HOH A . 
D 4 HOH 15  1315 5   HOH HOH A . 
D 4 HOH 16  1316 38  HOH HOH A . 
D 4 HOH 17  1317 175 HOH HOH A . 
D 4 HOH 18  1318 47  HOH HOH A . 
D 4 HOH 19  1319 22  HOH HOH A . 
D 4 HOH 20  1320 49  HOH HOH A . 
D 4 HOH 21  1321 25  HOH HOH A . 
D 4 HOH 22  1322 84  HOH HOH A . 
D 4 HOH 23  1323 40  HOH HOH A . 
D 4 HOH 24  1324 108 HOH HOH A . 
D 4 HOH 25  1325 114 HOH HOH A . 
D 4 HOH 26  1326 144 HOH HOH A . 
D 4 HOH 27  1327 56  HOH HOH A . 
D 4 HOH 28  1328 83  HOH HOH A . 
D 4 HOH 29  1329 52  HOH HOH A . 
D 4 HOH 30  1330 141 HOH HOH A . 
D 4 HOH 31  1331 104 HOH HOH A . 
D 4 HOH 32  1332 28  HOH HOH A . 
D 4 HOH 33  1333 110 HOH HOH A . 
D 4 HOH 34  1334 23  HOH HOH A . 
D 4 HOH 35  1335 48  HOH HOH A . 
D 4 HOH 36  1336 78  HOH HOH A . 
D 4 HOH 37  1337 51  HOH HOH A . 
D 4 HOH 38  1338 155 HOH HOH A . 
D 4 HOH 39  1339 153 HOH HOH A . 
D 4 HOH 40  1340 111 HOH HOH A . 
D 4 HOH 41  1341 17  HOH HOH A . 
D 4 HOH 42  1342 112 HOH HOH A . 
D 4 HOH 43  1343 139 HOH HOH A . 
D 4 HOH 44  1344 66  HOH HOH A . 
D 4 HOH 45  1345 34  HOH HOH A . 
D 4 HOH 46  1346 71  HOH HOH A . 
D 4 HOH 47  1347 142 HOH HOH A . 
D 4 HOH 48  1348 54  HOH HOH A . 
D 4 HOH 49  1349 69  HOH HOH A . 
D 4 HOH 50  1350 1   HOH HOH A . 
D 4 HOH 51  1351 77  HOH HOH A . 
D 4 HOH 52  1352 88  HOH HOH A . 
D 4 HOH 53  1353 4   HOH HOH A . 
D 4 HOH 54  1354 13  HOH HOH A . 
D 4 HOH 55  1355 72  HOH HOH A . 
D 4 HOH 56  1356 45  HOH HOH A . 
D 4 HOH 57  1357 130 HOH HOH A . 
D 4 HOH 58  1358 145 HOH HOH A . 
D 4 HOH 59  1359 21  HOH HOH A . 
D 4 HOH 60  1360 81  HOH HOH A . 
D 4 HOH 61  1361 29  HOH HOH A . 
D 4 HOH 62  1362 3   HOH HOH A . 
D 4 HOH 63  1363 58  HOH HOH A . 
D 4 HOH 64  1364 101 HOH HOH A . 
D 4 HOH 65  1365 127 HOH HOH A . 
D 4 HOH 66  1366 30  HOH HOH A . 
D 4 HOH 67  1367 102 HOH HOH A . 
D 4 HOH 68  1368 33  HOH HOH A . 
D 4 HOH 69  1369 131 HOH HOH A . 
D 4 HOH 70  1370 65  HOH HOH A . 
D 4 HOH 71  1371 9   HOH HOH A . 
D 4 HOH 72  1372 168 HOH HOH A . 
D 4 HOH 73  1373 8   HOH HOH A . 
D 4 HOH 74  1374 14  HOH HOH A . 
D 4 HOH 75  1375 53  HOH HOH A . 
D 4 HOH 76  1376 2   HOH HOH A . 
D 4 HOH 77  1377 46  HOH HOH A . 
D 4 HOH 78  1378 137 HOH HOH A . 
D 4 HOH 79  1379 32  HOH HOH A . 
D 4 HOH 80  1380 39  HOH HOH A . 
D 4 HOH 81  1381 61  HOH HOH A . 
D 4 HOH 82  1382 60  HOH HOH A . 
D 4 HOH 83  1383 15  HOH HOH A . 
D 4 HOH 84  1384 10  HOH HOH A . 
D 4 HOH 85  1385 31  HOH HOH A . 
D 4 HOH 86  1386 36  HOH HOH A . 
D 4 HOH 87  1387 121 HOH HOH A . 
D 4 HOH 88  1388 125 HOH HOH A . 
D 4 HOH 89  1389 173 HOH HOH A . 
D 4 HOH 90  1390 165 HOH HOH A . 
D 4 HOH 91  1391 113 HOH HOH A . 
D 4 HOH 92  1392 59  HOH HOH A . 
D 4 HOH 93  1393 132 HOH HOH A . 
D 4 HOH 94  1394 166 HOH HOH A . 
D 4 HOH 95  1395 100 HOH HOH A . 
D 4 HOH 96  1396 20  HOH HOH A . 
D 4 HOH 97  1397 70  HOH HOH A . 
D 4 HOH 98  1398 117 HOH HOH A . 
D 4 HOH 99  1399 74  HOH HOH A . 
D 4 HOH 100 1400 50  HOH HOH A . 
D 4 HOH 101 1401 85  HOH HOH A . 
D 4 HOH 102 1402 64  HOH HOH A . 
D 4 HOH 103 1403 170 HOH HOH A . 
D 4 HOH 104 1404 98  HOH HOH A . 
D 4 HOH 105 1405 158 HOH HOH A . 
D 4 HOH 106 1406 7   HOH HOH A . 
D 4 HOH 107 1407 140 HOH HOH A . 
D 4 HOH 108 1408 157 HOH HOH A . 
D 4 HOH 109 1409 6   HOH HOH A . 
D 4 HOH 110 1410 24  HOH HOH A . 
D 4 HOH 111 1411 138 HOH HOH A . 
D 4 HOH 112 1412 62  HOH HOH A . 
D 4 HOH 113 1413 99  HOH HOH A . 
D 4 HOH 114 1414 93  HOH HOH A . 
D 4 HOH 115 1415 129 HOH HOH A . 
D 4 HOH 116 1416 164 HOH HOH A . 
D 4 HOH 117 1417 161 HOH HOH A . 
D 4 HOH 118 1418 86  HOH HOH A . 
D 4 HOH 119 1419 95  HOH HOH A . 
D 4 HOH 120 1420 43  HOH HOH A . 
D 4 HOH 121 1421 163 HOH HOH A . 
D 4 HOH 122 1422 37  HOH HOH A . 
D 4 HOH 123 1423 122 HOH HOH A . 
D 4 HOH 124 1424 120 HOH HOH A . 
D 4 HOH 125 1425 11  HOH HOH A . 
D 4 HOH 126 1426 174 HOH HOH A . 
D 4 HOH 127 1427 79  HOH HOH A . 
D 4 HOH 128 1428 169 HOH HOH A . 
D 4 HOH 129 1429 68  HOH HOH A . 
D 4 HOH 130 1430 106 HOH HOH A . 
D 4 HOH 131 1431 151 HOH HOH A . 
D 4 HOH 132 1432 171 HOH HOH A . 
D 4 HOH 133 1433 128 HOH HOH A . 
D 4 HOH 134 1434 97  HOH HOH A . 
D 4 HOH 135 1435 96  HOH HOH A . 
D 4 HOH 136 1436 16  HOH HOH A . 
D 4 HOH 137 1437 116 HOH HOH A . 
D 4 HOH 138 1438 156 HOH HOH A . 
D 4 HOH 139 1439 152 HOH HOH A . 
D 4 HOH 140 1440 57  HOH HOH A . 
D 4 HOH 141 1441 73  HOH HOH A . 
D 4 HOH 142 1442 123 HOH HOH A . 
D 4 HOH 143 1443 162 HOH HOH A . 
D 4 HOH 144 1444 76  HOH HOH A . 
D 4 HOH 145 1445 90  HOH HOH A . 
D 4 HOH 146 1446 134 HOH HOH A . 
D 4 HOH 147 1447 105 HOH HOH A . 
D 4 HOH 148 1448 89  HOH HOH A . 
D 4 HOH 149 1449 135 HOH HOH A . 
D 4 HOH 150 1450 41  HOH HOH A . 
D 4 HOH 151 1451 42  HOH HOH A . 
D 4 HOH 152 1452 115 HOH HOH A . 
D 4 HOH 153 1453 147 HOH HOH A . 
D 4 HOH 154 1454 103 HOH HOH A . 
D 4 HOH 155 1455 143 HOH HOH A . 
D 4 HOH 156 1456 67  HOH HOH A . 
D 4 HOH 157 1457 26  HOH HOH A . 
D 4 HOH 158 1458 133 HOH HOH A . 
D 4 HOH 159 1459 167 HOH HOH A . 
D 4 HOH 160 1460 149 HOH HOH A . 
D 4 HOH 161 1461 92  HOH HOH A . 
D 4 HOH 162 1462 159 HOH HOH A . 
D 4 HOH 163 1463 12  HOH HOH A . 
D 4 HOH 164 1464 27  HOH HOH A . 
D 4 HOH 165 1465 91  HOH HOH A . 
D 4 HOH 166 1466 172 HOH HOH A . 
D 4 HOH 167 1467 118 HOH HOH A . 
D 4 HOH 168 1468 55  HOH HOH A . 
D 4 HOH 169 1469 94  HOH HOH A . 
D 4 HOH 170 1470 63  HOH HOH A . 
D 4 HOH 171 1471 119 HOH HOH A . 
D 4 HOH 172 1472 176 HOH HOH A . 
D 4 HOH 173 1473 150 HOH HOH A . 
D 4 HOH 174 1474 82  HOH HOH A . 
D 4 HOH 175 1475 124 HOH HOH A . 
D 4 HOH 176 1476 136 HOH HOH A . 
# 
loop_
_pdbx_unobs_or_zero_occ_atoms.id 
_pdbx_unobs_or_zero_occ_atoms.PDB_model_num 
_pdbx_unobs_or_zero_occ_atoms.polymer_flag 
_pdbx_unobs_or_zero_occ_atoms.occupancy_flag 
_pdbx_unobs_or_zero_occ_atoms.auth_asym_id 
_pdbx_unobs_or_zero_occ_atoms.auth_comp_id 
_pdbx_unobs_or_zero_occ_atoms.auth_seq_id 
_pdbx_unobs_or_zero_occ_atoms.PDB_ins_code 
_pdbx_unobs_or_zero_occ_atoms.auth_atom_id 
_pdbx_unobs_or_zero_occ_atoms.label_alt_id 
_pdbx_unobs_or_zero_occ_atoms.label_asym_id 
_pdbx_unobs_or_zero_occ_atoms.label_comp_id 
_pdbx_unobs_or_zero_occ_atoms.label_seq_id 
_pdbx_unobs_or_zero_occ_atoms.label_atom_id 
1  1 Y 1 A MET 980  ? CG  ? A MET 2  CG  
2  1 Y 1 A MET 980  ? SD  ? A MET 2  SD  
3  1 Y 1 A MET 980  ? CE  ? A MET 2  CE  
4  1 Y 1 A GLN 981  ? CD  ? A GLN 3  CD  
5  1 Y 1 A GLN 981  ? OE1 ? A GLN 3  OE1 
6  1 Y 1 A GLN 981  ? NE2 ? A GLN 3  NE2 
7  1 Y 1 A LYS 1004 ? CD  ? A LYS 26 CD  
8  1 Y 1 A LYS 1004 ? CE  ? A LYS 26 CE  
9  1 Y 1 A LYS 1004 ? NZ  ? A LYS 26 NZ  
10 1 Y 1 A ARG 1007 ? CZ  ? A ARG 29 CZ  
11 1 Y 1 A ARG 1007 ? NH1 ? A ARG 29 NH1 
12 1 Y 1 A ARG 1007 ? NH2 ? A ARG 29 NH2 
13 1 Y 1 A LYS 1011 ? CE  ? A LYS 33 CE  
14 1 Y 1 A LYS 1011 ? NZ  ? A LYS 33 NZ  
15 1 Y 1 A THR 1023 ? OG1 ? A THR 45 OG1 
16 1 Y 1 A THR 1023 ? CG2 ? A THR 45 CG2 
17 1 Y 1 A LYS 1047 ? CE  ? A LYS 69 CE  
18 1 Y 1 A LYS 1047 ? NZ  ? A LYS 69 NZ  
19 1 N 1 A G5W 1201 ? C1  ? B G5W 1  C1  
20 1 N 1 A G5W 1201 ? C2  ? B G5W 1  C2  
21 1 N 1 A G5W 1201 ? C3  ? B G5W 1  C3  
22 1 N 1 A G5W 1201 ? C4  ? B G5W 1  C4  
23 1 N 1 A G5W 1201 ? C5  ? B G5W 1  C5  
24 1 N 1 A G5W 1201 ? O1  ? B G5W 1  O1  
25 1 N 1 A G5W 1201 ? C7  ? B G5W 1  C7  
# 
loop_
_software.citation_id 
_software.classification 
_software.compiler_name 
_software.compiler_version 
_software.contact_author 
_software.contact_author_email 
_software.date 
_software.description 
_software.dependencies 
_software.hardware 
_software.language 
_software.location 
_software.mods 
_software.name 
_software.os 
_software.os_version 
_software.type 
_software.version 
_software.pdbx_ordinal 
? refinement       ? ? ? ? ? ? ? ? ? ? ? PHENIX ? ? ? '(1.14_3211: ???)' 1 
? 'data reduction' ? ? ? ? ? ? ? ? ? ? ? XDS    ? ? ? .                  2 
? 'data scaling'   ? ? ? ? ? ? ? ? ? ? ? XDS    ? ? ? .                  3 
? phasing          ? ? ? ? ? ? ? ? ? ? ? PHASER ? ? ? .                  4 
# 
_cell.angle_alpha                  90.00 
_cell.angle_alpha_esd              ? 
_cell.angle_beta                   90.00 
_cell.angle_beta_esd               ? 
_cell.angle_gamma                  120.00 
_cell.angle_gamma_esd              ? 
_cell.entry_id                     6HI4 
_cell.details                      ? 
_cell.formula_units_Z              ? 
_cell.length_a                     79.669 
_cell.length_a_esd                 ? 
_cell.length_b                     79.669 
_cell.length_b_esd                 ? 
_cell.length_c                     137.884 
_cell.length_c_esd                 ? 
_cell.volume                       ? 
_cell.volume_esd                   ? 
_cell.Z_PDB                        12 
_cell.reciprocal_angle_alpha       ? 
_cell.reciprocal_angle_beta        ? 
_cell.reciprocal_angle_gamma       ? 
_cell.reciprocal_angle_alpha_esd   ? 
_cell.reciprocal_angle_beta_esd    ? 
_cell.reciprocal_angle_gamma_esd   ? 
_cell.reciprocal_length_a          ? 
_cell.reciprocal_length_b          ? 
_cell.reciprocal_length_c          ? 
_cell.reciprocal_length_a_esd      ? 
_cell.reciprocal_length_b_esd      ? 
_cell.reciprocal_length_c_esd      ? 
_cell.pdbx_unique_axis             ? 
# 
_symmetry.entry_id                         6HI4 
_symmetry.cell_setting                     ? 
_symmetry.Int_Tables_number                179 
_symmetry.space_group_name_Hall            ? 
_symmetry.space_group_name_H-M             'P 65 2 2' 
_symmetry.pdbx_full_space_group_name_H-M   ? 
# 
_exptl.absorpt_coefficient_mu     ? 
_exptl.absorpt_correction_T_max   ? 
_exptl.absorpt_correction_T_min   ? 
_exptl.absorpt_correction_type    ? 
_exptl.absorpt_process_details    ? 
_exptl.entry_id                   6HI4 
_exptl.crystals_number            1 
_exptl.details                    ? 
_exptl.method                     'X-RAY DIFFRACTION' 
_exptl.method_details             ? 
# 
_exptl_crystal.colour                      ? 
_exptl_crystal.density_diffrn              ? 
_exptl_crystal.density_Matthews            ? 
_exptl_crystal.density_method              ? 
_exptl_crystal.density_percent_sol         ? 
_exptl_crystal.description                 ? 
_exptl_crystal.F_000                       ? 
_exptl_crystal.id                          1 
_exptl_crystal.preparation                 ? 
_exptl_crystal.size_max                    ? 
_exptl_crystal.size_mid                    ? 
_exptl_crystal.size_min                    ? 
_exptl_crystal.size_rad                    ? 
_exptl_crystal.colour_lustre               ? 
_exptl_crystal.colour_modifier             ? 
_exptl_crystal.colour_primary              ? 
_exptl_crystal.density_meas                ? 
_exptl_crystal.density_meas_esd            ? 
_exptl_crystal.density_meas_gt             ? 
_exptl_crystal.density_meas_lt             ? 
_exptl_crystal.density_meas_temp           ? 
_exptl_crystal.density_meas_temp_esd       ? 
_exptl_crystal.density_meas_temp_gt        ? 
_exptl_crystal.density_meas_temp_lt        ? 
_exptl_crystal.pdbx_crystal_image_url      ? 
_exptl_crystal.pdbx_crystal_image_format   ? 
_exptl_crystal.pdbx_mosaicity              ? 
_exptl_crystal.pdbx_mosaicity_esd          ? 
# 
_exptl_crystal_grow.apparatus       ? 
_exptl_crystal_grow.atmosphere      ? 
_exptl_crystal_grow.crystal_id      1 
_exptl_crystal_grow.details         ? 
_exptl_crystal_grow.method          'VAPOR DIFFUSION, HANGING DROP' 
_exptl_crystal_grow.method_ref      ? 
_exptl_crystal_grow.pH              5.5 
_exptl_crystal_grow.pressure        ? 
_exptl_crystal_grow.pressure_esd    ? 
_exptl_crystal_grow.seeding         ? 
_exptl_crystal_grow.seeding_ref     ? 
_exptl_crystal_grow.temp            277 
_exptl_crystal_grow.temp_details    ? 
_exptl_crystal_grow.temp_esd        ? 
_exptl_crystal_grow.time            ? 
_exptl_crystal_grow.pdbx_details    '2M (NH4)2SO4, 0.1M Bis-Tris pH 5.5' 
_exptl_crystal_grow.pdbx_pH_range   ? 
# 
_diffrn.ambient_environment              ? 
_diffrn.ambient_temp                     100 
_diffrn.ambient_temp_details             ? 
_diffrn.ambient_temp_esd                 ? 
_diffrn.crystal_id                       1 
_diffrn.crystal_support                  ? 
_diffrn.crystal_treatment                ? 
_diffrn.details                          ? 
_diffrn.id                               1 
_diffrn.ambient_pressure                 ? 
_diffrn.ambient_pressure_esd             ? 
_diffrn.ambient_pressure_gt              ? 
_diffrn.ambient_pressure_lt              ? 
_diffrn.ambient_temp_gt                  ? 
_diffrn.ambient_temp_lt                  ? 
_diffrn.pdbx_serial_crystal_experiment   ? 
# 
_diffrn_detector.details                      ? 
_diffrn_detector.detector                     PIXEL 
_diffrn_detector.diffrn_id                    1 
_diffrn_detector.type                         'DECTRIS EIGER X 16M' 
_diffrn_detector.area_resol_mean              ? 
_diffrn_detector.dtime                        ? 
_diffrn_detector.pdbx_frames_total            ? 
_diffrn_detector.pdbx_collection_time_total   ? 
_diffrn_detector.pdbx_collection_date         2016-11-25 
_diffrn_detector.pdbx_frequency               ? 
# 
_diffrn_radiation.collimation                      ? 
_diffrn_radiation.diffrn_id                        1 
_diffrn_radiation.filter_edge                      ? 
_diffrn_radiation.inhomogeneity                    ? 
_diffrn_radiation.monochromator                    ? 
_diffrn_radiation.polarisn_norm                    ? 
_diffrn_radiation.polarisn_ratio                   ? 
_diffrn_radiation.probe                            ? 
_diffrn_radiation.type                             ? 
_diffrn_radiation.xray_symbol                      ? 
_diffrn_radiation.wavelength_id                    1 
_diffrn_radiation.pdbx_monochromatic_or_laue_m_l   M 
_diffrn_radiation.pdbx_wavelength_list             ? 
_diffrn_radiation.pdbx_wavelength                  ? 
_diffrn_radiation.pdbx_diffrn_protocol             'SINGLE WAVELENGTH' 
_diffrn_radiation.pdbx_analyzer                    ? 
_diffrn_radiation.pdbx_scattering_type             x-ray 
# 
_diffrn_radiation_wavelength.id           1 
_diffrn_radiation_wavelength.wavelength   1.000360 
_diffrn_radiation_wavelength.wt           1.0 
# 
_diffrn_source.current                     ? 
_diffrn_source.details                     ? 
_diffrn_source.diffrn_id                   1 
_diffrn_source.power                       ? 
_diffrn_source.size                        ? 
_diffrn_source.source                      SYNCHROTRON 
_diffrn_source.target                      ? 
_diffrn_source.type                        'SLS BEAMLINE X06SA' 
_diffrn_source.voltage                     ? 
_diffrn_source.take-off_angle              ? 
_diffrn_source.pdbx_wavelength_list        1.000360 
_diffrn_source.pdbx_wavelength             ? 
_diffrn_source.pdbx_synchrotron_beamline   X06SA 
_diffrn_source.pdbx_synchrotron_site       SLS 
# 
_reflns.B_iso_Wilson_estimate            ? 
_reflns.entry_id                         6HI4 
_reflns.data_reduction_details           ? 
_reflns.data_reduction_method            ? 
_reflns.d_resolution_high                1.69 
_reflns.d_resolution_low                 48.768 
_reflns.details                          ? 
_reflns.limit_h_max                      ? 
_reflns.limit_h_min                      ? 
_reflns.limit_k_max                      ? 
_reflns.limit_k_min                      ? 
_reflns.limit_l_max                      ? 
_reflns.limit_l_min                      ? 
_reflns.number_all                       ? 
_reflns.number_obs                       54799 
_reflns.observed_criterion               ? 
_reflns.observed_criterion_F_max         ? 
_reflns.observed_criterion_F_min         ? 
_reflns.observed_criterion_I_max         ? 
_reflns.observed_criterion_I_min         ? 
_reflns.observed_criterion_sigma_F       ? 
_reflns.observed_criterion_sigma_I       ? 
_reflns.percent_possible_obs             99.8 
_reflns.R_free_details                   ? 
_reflns.Rmerge_F_all                     ? 
_reflns.Rmerge_F_obs                     ? 
_reflns.Friedel_coverage                 ? 
_reflns.number_gt                        ? 
_reflns.threshold_expression             ? 
_reflns.pdbx_redundancy                  6.88 
_reflns.pdbx_Rmerge_I_obs                ? 
_reflns.pdbx_Rmerge_I_all                ? 
_reflns.pdbx_Rsym_value                  ? 
_reflns.pdbx_netI_over_av_sigmaI         ? 
_reflns.pdbx_netI_over_sigmaI            18.27 
_reflns.pdbx_res_netI_over_av_sigmaI_2   ? 
_reflns.pdbx_res_netI_over_sigmaI_2      ? 
_reflns.pdbx_chi_squared                 ? 
_reflns.pdbx_scaling_rejects             ? 
_reflns.pdbx_d_res_high_opt              ? 
_reflns.pdbx_d_res_low_opt               ? 
_reflns.pdbx_d_res_opt_method            ? 
_reflns.phase_calculation_details        ? 
_reflns.pdbx_Rrim_I_all                  0.058 
_reflns.pdbx_Rpim_I_all                  ? 
_reflns.pdbx_d_opt                       ? 
_reflns.pdbx_number_measured_all         ? 
_reflns.pdbx_diffrn_id                   1 
_reflns.pdbx_ordinal                     1 
_reflns.pdbx_CC_half                     0.999 
_reflns.pdbx_R_split                     ? 
# 
_reflns_shell.d_res_high                  1.69 
_reflns_shell.d_res_low                   1.79 
_reflns_shell.meanI_over_sigI_all         ? 
_reflns_shell.meanI_over_sigI_obs         1.39 
_reflns_shell.number_measured_all         ? 
_reflns_shell.number_measured_obs         ? 
_reflns_shell.number_possible             ? 
_reflns_shell.number_unique_all           ? 
_reflns_shell.number_unique_obs           8790 
_reflns_shell.percent_possible_all        99.2 
_reflns_shell.percent_possible_obs        ? 
_reflns_shell.Rmerge_F_all                ? 
_reflns_shell.Rmerge_F_obs                ? 
_reflns_shell.Rmerge_I_all                ? 
_reflns_shell.Rmerge_I_obs                ? 
_reflns_shell.meanI_over_sigI_gt          ? 
_reflns_shell.meanI_over_uI_all           ? 
_reflns_shell.meanI_over_uI_gt            ? 
_reflns_shell.number_measured_gt          ? 
_reflns_shell.number_unique_gt            ? 
_reflns_shell.percent_possible_gt         ? 
_reflns_shell.Rmerge_F_gt                 ? 
_reflns_shell.Rmerge_I_gt                 ? 
_reflns_shell.pdbx_redundancy             6.58 
_reflns_shell.pdbx_Rsym_value             ? 
_reflns_shell.pdbx_chi_squared            ? 
_reflns_shell.pdbx_netI_over_sigmaI_all   ? 
_reflns_shell.pdbx_netI_over_sigmaI_obs   ? 
_reflns_shell.pdbx_Rrim_I_all             1.177 
_reflns_shell.pdbx_Rpim_I_all             ? 
_reflns_shell.pdbx_rejects                ? 
_reflns_shell.pdbx_ordinal                1 
_reflns_shell.pdbx_diffrn_id              1 
_reflns_shell.pdbx_CC_half                0.595 
_reflns_shell.pdbx_R_split                ? 
# 
_refine.aniso_B[1][1]                            ? 
_refine.aniso_B[1][2]                            ? 
_refine.aniso_B[1][3]                            ? 
_refine.aniso_B[2][2]                            ? 
_refine.aniso_B[2][3]                            ? 
_refine.aniso_B[3][3]                            ? 
_refine.B_iso_max                                ? 
_refine.B_iso_mean                               ? 
_refine.B_iso_min                                ? 
_refine.correlation_coeff_Fo_to_Fc               ? 
_refine.correlation_coeff_Fo_to_Fc_free          ? 
_refine.details                                  ? 
_refine.diff_density_max                         ? 
_refine.diff_density_max_esd                     ? 
_refine.diff_density_min                         ? 
_refine.diff_density_min_esd                     ? 
_refine.diff_density_rms                         ? 
_refine.diff_density_rms_esd                     ? 
_refine.entry_id                                 6HI4 
_refine.pdbx_refine_id                           'X-RAY DIFFRACTION' 
_refine.ls_abs_structure_details                 ? 
_refine.ls_abs_structure_Flack                   ? 
_refine.ls_abs_structure_Flack_esd               ? 
_refine.ls_abs_structure_Rogers                  ? 
_refine.ls_abs_structure_Rogers_esd              ? 
_refine.ls_d_res_high                            1.690 
_refine.ls_d_res_low                             48.768 
_refine.ls_extinction_coef                       ? 
_refine.ls_extinction_coef_esd                   ? 
_refine.ls_extinction_expression                 ? 
_refine.ls_extinction_method                     ? 
_refine.ls_goodness_of_fit_all                   ? 
_refine.ls_goodness_of_fit_all_esd               ? 
_refine.ls_goodness_of_fit_obs                   ? 
_refine.ls_goodness_of_fit_obs_esd               ? 
_refine.ls_hydrogen_treatment                    ? 
_refine.ls_matrix_type                           ? 
_refine.ls_number_constraints                    ? 
_refine.ls_number_parameters                     ? 
_refine.ls_number_reflns_all                     ? 
_refine.ls_number_reflns_obs                     54725 
_refine.ls_number_reflns_R_free                  2718 
_refine.ls_number_reflns_R_work                  ? 
_refine.ls_number_restraints                     ? 
_refine.ls_percent_reflns_obs                    99.82 
_refine.ls_percent_reflns_R_free                 4.97 
_refine.ls_R_factor_all                          ? 
_refine.ls_R_factor_obs                          0.2025 
_refine.ls_R_factor_R_free                       0.2208 
_refine.ls_R_factor_R_free_error                 ? 
_refine.ls_R_factor_R_free_error_details         ? 
_refine.ls_R_factor_R_work                       0.2015 
_refine.ls_R_Fsqd_factor_obs                     ? 
_refine.ls_R_I_factor_obs                        ? 
_refine.ls_redundancy_reflns_all                 ? 
_refine.ls_redundancy_reflns_obs                 ? 
_refine.ls_restrained_S_all                      ? 
_refine.ls_restrained_S_obs                      ? 
_refine.ls_shift_over_esd_max                    ? 
_refine.ls_shift_over_esd_mean                   ? 
_refine.ls_structure_factor_coef                 ? 
_refine.ls_weighting_details                     ? 
_refine.ls_weighting_scheme                      ? 
_refine.ls_wR_factor_all                         ? 
_refine.ls_wR_factor_obs                         ? 
_refine.ls_wR_factor_R_free                      ? 
_refine.ls_wR_factor_R_work                      ? 
_refine.occupancy_max                            ? 
_refine.occupancy_min                            ? 
_refine.solvent_model_details                    ? 
_refine.solvent_model_param_bsol                 ? 
_refine.solvent_model_param_ksol                 ? 
_refine.ls_R_factor_gt                           ? 
_refine.ls_goodness_of_fit_gt                    ? 
_refine.ls_goodness_of_fit_ref                   ? 
_refine.ls_shift_over_su_max                     ? 
_refine.ls_shift_over_su_max_lt                  ? 
_refine.ls_shift_over_su_mean                    ? 
_refine.ls_shift_over_su_mean_lt                 ? 
_refine.pdbx_ls_sigma_I                          ? 
_refine.pdbx_ls_sigma_F                          1.34 
_refine.pdbx_ls_sigma_Fsqd                       ? 
_refine.pdbx_data_cutoff_high_absF               ? 
_refine.pdbx_data_cutoff_high_rms_absF           ? 
_refine.pdbx_data_cutoff_low_absF                ? 
_refine.pdbx_isotropic_thermal_model             ? 
_refine.pdbx_ls_cross_valid_method               'FREE R-VALUE' 
_refine.pdbx_method_to_determine_struct          'MOLECULAR REPLACEMENT' 
_refine.pdbx_starting_model                      5f36 
_refine.pdbx_stereochemistry_target_values       ? 
_refine.pdbx_R_Free_selection_details            ? 
_refine.pdbx_stereochem_target_val_spec_case     ? 
_refine.pdbx_overall_ESU_R                       ? 
_refine.pdbx_overall_ESU_R_Free                  ? 
_refine.pdbx_solvent_vdw_probe_radii             1.11 
_refine.pdbx_solvent_ion_probe_radii             ? 
_refine.pdbx_solvent_shrinkage_radii             0.90 
_refine.pdbx_real_space_R                        ? 
_refine.pdbx_density_correlation                 ? 
_refine.pdbx_pd_number_of_powder_patterns        ? 
_refine.pdbx_pd_number_of_points                 ? 
_refine.pdbx_pd_meas_number_of_points            ? 
_refine.pdbx_pd_proc_ls_prof_R_factor            ? 
_refine.pdbx_pd_proc_ls_prof_wR_factor           ? 
_refine.pdbx_pd_Marquardt_correlation_coeff      ? 
_refine.pdbx_pd_Fsqrd_R_factor                   ? 
_refine.pdbx_pd_ls_matrix_band_width             ? 
_refine.pdbx_overall_phase_error                 23.70 
_refine.pdbx_overall_SU_R_free_Cruickshank_DPI   ? 
_refine.pdbx_overall_SU_R_free_Blow_DPI          ? 
_refine.pdbx_overall_SU_R_Blow_DPI               ? 
_refine.pdbx_TLS_residual_ADP_flag               ? 
_refine.pdbx_diffrn_id                           1 
_refine.overall_SU_B                             ? 
_refine.overall_SU_ML                            0.22 
_refine.overall_SU_R_Cruickshank_DPI             ? 
_refine.overall_SU_R_free                        ? 
_refine.overall_FOM_free_R_set                   ? 
_refine.overall_FOM_work_R_set                   ? 
_refine.pdbx_average_fsc_overall                 ? 
_refine.pdbx_average_fsc_work                    ? 
_refine.pdbx_average_fsc_free                    ? 
# 
_refine_hist.pdbx_refine_id                   'X-RAY DIFFRACTION' 
_refine_hist.cycle_id                         LAST 
_refine_hist.pdbx_number_atoms_protein        1066 
_refine_hist.pdbx_number_atoms_nucleic_acid   0 
_refine_hist.pdbx_number_atoms_ligand         20 
_refine_hist.number_atoms_solvent             176 
_refine_hist.number_atoms_total               1262 
_refine_hist.d_res_high                       1.690 
_refine_hist.d_res_low                        48.768 
# 
loop_
_refine_ls_restr.pdbx_refine_id 
_refine_ls_restr.criterion 
_refine_ls_restr.dev_ideal 
_refine_ls_restr.dev_ideal_target 
_refine_ls_restr.number 
_refine_ls_restr.rejects 
_refine_ls_restr.type 
_refine_ls_restr.weight 
_refine_ls_restr.pdbx_restraint_function 
'X-RAY DIFFRACTION' ? 0.008 ? 1119 ? f_bond_d           ? ? 
'X-RAY DIFFRACTION' ? 1.033 ? 1520 ? f_angle_d          ? ? 
'X-RAY DIFFRACTION' ? 6.264 ? 974  ? f_dihedral_angle_d ? ? 
'X-RAY DIFFRACTION' ? 0.086 ? 171  ? f_chiral_restr     ? ? 
'X-RAY DIFFRACTION' ? 0.005 ? 201  ? f_plane_restr      ? ? 
# 
loop_
_refine_ls_shell.pdbx_refine_id 
_refine_ls_shell.d_res_high 
_refine_ls_shell.d_res_low 
_refine_ls_shell.number_reflns_all 
_refine_ls_shell.number_reflns_obs 
_refine_ls_shell.number_reflns_R_free 
_refine_ls_shell.number_reflns_R_work 
_refine_ls_shell.percent_reflns_obs 
_refine_ls_shell.percent_reflns_R_free 
_refine_ls_shell.R_factor_all 
_refine_ls_shell.R_factor_obs 
_refine_ls_shell.R_factor_R_free 
_refine_ls_shell.R_factor_R_free_error 
_refine_ls_shell.R_factor_R_work 
_refine_ls_shell.redundancy_reflns_all 
_refine_ls_shell.redundancy_reflns_obs 
_refine_ls_shell.wR_factor_all 
_refine_ls_shell.wR_factor_obs 
_refine_ls_shell.wR_factor_R_free 
_refine_ls_shell.wR_factor_R_work 
_refine_ls_shell.pdbx_total_number_of_bins_used 
_refine_ls_shell.pdbx_phase_error 
_refine_ls_shell.pdbx_fsc_work 
_refine_ls_shell.pdbx_fsc_free 
'X-RAY DIFFRACTION' 1.6904 1.7211  . . 136 2657 97.00  . . . 0.3955 . 0.3424 . . . . . . . . . . 
'X-RAY DIFFRACTION' 1.7211 1.7542  . . 140 2762 100.00 . . . 0.3203 . 0.3115 . . . . . . . . . . 
'X-RAY DIFFRACTION' 1.7542 1.7900  . . 145 2743 100.00 . . . 0.2988 . 0.2957 . . . . . . . . . . 
'X-RAY DIFFRACTION' 1.7900 1.8289  . . 147 2744 100.00 . . . 0.3125 . 0.2906 . . . . . . . . . . 
'X-RAY DIFFRACTION' 1.8289 1.8715  . . 139 2730 100.00 . . . 0.2533 . 0.2793 . . . . . . . . . . 
'X-RAY DIFFRACTION' 1.8715 1.9183  . . 143 2740 100.00 . . . 0.3183 . 0.2693 . . . . . . . . . . 
'X-RAY DIFFRACTION' 1.9183 1.9701  . . 147 2749 100.00 . . . 0.2755 . 0.2524 . . . . . . . . . . 
'X-RAY DIFFRACTION' 1.9701 2.0281  . . 145 2731 100.00 . . . 0.2573 . 0.2399 . . . . . . . . . . 
'X-RAY DIFFRACTION' 2.0281 2.0936  . . 139 2756 100.00 . . . 0.2486 . 0.2394 . . . . . . . . . . 
'X-RAY DIFFRACTION' 2.0936 2.1684  . . 141 2735 100.00 . . . 0.2374 . 0.2233 . . . . . . . . . . 
'X-RAY DIFFRACTION' 2.1684 2.2552  . . 148 2727 100.00 . . . 0.2548 . 0.2239 . . . . . . . . . . 
'X-RAY DIFFRACTION' 2.2552 2.3579  . . 142 2752 100.00 . . . 0.2594 . 0.2115 . . . . . . . . . . 
'X-RAY DIFFRACTION' 2.3579 2.4822  . . 144 2735 100.00 . . . 0.1863 . 0.2106 . . . . . . . . . . 
'X-RAY DIFFRACTION' 2.4822 2.6377  . . 144 2754 100.00 . . . 0.2276 . 0.2128 . . . . . . . . . . 
'X-RAY DIFFRACTION' 2.6377 2.8413  . . 137 2739 100.00 . . . 0.2198 . 0.2086 . . . . . . . . . . 
'X-RAY DIFFRACTION' 2.8413 3.1272  . . 142 2748 100.00 . . . 0.2330 . 0.2015 . . . . . . . . . . 
'X-RAY DIFFRACTION' 3.1272 3.5796  . . 146 2732 100.00 . . . 0.1967 . 0.1774 . . . . . . . . . . 
'X-RAY DIFFRACTION' 3.5796 4.5094  . . 149 2727 100.00 . . . 0.1857 . 0.1643 . . . . . . . . . . 
'X-RAY DIFFRACTION' 4.5094 48.7885 . . 144 2746 100.00 . . . 0.1931 . 0.1746 . . . . . . . . . . 
# 
_struct.entry_id                     6HI4 
_struct.title                        'The ATAD2 bromodomain in complex with compound 7' 
_struct.pdbx_model_details           ? 
_struct.pdbx_formula_weight          ? 
_struct.pdbx_formula_weight_method   ? 
_struct.pdbx_model_type_details      ? 
_struct.pdbx_CASP_flag               N 
# 
_struct_keywords.entry_id        6HI4 
_struct_keywords.text            'Bromodomain, ATAD2, inhibitor, complex, CYTOSOLIC PROTEIN' 
_struct_keywords.pdbx_keywords   'CYTOSOLIC PROTEIN' 
# 
loop_
_struct_asym.id 
_struct_asym.pdbx_blank_PDB_chainid_flag 
_struct_asym.pdbx_modified 
_struct_asym.entity_id 
_struct_asym.details 
A N N 1 ? 
B N N 2 ? 
C N N 3 ? 
D N N 4 ? 
# 
_struct_ref.entity_id                  1 
_struct_ref.pdbx_db_accession          Q6PL18 
_struct_ref.pdbx_db_isoform            ? 
_struct_ref.pdbx_seq_one_letter_code   
;QEEDTFRELRIFLRNVTHRLAIDKRFRVFTKPVDPDEVPDYVTVIKQPMDLSSVISKIDLHKYLTVKDYLRDIDLICSNA
LEYNPDRDPGDRLIRHRACALRDTAYAIIKEELDEDFEQLCEEIQESR
;
_struct_ref.id                         1 
_struct_ref.pdbx_align_begin           981 
_struct_ref.db_name                    UNP 
_struct_ref.db_code                    ATAD2_HUMAN 
# 
_struct_ref_seq.align_id                      1 
_struct_ref_seq.ref_id                        1 
_struct_ref_seq.pdbx_PDB_id_code              6HI4 
_struct_ref_seq.pdbx_strand_id                A 
_struct_ref_seq.seq_align_beg                 3 
_struct_ref_seq.pdbx_seq_align_beg_ins_code   ? 
_struct_ref_seq.seq_align_end                 130 
_struct_ref_seq.pdbx_seq_align_end_ins_code   ? 
_struct_ref_seq.pdbx_db_accession             Q6PL18 
_struct_ref_seq.db_align_beg                  981 
_struct_ref_seq.pdbx_db_align_beg_ins_code    ? 
_struct_ref_seq.db_align_end                  1108 
_struct_ref_seq.pdbx_db_align_end_ins_code    ? 
_struct_ref_seq.pdbx_auth_seq_align_beg       981 
_struct_ref_seq.pdbx_auth_seq_align_end       1108 
# 
loop_
_struct_ref_seq_dif.align_id 
_struct_ref_seq_dif.pdbx_pdb_id_code 
_struct_ref_seq_dif.mon_id 
_struct_ref_seq_dif.pdbx_pdb_strand_id 
_struct_ref_seq_dif.seq_num 
_struct_ref_seq_dif.pdbx_pdb_ins_code 
_struct_ref_seq_dif.pdbx_seq_db_name 
_struct_ref_seq_dif.pdbx_seq_db_accession_code 
_struct_ref_seq_dif.db_mon_id 
_struct_ref_seq_dif.pdbx_seq_db_seq_num 
_struct_ref_seq_dif.details 
_struct_ref_seq_dif.pdbx_auth_seq_num 
_struct_ref_seq_dif.pdbx_ordinal 
1 6HDN SER A 1 ? UNP Q6PL18 ? ? 'expression tag' 979 1 
1 6HDN MET A 2 ? UNP Q6PL18 ? ? 'expression tag' 980 2 
# 
_pdbx_struct_assembly.id                   1 
_pdbx_struct_assembly.details              author_and_software_defined_assembly 
_pdbx_struct_assembly.method_details       PISA 
_pdbx_struct_assembly.oligomeric_details   monomeric 
_pdbx_struct_assembly.oligomeric_count     1 
# 
loop_
_pdbx_struct_assembly_prop.biol_id 
_pdbx_struct_assembly_prop.type 
_pdbx_struct_assembly_prop.value 
_pdbx_struct_assembly_prop.details 
1 'ABSA (A^2)' 170  ? 
1 MORE         -12  ? 
1 'SSA (A^2)'  7880 ? 
# 
_pdbx_struct_assembly_gen.assembly_id       1 
_pdbx_struct_assembly_gen.oper_expression   1 
_pdbx_struct_assembly_gen.asym_id_list      A,B,C,D 
# 
_pdbx_struct_assembly_auth_evidence.id                     1 
_pdbx_struct_assembly_auth_evidence.assembly_id            1 
_pdbx_struct_assembly_auth_evidence.experimental_support   'gel filtration' 
_pdbx_struct_assembly_auth_evidence.details                ? 
# 
_pdbx_struct_oper_list.id                   1 
_pdbx_struct_oper_list.type                 'identity operation' 
_pdbx_struct_oper_list.name                 1_555 
_pdbx_struct_oper_list.symmetry_operation   x,y,z 
_pdbx_struct_oper_list.matrix[1][1]         1.0000000000 
_pdbx_struct_oper_list.matrix[1][2]         0.0000000000 
_pdbx_struct_oper_list.matrix[1][3]         0.0000000000 
_pdbx_struct_oper_list.vector[1]            0.0000000000 
_pdbx_struct_oper_list.matrix[2][1]         0.0000000000 
_pdbx_struct_oper_list.matrix[2][2]         1.0000000000 
_pdbx_struct_oper_list.matrix[2][3]         0.0000000000 
_pdbx_struct_oper_list.vector[2]            0.0000000000 
_pdbx_struct_oper_list.matrix[3][1]         0.0000000000 
_pdbx_struct_oper_list.matrix[3][2]         0.0000000000 
_pdbx_struct_oper_list.matrix[3][3]         1.0000000000 
_pdbx_struct_oper_list.vector[3]            0.0000000000 
# 
loop_
_struct_conf.conf_type_id 
_struct_conf.id 
_struct_conf.pdbx_PDB_helix_id 
_struct_conf.beg_label_comp_id 
_struct_conf.beg_label_asym_id 
_struct_conf.beg_label_seq_id 
_struct_conf.pdbx_beg_PDB_ins_code 
_struct_conf.end_label_comp_id 
_struct_conf.end_label_asym_id 
_struct_conf.end_label_seq_id 
_struct_conf.pdbx_end_PDB_ins_code 
_struct_conf.beg_auth_comp_id 
_struct_conf.beg_auth_asym_id 
_struct_conf.beg_auth_seq_id 
_struct_conf.end_auth_comp_id 
_struct_conf.end_auth_asym_id 
_struct_conf.end_auth_seq_id 
_struct_conf.pdbx_PDB_helix_class 
_struct_conf.details 
_struct_conf.pdbx_PDB_helix_length 
HELX_P HELX_P1 AA1 SER A 1   ? ILE A 24  ? SER A 979  ILE A 1002 1 ? 24 
HELX_P HELX_P2 AA2 ASP A 25  ? THR A 32  ? ASP A 1003 THR A 1010 5 ? 8  
HELX_P HELX_P3 AA3 ASP A 42  ? VAL A 46  ? ASP A 1020 VAL A 1024 5 ? 5  
HELX_P HELX_P4 AA4 ASP A 52  ? LEU A 62  ? ASP A 1030 LEU A 1040 1 ? 11 
HELX_P HELX_P5 AA5 THR A 67  ? ASN A 86  ? THR A 1045 ASN A 1064 1 ? 20 
HELX_P HELX_P6 AA6 ASP A 90  ? LEU A 115 ? ASP A 1068 LEU A 1093 1 ? 26 
HELX_P HELX_P7 AA7 ASP A 116 ? SER A 129 ? ASP A 1094 SER A 1107 1 ? 14 
# 
_struct_conf_type.id          HELX_P 
_struct_conf_type.criteria    ? 
_struct_conf_type.reference   ? 
# 
loop_
_struct_site.id 
_struct_site.pdbx_evidence_code 
_struct_site.pdbx_auth_asym_id 
_struct_site.pdbx_auth_comp_id 
_struct_site.pdbx_auth_seq_id 
_struct_site.pdbx_auth_ins_code 
_struct_site.pdbx_num_residues 
_struct_site.details 
AC1 Software A G5W 1201 ? 5 'binding site for residue G5W A 1201' 
AC2 Software A SO4 1202 ? 6 'binding site for residue SO4 A 1202' 
# 
loop_
_struct_site_gen.id 
_struct_site_gen.site_id 
_struct_site_gen.pdbx_num_res 
_struct_site_gen.label_comp_id 
_struct_site_gen.label_asym_id 
_struct_site_gen.label_seq_id 
_struct_site_gen.pdbx_auth_ins_code 
_struct_site_gen.auth_comp_id 
_struct_site_gen.auth_asym_id 
_struct_site_gen.auth_seq_id 
_struct_site_gen.label_atom_id 
_struct_site_gen.label_alt_id 
_struct_site_gen.symmetry 
_struct_site_gen.details 
1  AC1 5 TYR A 85 ? TYR A 1063 . ? 1_555 ? 
2  AC1 5 ASN A 86 ? ASN A 1064 . ? 1_555 ? 
3  AC1 5 ASP A 93 ? ASP A 1071 . ? 1_555 ? 
4  AC1 5 HOH D .  ? HOH A 1318 . ? 1_555 ? 
5  AC1 5 HOH D .  ? HOH A 1370 . ? 1_555 ? 
6  AC2 6 ARG A 9  ? ARG A 987  . ? 1_555 ? 
7  AC2 6 ARG A 12 ? ARG A 990  . ? 1_555 ? 
8  AC2 6 ARG A 16 ? ARG A 994  . ? 1_555 ? 
9  AC2 6 ARG A 89 ? ARG A 1067 . ? 6_664 ? 
10 AC2 6 ARG A 94 ? ARG A 1072 . ? 6_664 ? 
11 AC2 6 HOH D .  ? HOH A 1391 . ? 1_555 ? 
# 
loop_
_pdbx_validate_close_contact.id 
_pdbx_validate_close_contact.PDB_model_num 
_pdbx_validate_close_contact.auth_atom_id_1 
_pdbx_validate_close_contact.auth_asym_id_1 
_pdbx_validate_close_contact.auth_comp_id_1 
_pdbx_validate_close_contact.auth_seq_id_1 
_pdbx_validate_close_contact.PDB_ins_code_1 
_pdbx_validate_close_contact.label_alt_id_1 
_pdbx_validate_close_contact.auth_atom_id_2 
_pdbx_validate_close_contact.auth_asym_id_2 
_pdbx_validate_close_contact.auth_comp_id_2 
_pdbx_validate_close_contact.auth_seq_id_2 
_pdbx_validate_close_contact.PDB_ins_code_2 
_pdbx_validate_close_contact.label_alt_id_2 
_pdbx_validate_close_contact.dist 
1  1 O   A HOH 1352 ? ? O  A HOH 1387 ? ? 1.88 
2  1 O   A HOH 1338 ? ? O  A HOH 1411 ? ? 1.89 
3  1 O   A HOH 1413 ? ? O  A HOH 1452 ? ? 1.91 
4  1 O   A ILE 1025 ? ? O  A HOH 1301 ? ? 1.95 
5  1 O   A HOH 1338 ? ? O  A HOH 1421 ? ? 1.97 
6  1 ND2 A ASN 995  ? ? O  A HOH 1302 ? ? 2.03 
7  1 O   A HOH 1339 ? ? O  A HOH 1428 ? ? 2.08 
8  1 O   A HOH 1408 ? ? O  A HOH 1413 ? ? 2.08 
9  1 OE2 A GLU 1062 ? ? O  A HOH 1303 ? ? 2.17 
10 1 OD2 A ASP 1030 ? ? OG A SER 1032 ? A 2.17 
# 
_pdbx_validate_symm_contact.id                1 
_pdbx_validate_symm_contact.PDB_model_num     1 
_pdbx_validate_symm_contact.auth_atom_id_1    O 
_pdbx_validate_symm_contact.auth_asym_id_1    A 
_pdbx_validate_symm_contact.auth_comp_id_1    HOH 
_pdbx_validate_symm_contact.auth_seq_id_1     1334 
_pdbx_validate_symm_contact.PDB_ins_code_1    ? 
_pdbx_validate_symm_contact.label_alt_id_1    ? 
_pdbx_validate_symm_contact.site_symmetry_1   1_555 
_pdbx_validate_symm_contact.auth_atom_id_2    O 
_pdbx_validate_symm_contact.auth_asym_id_2    A 
_pdbx_validate_symm_contact.auth_comp_id_2    HOH 
_pdbx_validate_symm_contact.auth_seq_id_2     1405 
_pdbx_validate_symm_contact.PDB_ins_code_2    ? 
_pdbx_validate_symm_contact.label_alt_id_2    ? 
_pdbx_validate_symm_contact.site_symmetry_2   12_564 
_pdbx_validate_symm_contact.dist              2.07 
# 
_pdbx_struct_special_symmetry.id              1 
_pdbx_struct_special_symmetry.PDB_model_num   1 
_pdbx_struct_special_symmetry.auth_asym_id    A 
_pdbx_struct_special_symmetry.auth_comp_id    HOH 
_pdbx_struct_special_symmetry.auth_seq_id     1311 
_pdbx_struct_special_symmetry.PDB_ins_code    ? 
_pdbx_struct_special_symmetry.label_asym_id   D 
_pdbx_struct_special_symmetry.label_comp_id   HOH 
_pdbx_struct_special_symmetry.label_seq_id    . 
# 
_pdbx_distant_solvent_atoms.id                                1 
_pdbx_distant_solvent_atoms.PDB_model_num                     1 
_pdbx_distant_solvent_atoms.auth_atom_id                      O 
_pdbx_distant_solvent_atoms.label_alt_id                      ? 
_pdbx_distant_solvent_atoms.auth_asym_id                      A 
_pdbx_distant_solvent_atoms.auth_comp_id                      HOH 
_pdbx_distant_solvent_atoms.auth_seq_id                       1476 
_pdbx_distant_solvent_atoms.PDB_ins_code                      ? 
_pdbx_distant_solvent_atoms.neighbor_macromolecule_distance   5.82 
_pdbx_distant_solvent_atoms.neighbor_ligand_distance          . 
# 
loop_
_chem_comp_atom.comp_id 
_chem_comp_atom.atom_id 
_chem_comp_atom.type_symbol 
_chem_comp_atom.pdbx_aromatic_flag 
_chem_comp_atom.pdbx_stereo_config 
_chem_comp_atom.pdbx_ordinal 
ALA N    N N N 1   
ALA CA   C N S 2   
ALA C    C N N 3   
ALA O    O N N 4   
ALA CB   C N N 5   
ALA OXT  O N N 6   
ALA H    H N N 7   
ALA H2   H N N 8   
ALA HA   H N N 9   
ALA HB1  H N N 10  
ALA HB2  H N N 11  
ALA HB3  H N N 12  
ALA HXT  H N N 13  
ARG N    N N N 14  
ARG CA   C N S 15  
ARG C    C N N 16  
ARG O    O N N 17  
ARG CB   C N N 18  
ARG CG   C N N 19  
ARG CD   C N N 20  
ARG NE   N N N 21  
ARG CZ   C N N 22  
ARG NH1  N N N 23  
ARG NH2  N N N 24  
ARG OXT  O N N 25  
ARG H    H N N 26  
ARG H2   H N N 27  
ARG HA   H N N 28  
ARG HB2  H N N 29  
ARG HB3  H N N 30  
ARG HG2  H N N 31  
ARG HG3  H N N 32  
ARG HD2  H N N 33  
ARG HD3  H N N 34  
ARG HE   H N N 35  
ARG HH11 H N N 36  
ARG HH12 H N N 37  
ARG HH21 H N N 38  
ARG HH22 H N N 39  
ARG HXT  H N N 40  
ASN N    N N N 41  
ASN CA   C N S 42  
ASN C    C N N 43  
ASN O    O N N 44  
ASN CB   C N N 45  
ASN CG   C N N 46  
ASN OD1  O N N 47  
ASN ND2  N N N 48  
ASN OXT  O N N 49  
ASN H    H N N 50  
ASN H2   H N N 51  
ASN HA   H N N 52  
ASN HB2  H N N 53  
ASN HB3  H N N 54  
ASN HD21 H N N 55  
ASN HD22 H N N 56  
ASN HXT  H N N 57  
ASP N    N N N 58  
ASP CA   C N S 59  
ASP C    C N N 60  
ASP O    O N N 61  
ASP CB   C N N 62  
ASP CG   C N N 63  
ASP OD1  O N N 64  
ASP OD2  O N N 65  
ASP OXT  O N N 66  
ASP H    H N N 67  
ASP H2   H N N 68  
ASP HA   H N N 69  
ASP HB2  H N N 70  
ASP HB3  H N N 71  
ASP HD2  H N N 72  
ASP HXT  H N N 73  
CYS N    N N N 74  
CYS CA   C N R 75  
CYS C    C N N 76  
CYS O    O N N 77  
CYS CB   C N N 78  
CYS SG   S N N 79  
CYS OXT  O N N 80  
CYS H    H N N 81  
CYS H2   H N N 82  
CYS HA   H N N 83  
CYS HB2  H N N 84  
CYS HB3  H N N 85  
CYS HG   H N N 86  
CYS HXT  H N N 87  
G5W N    N N N 88  
G5W CA   C N R 89  
G5W C    C N N 90  
G5W O    O N N 91  
G5W CB   C N N 92  
G5W CAB  C N N 93  
G5W CAO  C N N 94  
G5W CAR  C Y N 95  
G5W CAS  C Y N 96  
G5W CAT  C Y N 97  
G5W CAU  C Y N 98  
G5W NAK  N Y N 99  
G5W NAL  N N N 100 
G5W OAE  O N N 101 
G5W SAN  S Y N 102 
G5W H1   H N N 103 
G5W H2   H N N 104 
G5W H4   H N N 105 
G5W H5   H N N 106 
G5W H6   H N N 107 
G5W H7   H N N 108 
G5W H8   H N N 109 
G5W H9   H N N 110 
G5W H10  H N N 111 
G5W H14  H N N 112 
G5W C1   C Y N 113 
G5W C2   C Y N 114 
G5W C3   C Y N 115 
G5W C4   C Y N 116 
G5W C5   C Y N 117 
G5W O1   O N N 118 
G5W C7   C N N 119 
G5W H3   H N N 120 
G5W H11  H N N 121 
G5W H12  H N N 122 
G5W H13  H N N 123 
G5W H15  H N N 124 
G5W H16  H N N 125 
G5W H17  H N N 126 
GLN N    N N N 127 
GLN CA   C N S 128 
GLN C    C N N 129 
GLN O    O N N 130 
GLN CB   C N N 131 
GLN CG   C N N 132 
GLN CD   C N N 133 
GLN OE1  O N N 134 
GLN NE2  N N N 135 
GLN OXT  O N N 136 
GLN H    H N N 137 
GLN H2   H N N 138 
GLN HA   H N N 139 
GLN HB2  H N N 140 
GLN HB3  H N N 141 
GLN HG2  H N N 142 
GLN HG3  H N N 143 
GLN HE21 H N N 144 
GLN HE22 H N N 145 
GLN HXT  H N N 146 
GLU N    N N N 147 
GLU CA   C N S 148 
GLU C    C N N 149 
GLU O    O N N 150 
GLU CB   C N N 151 
GLU CG   C N N 152 
GLU CD   C N N 153 
GLU OE1  O N N 154 
GLU OE2  O N N 155 
GLU OXT  O N N 156 
GLU H    H N N 157 
GLU H2   H N N 158 
GLU HA   H N N 159 
GLU HB2  H N N 160 
GLU HB3  H N N 161 
GLU HG2  H N N 162 
GLU HG3  H N N 163 
GLU HE2  H N N 164 
GLU HXT  H N N 165 
GLY N    N N N 166 
GLY CA   C N N 167 
GLY C    C N N 168 
GLY O    O N N 169 
GLY OXT  O N N 170 
GLY H    H N N 171 
GLY H2   H N N 172 
GLY HA2  H N N 173 
GLY HA3  H N N 174 
GLY HXT  H N N 175 
HIS N    N N N 176 
HIS CA   C N S 177 
HIS C    C N N 178 
HIS O    O N N 179 
HIS CB   C N N 180 
HIS CG   C Y N 181 
HIS ND1  N Y N 182 
HIS CD2  C Y N 183 
HIS CE1  C Y N 184 
HIS NE2  N Y N 185 
HIS OXT  O N N 186 
HIS H    H N N 187 
HIS H2   H N N 188 
HIS HA   H N N 189 
HIS HB2  H N N 190 
HIS HB3  H N N 191 
HIS HD1  H N N 192 
HIS HD2  H N N 193 
HIS HE1  H N N 194 
HIS HE2  H N N 195 
HIS HXT  H N N 196 
HOH O    O N N 197 
HOH H1   H N N 198 
HOH H2   H N N 199 
ILE N    N N N 200 
ILE CA   C N S 201 
ILE C    C N N 202 
ILE O    O N N 203 
ILE CB   C N S 204 
ILE CG1  C N N 205 
ILE CG2  C N N 206 
ILE CD1  C N N 207 
ILE OXT  O N N 208 
ILE H    H N N 209 
ILE H2   H N N 210 
ILE HA   H N N 211 
ILE HB   H N N 212 
ILE HG12 H N N 213 
ILE HG13 H N N 214 
ILE HG21 H N N 215 
ILE HG22 H N N 216 
ILE HG23 H N N 217 
ILE HD11 H N N 218 
ILE HD12 H N N 219 
ILE HD13 H N N 220 
ILE HXT  H N N 221 
LEU N    N N N 222 
LEU CA   C N S 223 
LEU C    C N N 224 
LEU O    O N N 225 
LEU CB   C N N 226 
LEU CG   C N N 227 
LEU CD1  C N N 228 
LEU CD2  C N N 229 
LEU OXT  O N N 230 
LEU H    H N N 231 
LEU H2   H N N 232 
LEU HA   H N N 233 
LEU HB2  H N N 234 
LEU HB3  H N N 235 
LEU HG   H N N 236 
LEU HD11 H N N 237 
LEU HD12 H N N 238 
LEU HD13 H N N 239 
LEU HD21 H N N 240 
LEU HD22 H N N 241 
LEU HD23 H N N 242 
LEU HXT  H N N 243 
LYS N    N N N 244 
LYS CA   C N S 245 
LYS C    C N N 246 
LYS O    O N N 247 
LYS CB   C N N 248 
LYS CG   C N N 249 
LYS CD   C N N 250 
LYS CE   C N N 251 
LYS NZ   N N N 252 
LYS OXT  O N N 253 
LYS H    H N N 254 
LYS H2   H N N 255 
LYS HA   H N N 256 
LYS HB2  H N N 257 
LYS HB3  H N N 258 
LYS HG2  H N N 259 
LYS HG3  H N N 260 
LYS HD2  H N N 261 
LYS HD3  H N N 262 
LYS HE2  H N N 263 
LYS HE3  H N N 264 
LYS HZ1  H N N 265 
LYS HZ2  H N N 266 
LYS HZ3  H N N 267 
LYS HXT  H N N 268 
MET N    N N N 269 
MET CA   C N S 270 
MET C    C N N 271 
MET O    O N N 272 
MET CB   C N N 273 
MET CG   C N N 274 
MET SD   S N N 275 
MET CE   C N N 276 
MET OXT  O N N 277 
MET H    H N N 278 
MET H2   H N N 279 
MET HA   H N N 280 
MET HB2  H N N 281 
MET HB3  H N N 282 
MET HG2  H N N 283 
MET HG3  H N N 284 
MET HE1  H N N 285 
MET HE2  H N N 286 
MET HE3  H N N 287 
MET HXT  H N N 288 
PHE N    N N N 289 
PHE CA   C N S 290 
PHE C    C N N 291 
PHE O    O N N 292 
PHE CB   C N N 293 
PHE CG   C Y N 294 
PHE CD1  C Y N 295 
PHE CD2  C Y N 296 
PHE CE1  C Y N 297 
PHE CE2  C Y N 298 
PHE CZ   C Y N 299 
PHE OXT  O N N 300 
PHE H    H N N 301 
PHE H2   H N N 302 
PHE HA   H N N 303 
PHE HB2  H N N 304 
PHE HB3  H N N 305 
PHE HD1  H N N 306 
PHE HD2  H N N 307 
PHE HE1  H N N 308 
PHE HE2  H N N 309 
PHE HZ   H N N 310 
PHE HXT  H N N 311 
PRO N    N N N 312 
PRO CA   C N S 313 
PRO C    C N N 314 
PRO O    O N N 315 
PRO CB   C N N 316 
PRO CG   C N N 317 
PRO CD   C N N 318 
PRO OXT  O N N 319 
PRO H    H N N 320 
PRO HA   H N N 321 
PRO HB2  H N N 322 
PRO HB3  H N N 323 
PRO HG2  H N N 324 
PRO HG3  H N N 325 
PRO HD2  H N N 326 
PRO HD3  H N N 327 
PRO HXT  H N N 328 
SER N    N N N 329 
SER CA   C N S 330 
SER C    C N N 331 
SER O    O N N 332 
SER CB   C N N 333 
SER OG   O N N 334 
SER OXT  O N N 335 
SER H    H N N 336 
SER H2   H N N 337 
SER HA   H N N 338 
SER HB2  H N N 339 
SER HB3  H N N 340 
SER HG   H N N 341 
SER HXT  H N N 342 
SO4 S    S N N 343 
SO4 O1   O N N 344 
SO4 O2   O N N 345 
SO4 O3   O N N 346 
SO4 O4   O N N 347 
THR N    N N N 348 
THR CA   C N S 349 
THR C    C N N 350 
THR O    O N N 351 
THR CB   C N R 352 
THR OG1  O N N 353 
THR CG2  C N N 354 
THR OXT  O N N 355 
THR H    H N N 356 
THR H2   H N N 357 
THR HA   H N N 358 
THR HB   H N N 359 
THR HG1  H N N 360 
THR HG21 H N N 361 
THR HG22 H N N 362 
THR HG23 H N N 363 
THR HXT  H N N 364 
TYR N    N N N 365 
TYR CA   C N S 366 
TYR C    C N N 367 
TYR O    O N N 368 
TYR CB   C N N 369 
TYR CG   C Y N 370 
TYR CD1  C Y N 371 
TYR CD2  C Y N 372 
TYR CE1  C Y N 373 
TYR CE2  C Y N 374 
TYR CZ   C Y N 375 
TYR OH   O N N 376 
TYR OXT  O N N 377 
TYR H    H N N 378 
TYR H2   H N N 379 
TYR HA   H N N 380 
TYR HB2  H N N 381 
TYR HB3  H N N 382 
TYR HD1  H N N 383 
TYR HD2  H N N 384 
TYR HE1  H N N 385 
TYR HE2  H N N 386 
TYR HH   H N N 387 
TYR HXT  H N N 388 
VAL N    N N N 389 
VAL CA   C N S 390 
VAL C    C N N 391 
VAL O    O N N 392 
VAL CB   C N N 393 
VAL CG1  C N N 394 
VAL CG2  C N N 395 
VAL OXT  O N N 396 
VAL H    H N N 397 
VAL H2   H N N 398 
VAL HA   H N N 399 
VAL HB   H N N 400 
VAL HG11 H N N 401 
VAL HG12 H N N 402 
VAL HG13 H N N 403 
VAL HG21 H N N 404 
VAL HG22 H N N 405 
VAL HG23 H N N 406 
VAL HXT  H N N 407 
# 
loop_
_chem_comp_bond.comp_id 
_chem_comp_bond.atom_id_1 
_chem_comp_bond.atom_id_2 
_chem_comp_bond.value_order 
_chem_comp_bond.pdbx_aromatic_flag 
_chem_comp_bond.pdbx_stereo_config 
_chem_comp_bond.pdbx_ordinal 
ALA N   CA   sing N N 1   
ALA N   H    sing N N 2   
ALA N   H2   sing N N 3   
ALA CA  C    sing N N 4   
ALA CA  CB   sing N N 5   
ALA CA  HA   sing N N 6   
ALA C   O    doub N N 7   
ALA C   OXT  sing N N 8   
ALA CB  HB1  sing N N 9   
ALA CB  HB2  sing N N 10  
ALA CB  HB3  sing N N 11  
ALA OXT HXT  sing N N 12  
ARG N   CA   sing N N 13  
ARG N   H    sing N N 14  
ARG N   H2   sing N N 15  
ARG CA  C    sing N N 16  
ARG CA  CB   sing N N 17  
ARG CA  HA   sing N N 18  
ARG C   O    doub N N 19  
ARG C   OXT  sing N N 20  
ARG CB  CG   sing N N 21  
ARG CB  HB2  sing N N 22  
ARG CB  HB3  sing N N 23  
ARG CG  CD   sing N N 24  
ARG CG  HG2  sing N N 25  
ARG CG  HG3  sing N N 26  
ARG CD  NE   sing N N 27  
ARG CD  HD2  sing N N 28  
ARG CD  HD3  sing N N 29  
ARG NE  CZ   sing N N 30  
ARG NE  HE   sing N N 31  
ARG CZ  NH1  sing N N 32  
ARG CZ  NH2  doub N N 33  
ARG NH1 HH11 sing N N 34  
ARG NH1 HH12 sing N N 35  
ARG NH2 HH21 sing N N 36  
ARG NH2 HH22 sing N N 37  
ARG OXT HXT  sing N N 38  
ASN N   CA   sing N N 39  
ASN N   H    sing N N 40  
ASN N   H2   sing N N 41  
ASN CA  C    sing N N 42  
ASN CA  CB   sing N N 43  
ASN CA  HA   sing N N 44  
ASN C   O    doub N N 45  
ASN C   OXT  sing N N 46  
ASN CB  CG   sing N N 47  
ASN CB  HB2  sing N N 48  
ASN CB  HB3  sing N N 49  
ASN CG  OD1  doub N N 50  
ASN CG  ND2  sing N N 51  
ASN ND2 HD21 sing N N 52  
ASN ND2 HD22 sing N N 53  
ASN OXT HXT  sing N N 54  
ASP N   CA   sing N N 55  
ASP N   H    sing N N 56  
ASP N   H2   sing N N 57  
ASP CA  C    sing N N 58  
ASP CA  CB   sing N N 59  
ASP CA  HA   sing N N 60  
ASP C   O    doub N N 61  
ASP C   OXT  sing N N 62  
ASP CB  CG   sing N N 63  
ASP CB  HB2  sing N N 64  
ASP CB  HB3  sing N N 65  
ASP CG  OD1  doub N N 66  
ASP CG  OD2  sing N N 67  
ASP OD2 HD2  sing N N 68  
ASP OXT HXT  sing N N 69  
CYS N   CA   sing N N 70  
CYS N   H    sing N N 71  
CYS N   H2   sing N N 72  
CYS CA  C    sing N N 73  
CYS CA  CB   sing N N 74  
CYS CA  HA   sing N N 75  
CYS C   O    doub N N 76  
CYS C   OXT  sing N N 77  
CYS CB  SG   sing N N 78  
CYS CB  HB2  sing N N 79  
CYS CB  HB3  sing N N 80  
CYS SG  HG   sing N N 81  
CYS OXT HXT  sing N N 82  
G5W CAR CAU  sing N N 83  
G5W CAB CAO  sing N N 84  
G5W CAU SAN  sing Y N 85  
G5W CAU CAT  doub Y N 86  
G5W CAO CAT  sing N N 87  
G5W CAO OAE  doub N N 88  
G5W SAN CAS  sing Y N 89  
G5W CAT NAK  sing Y N 90  
G5W O   C    doub N N 91  
G5W NAK CAS  doub Y N 92  
G5W CAS NAL  sing N N 93  
G5W CB  CA   sing N N 94  
G5W C   NAL  sing N N 95  
G5W C   CA   sing N N 96  
G5W CA  N    sing N N 97  
G5W N   H1   sing N N 98  
G5W N   H2   sing N N 99  
G5W CA  H4   sing N N 100 
G5W CB  H5   sing N N 101 
G5W CB  H6   sing N N 102 
G5W CB  H7   sing N N 103 
G5W CAB H8   sing N N 104 
G5W CAB H9   sing N N 105 
G5W CAB H10  sing N N 106 
G5W NAL H14  sing N N 107 
G5W CAR C1   sing Y N 108 
G5W C1  C2   doub Y N 109 
G5W C2  C3   sing Y N 110 
G5W C3  C4   doub Y N 111 
G5W C4  C5   sing Y N 112 
G5W C5  CAR  doub Y N 113 
G5W C2  O1   sing N N 114 
G5W O1  C7   sing N N 115 
G5W C1  H3   sing N N 116 
G5W C3  H11  sing N N 117 
G5W C4  H12  sing N N 118 
G5W C5  H13  sing N N 119 
G5W C7  H15  sing N N 120 
G5W C7  H16  sing N N 121 
G5W C7  H17  sing N N 122 
GLN N   CA   sing N N 123 
GLN N   H    sing N N 124 
GLN N   H2   sing N N 125 
GLN CA  C    sing N N 126 
GLN CA  CB   sing N N 127 
GLN CA  HA   sing N N 128 
GLN C   O    doub N N 129 
GLN C   OXT  sing N N 130 
GLN CB  CG   sing N N 131 
GLN CB  HB2  sing N N 132 
GLN CB  HB3  sing N N 133 
GLN CG  CD   sing N N 134 
GLN CG  HG2  sing N N 135 
GLN CG  HG3  sing N N 136 
GLN CD  OE1  doub N N 137 
GLN CD  NE2  sing N N 138 
GLN NE2 HE21 sing N N 139 
GLN NE2 HE22 sing N N 140 
GLN OXT HXT  sing N N 141 
GLU N   CA   sing N N 142 
GLU N   H    sing N N 143 
GLU N   H2   sing N N 144 
GLU CA  C    sing N N 145 
GLU CA  CB   sing N N 146 
GLU CA  HA   sing N N 147 
GLU C   O    doub N N 148 
GLU C   OXT  sing N N 149 
GLU CB  CG   sing N N 150 
GLU CB  HB2  sing N N 151 
GLU CB  HB3  sing N N 152 
GLU CG  CD   sing N N 153 
GLU CG  HG2  sing N N 154 
GLU CG  HG3  sing N N 155 
GLU CD  OE1  doub N N 156 
GLU CD  OE2  sing N N 157 
GLU OE2 HE2  sing N N 158 
GLU OXT HXT  sing N N 159 
GLY N   CA   sing N N 160 
GLY N   H    sing N N 161 
GLY N   H2   sing N N 162 
GLY CA  C    sing N N 163 
GLY CA  HA2  sing N N 164 
GLY CA  HA3  sing N N 165 
GLY C   O    doub N N 166 
GLY C   OXT  sing N N 167 
GLY OXT HXT  sing N N 168 
HIS N   CA   sing N N 169 
HIS N   H    sing N N 170 
HIS N   H2   sing N N 171 
HIS CA  C    sing N N 172 
HIS CA  CB   sing N N 173 
HIS CA  HA   sing N N 174 
HIS C   O    doub N N 175 
HIS C   OXT  sing N N 176 
HIS CB  CG   sing N N 177 
HIS CB  HB2  sing N N 178 
HIS CB  HB3  sing N N 179 
HIS CG  ND1  sing Y N 180 
HIS CG  CD2  doub Y N 181 
HIS ND1 CE1  doub Y N 182 
HIS ND1 HD1  sing N N 183 
HIS CD2 NE2  sing Y N 184 
HIS CD2 HD2  sing N N 185 
HIS CE1 NE2  sing Y N 186 
HIS CE1 HE1  sing N N 187 
HIS NE2 HE2  sing N N 188 
HIS OXT HXT  sing N N 189 
HOH O   H1   sing N N 190 
HOH O   H2   sing N N 191 
ILE N   CA   sing N N 192 
ILE N   H    sing N N 193 
ILE N   H2   sing N N 194 
ILE CA  C    sing N N 195 
ILE CA  CB   sing N N 196 
ILE CA  HA   sing N N 197 
ILE C   O    doub N N 198 
ILE C   OXT  sing N N 199 
ILE CB  CG1  sing N N 200 
ILE CB  CG2  sing N N 201 
ILE CB  HB   sing N N 202 
ILE CG1 CD1  sing N N 203 
ILE CG1 HG12 sing N N 204 
ILE CG1 HG13 sing N N 205 
ILE CG2 HG21 sing N N 206 
ILE CG2 HG22 sing N N 207 
ILE CG2 HG23 sing N N 208 
ILE CD1 HD11 sing N N 209 
ILE CD1 HD12 sing N N 210 
ILE CD1 HD13 sing N N 211 
ILE OXT HXT  sing N N 212 
LEU N   CA   sing N N 213 
LEU N   H    sing N N 214 
LEU N   H2   sing N N 215 
LEU CA  C    sing N N 216 
LEU CA  CB   sing N N 217 
LEU CA  HA   sing N N 218 
LEU C   O    doub N N 219 
LEU C   OXT  sing N N 220 
LEU CB  CG   sing N N 221 
LEU CB  HB2  sing N N 222 
LEU CB  HB3  sing N N 223 
LEU CG  CD1  sing N N 224 
LEU CG  CD2  sing N N 225 
LEU CG  HG   sing N N 226 
LEU CD1 HD11 sing N N 227 
LEU CD1 HD12 sing N N 228 
LEU CD1 HD13 sing N N 229 
LEU CD2 HD21 sing N N 230 
LEU CD2 HD22 sing N N 231 
LEU CD2 HD23 sing N N 232 
LEU OXT HXT  sing N N 233 
LYS N   CA   sing N N 234 
LYS N   H    sing N N 235 
LYS N   H2   sing N N 236 
LYS CA  C    sing N N 237 
LYS CA  CB   sing N N 238 
LYS CA  HA   sing N N 239 
LYS C   O    doub N N 240 
LYS C   OXT  sing N N 241 
LYS CB  CG   sing N N 242 
LYS CB  HB2  sing N N 243 
LYS CB  HB3  sing N N 244 
LYS CG  CD   sing N N 245 
LYS CG  HG2  sing N N 246 
LYS CG  HG3  sing N N 247 
LYS CD  CE   sing N N 248 
LYS CD  HD2  sing N N 249 
LYS CD  HD3  sing N N 250 
LYS CE  NZ   sing N N 251 
LYS CE  HE2  sing N N 252 
LYS CE  HE3  sing N N 253 
LYS NZ  HZ1  sing N N 254 
LYS NZ  HZ2  sing N N 255 
LYS NZ  HZ3  sing N N 256 
LYS OXT HXT  sing N N 257 
MET N   CA   sing N N 258 
MET N   H    sing N N 259 
MET N   H2   sing N N 260 
MET CA  C    sing N N 261 
MET CA  CB   sing N N 262 
MET CA  HA   sing N N 263 
MET C   O    doub N N 264 
MET C   OXT  sing N N 265 
MET CB  CG   sing N N 266 
MET CB  HB2  sing N N 267 
MET CB  HB3  sing N N 268 
MET CG  SD   sing N N 269 
MET CG  HG2  sing N N 270 
MET CG  HG3  sing N N 271 
MET SD  CE   sing N N 272 
MET CE  HE1  sing N N 273 
MET CE  HE2  sing N N 274 
MET CE  HE3  sing N N 275 
MET OXT HXT  sing N N 276 
PHE N   CA   sing N N 277 
PHE N   H    sing N N 278 
PHE N   H2   sing N N 279 
PHE CA  C    sing N N 280 
PHE CA  CB   sing N N 281 
PHE CA  HA   sing N N 282 
PHE C   O    doub N N 283 
PHE C   OXT  sing N N 284 
PHE CB  CG   sing N N 285 
PHE CB  HB2  sing N N 286 
PHE CB  HB3  sing N N 287 
PHE CG  CD1  doub Y N 288 
PHE CG  CD2  sing Y N 289 
PHE CD1 CE1  sing Y N 290 
PHE CD1 HD1  sing N N 291 
PHE CD2 CE2  doub Y N 292 
PHE CD2 HD2  sing N N 293 
PHE CE1 CZ   doub Y N 294 
PHE CE1 HE1  sing N N 295 
PHE CE2 CZ   sing Y N 296 
PHE CE2 HE2  sing N N 297 
PHE CZ  HZ   sing N N 298 
PHE OXT HXT  sing N N 299 
PRO N   CA   sing N N 300 
PRO N   CD   sing N N 301 
PRO N   H    sing N N 302 
PRO CA  C    sing N N 303 
PRO CA  CB   sing N N 304 
PRO CA  HA   sing N N 305 
PRO C   O    doub N N 306 
PRO C   OXT  sing N N 307 
PRO CB  CG   sing N N 308 
PRO CB  HB2  sing N N 309 
PRO CB  HB3  sing N N 310 
PRO CG  CD   sing N N 311 
PRO CG  HG2  sing N N 312 
PRO CG  HG3  sing N N 313 
PRO CD  HD2  sing N N 314 
PRO CD  HD3  sing N N 315 
PRO OXT HXT  sing N N 316 
SER N   CA   sing N N 317 
SER N   H    sing N N 318 
SER N   H2   sing N N 319 
SER CA  C    sing N N 320 
SER CA  CB   sing N N 321 
SER CA  HA   sing N N 322 
SER C   O    doub N N 323 
SER C   OXT  sing N N 324 
SER CB  OG   sing N N 325 
SER CB  HB2  sing N N 326 
SER CB  HB3  sing N N 327 
SER OG  HG   sing N N 328 
SER OXT HXT  sing N N 329 
SO4 S   O1   doub N N 330 
SO4 S   O2   doub N N 331 
SO4 S   O3   sing N N 332 
SO4 S   O4   sing N N 333 
THR N   CA   sing N N 334 
THR N   H    sing N N 335 
THR N   H2   sing N N 336 
THR CA  C    sing N N 337 
THR CA  CB   sing N N 338 
THR CA  HA   sing N N 339 
THR C   O    doub N N 340 
THR C   OXT  sing N N 341 
THR CB  OG1  sing N N 342 
THR CB  CG2  sing N N 343 
THR CB  HB   sing N N 344 
THR OG1 HG1  sing N N 345 
THR CG2 HG21 sing N N 346 
THR CG2 HG22 sing N N 347 
THR CG2 HG23 sing N N 348 
THR OXT HXT  sing N N 349 
TYR N   CA   sing N N 350 
TYR N   H    sing N N 351 
TYR N   H2   sing N N 352 
TYR CA  C    sing N N 353 
TYR CA  CB   sing N N 354 
TYR CA  HA   sing N N 355 
TYR C   O    doub N N 356 
TYR C   OXT  sing N N 357 
TYR CB  CG   sing N N 358 
TYR CB  HB2  sing N N 359 
TYR CB  HB3  sing N N 360 
TYR CG  CD1  doub Y N 361 
TYR CG  CD2  sing Y N 362 
TYR CD1 CE1  sing Y N 363 
TYR CD1 HD1  sing N N 364 
TYR CD2 CE2  doub Y N 365 
TYR CD2 HD2  sing N N 366 
TYR CE1 CZ   doub Y N 367 
TYR CE1 HE1  sing N N 368 
TYR CE2 CZ   sing Y N 369 
TYR CE2 HE2  sing N N 370 
TYR CZ  OH   sing N N 371 
TYR OH  HH   sing N N 372 
TYR OXT HXT  sing N N 373 
VAL N   CA   sing N N 374 
VAL N   H    sing N N 375 
VAL N   H2   sing N N 376 
VAL CA  C    sing N N 377 
VAL CA  CB   sing N N 378 
VAL CA  HA   sing N N 379 
VAL C   O    doub N N 380 
VAL C   OXT  sing N N 381 
VAL CB  CG1  sing N N 382 
VAL CB  CG2  sing N N 383 
VAL CB  HB   sing N N 384 
VAL CG1 HG11 sing N N 385 
VAL CG1 HG12 sing N N 386 
VAL CG1 HG13 sing N N 387 
VAL CG2 HG21 sing N N 388 
VAL CG2 HG22 sing N N 389 
VAL CG2 HG23 sing N N 390 
VAL OXT HXT  sing N N 391 
# 
_pdbx_initial_refinement_model.id               1 
_pdbx_initial_refinement_model.entity_id_list   ? 
_pdbx_initial_refinement_model.type             'experimental model' 
_pdbx_initial_refinement_model.source_name      PDB 
_pdbx_initial_refinement_model.accession_code   5F36 
_pdbx_initial_refinement_model.details          ? 
# 
_atom_sites.entry_id                    6HI4 
_atom_sites.fract_transf_matrix[1][1]   -0.00284060 
_atom_sites.fract_transf_matrix[1][2]   0.00519989 
_atom_sites.fract_transf_matrix[1][3]   -0.01322739 
_atom_sites.fract_transf_matrix[2][1]   0.00976135 
_atom_sites.fract_transf_matrix[2][2]   0.00830090 
_atom_sites.fract_transf_matrix[2][3]   -0.00677401 
_atom_sites.fract_transf_matrix[3][1]   0.00297270 
_atom_sites.fract_transf_matrix[3][2]   -0.00591387 
_atom_sites.fract_transf_matrix[3][3]   -0.00296322 
_atom_sites.fract_transf_vector[1]      0.139367 
_atom_sites.fract_transf_vector[2]      0.598837 
_atom_sites.fract_transf_vector[3]      0.025677 
# 
loop_
_atom_type.symbol 
C 
N 
O 
S 
# 
loop_
_atom_site.group_PDB 
_atom_site.id 
_atom_site.type_symbol 
_atom_site.label_atom_id 
_atom_site.label_alt_id 
_atom_site.label_comp_id 
_atom_site.label_asym_id 
_atom_site.label_entity_id 
_atom_site.label_seq_id 
_atom_site.pdbx_PDB_ins_code 
_atom_site.Cartn_x 
_atom_site.Cartn_y 
_atom_site.Cartn_z 
_atom_site.occupancy 
_atom_site.B_iso_or_equiv 
_atom_site.pdbx_formal_charge 
_atom_site.auth_seq_id 
_atom_site.auth_comp_id 
_atom_site.auth_asym_id 
_atom_site.auth_atom_id 
_atom_site.pdbx_PDB_model_num 
ATOM   1    N N   . SER A 1 1   ? -15.143 10.098  -19.336 1.00 52.86 ? 979  SER A N   1 
ATOM   2    C CA  . SER A 1 1   ? -15.785 11.410  -19.320 1.00 55.71 ? 979  SER A CA  1 
ATOM   3    C C   . SER A 1 1   ? -15.219 12.301  -18.220 1.00 60.06 ? 979  SER A C   1 
ATOM   4    O O   . SER A 1 1   ? -14.396 11.860  -17.410 1.00 55.06 ? 979  SER A O   1 
ATOM   5    C CB  . SER A 1 1   ? -17.297 11.264  -19.133 1.00 59.63 ? 979  SER A CB  1 
ATOM   6    O OG  . SER A 1 1   ? -17.605 10.813  -17.823 1.00 53.78 ? 979  SER A OG  1 
ATOM   7    N N   . MET A 1 2   ? -15.673 13.560  -18.198 1.00 56.40 ? 980  MET A N   1 
ATOM   8    C CA  . MET A 1 2   ? -15.245 14.478  -17.149 1.00 57.71 ? 980  MET A CA  1 
ATOM   9    C C   . MET A 1 2   ? -15.713 14.000  -15.781 1.00 53.41 ? 980  MET A C   1 
ATOM   10   O O   . MET A 1 2   ? -14.957 14.067  -14.803 1.00 54.35 ? 980  MET A O   1 
ATOM   11   C CB  . MET A 1 2   ? -15.759 15.892  -17.435 1.00 58.70 ? 980  MET A CB  1 
ATOM   12   N N   . GLN A 1 3   ? -16.951 13.494  -15.698 1.00 52.20 ? 981  GLN A N   1 
ATOM   13   C CA  . GLN A 1 3   ? -17.444 12.941  -14.439 1.00 52.56 ? 981  GLN A CA  1 
ATOM   14   C C   . GLN A 1 3   ? -16.557 11.799  -13.955 1.00 50.78 ? 981  GLN A C   1 
ATOM   15   O O   . GLN A 1 3   ? -16.300 11.670  -12.752 1.00 44.58 ? 981  GLN A O   1 
ATOM   16   C CB  . GLN A 1 3   ? -18.887 12.458  -14.600 1.00 48.29 ? 981  GLN A CB  1 
ATOM   17   C CG  . GLN A 1 3   ? -19.944 13.510  -14.275 1.00 54.97 ? 981  GLN A CG  1 
ATOM   18   N N   . GLU A 1 4   ? -16.076 10.960  -14.879 1.00 49.28 ? 982  GLU A N   1 
ATOM   19   C CA  . GLU A 1 4   ? -15.249 9.823   -14.486 1.00 43.49 ? 982  GLU A CA  1 
ATOM   20   C C   . GLU A 1 4   ? -13.870 10.276  -14.017 1.00 41.45 ? 982  GLU A C   1 
ATOM   21   O O   . GLU A 1 4   ? -13.337 9.742   -13.034 1.00 33.58 ? 982  GLU A O   1 
ATOM   22   C CB  . GLU A 1 4   ? -15.151 8.834   -15.648 1.00 42.19 ? 982  GLU A CB  1 
ATOM   23   C CG  . GLU A 1 4   ? -16.482 8.130   -15.907 1.00 40.92 ? 982  GLU A CG  1 
ATOM   24   C CD  . GLU A 1 4   ? -16.461 7.220   -17.123 1.00 47.59 ? 982  GLU A CD  1 
ATOM   25   O OE1 . GLU A 1 4   ? -15.507 7.328   -17.923 1.00 44.91 ? 982  GLU A OE1 1 
ATOM   26   O OE2 . GLU A 1 4   ? -17.395 6.389   -17.266 1.00 39.81 ? 982  GLU A OE2 1 
ATOM   27   N N   . GLU A 1 5   ? -13.287 11.272  -14.686 1.00 37.23 ? 983  GLU A N   1 
ATOM   28   C CA  . GLU A 1 5   ? -11.984 11.768  -14.259 1.00 38.34 ? 983  GLU A CA  1 
ATOM   29   C C   . GLU A 1 5   ? -12.076 12.451  -12.899 1.00 38.22 ? 983  GLU A C   1 
ATOM   30   O O   . GLU A 1 5   ? -11.125 12.401  -12.110 1.00 33.45 ? 983  GLU A O   1 
ATOM   31   C CB  . GLU A 1 5   ? -11.408 12.721  -15.306 1.00 43.56 ? 983  GLU A CB  1 
ATOM   32   C CG  . GLU A 1 5   ? -11.036 12.046  -16.631 1.00 45.49 ? 983  GLU A CG  1 
ATOM   33   C CD  . GLU A 1 5   ? -10.287 10.723  -16.455 1.00 55.28 ? 983  GLU A CD  1 
ATOM   34   O OE1 . GLU A 1 5   ? -9.277  10.685  -15.708 1.00 52.33 ? 983  GLU A OE1 1 
ATOM   35   O OE2 . GLU A 1 5   ? -10.715 9.712   -17.065 1.00 51.82 ? 983  GLU A OE2 1 
ATOM   36   N N   . ASP A 1 6   ? -13.207 13.101  -12.612 1.00 36.94 ? 984  ASP A N   1 
ATOM   37   C CA  . ASP A 1 6   ? -13.440 13.615  -11.264 1.00 39.25 ? 984  ASP A CA  1 
ATOM   38   C C   . ASP A 1 6   ? -13.483 12.486  -10.239 1.00 33.13 ? 984  ASP A C   1 
ATOM   39   O O   . ASP A 1 6   ? -12.995 12.643  -9.113  1.00 32.49 ? 984  ASP A O   1 
ATOM   40   C CB  . ASP A 1 6   ? -14.747 14.407  -11.208 1.00 41.46 ? 984  ASP A CB  1 
ATOM   41   C CG  . ASP A 1 6   ? -14.632 15.776  -11.853 1.00 46.20 ? 984  ASP A CG  1 
ATOM   42   O OD1 . ASP A 1 6   ? -13.506 16.174  -12.227 1.00 51.26 ? 984  ASP A OD1 1 
ATOM   43   O OD2 . ASP A 1 6   ? -15.670 16.460  -11.967 1.00 55.58 ? 984  ASP A OD2 1 
ATOM   44   N N   . THR A 1 7   ? -14.114 11.362  -10.592 1.00 32.65 ? 985  THR A N   1 
ATOM   45   C CA  . THR A 1 7   ? -14.175 10.223  -9.677  1.00 30.19 ? 985  THR A CA  1 
ATOM   46   C C   . THR A 1 7   ? -12.777 9.710   -9.366  1.00 32.33 ? 985  THR A C   1 
ATOM   47   O O   . THR A 1 7   ? -12.428 9.482   -8.201  1.00 29.03 ? 985  THR A O   1 
ATOM   48   C CB  . THR A 1 7   ? -15.036 9.099   -10.263 1.00 33.53 ? 985  THR A CB  1 
ATOM   49   O OG1 . THR A 1 7   ? -16.381 9.566   -10.428 1.00 37.13 ? 985  THR A OG1 1 
ATOM   50   C CG2 . THR A 1 7   ? -15.053 7.902   -9.343  1.00 31.09 ? 985  THR A CG2 1 
ATOM   51   N N   . PHE A 1 8   ? -11.955 9.524   -10.403 1.00 27.69 ? 986  PHE A N   1 
ATOM   52   C CA  . PHE A 1 8   ? -10.602 9.030   -10.177 1.00 26.55 ? 986  PHE A CA  1 
ATOM   53   C C   . PHE A 1 8   ? -9.739  10.036  -9.433  1.00 26.63 ? 986  PHE A C   1 
ATOM   54   O O   . PHE A 1 8   ? -8.863  9.637   -8.659  1.00 26.96 ? 986  PHE A O   1 
ATOM   55   C CB  . PHE A 1 8   ? -9.959  8.616   -11.508 1.00 28.37 ? 986  PHE A CB  1 
ATOM   56   C CG  . PHE A 1 8   ? -10.564 7.372   -12.088 1.00 31.47 ? 986  PHE A CG  1 
ATOM   57   C CD1 . PHE A 1 8   ? -10.881 6.286   -11.275 1.00 32.44 ? 986  PHE A CD1 1 
ATOM   58   C CD2 . PHE A 1 8   ? -10.854 7.301   -13.432 1.00 39.43 ? 986  PHE A CD2 1 
ATOM   59   C CE1 . PHE A 1 8   ? -11.458 5.149   -11.811 1.00 38.41 ? 986  PHE A CE1 1 
ATOM   60   C CE2 . PHE A 1 8   ? -11.424 6.171   -13.965 1.00 34.15 ? 986  PHE A CE2 1 
ATOM   61   C CZ  . PHE A 1 8   ? -11.728 5.107   -13.167 1.00 34.93 ? 986  PHE A CZ  1 
ATOM   62   N N   . ARG A 1 9   ? -9.944  11.332  -9.636  1.00 26.61 ? 987  ARG A N   1 
ATOM   63   C CA  A ARG A 1 9   ? -9.178  12.316  -8.871  0.65 29.57 ? 987  ARG A CA  1 
ATOM   64   C CA  B ARG A 1 9   ? -9.156  12.283  -8.872  0.35 29.53 ? 987  ARG A CA  1 
ATOM   65   C C   . ARG A 1 9   ? -9.535  12.253  -7.395  1.00 27.90 ? 987  ARG A C   1 
ATOM   66   O O   . ARG A 1 9   ? -8.663  12.372  -6.527  1.00 27.48 ? 987  ARG A O   1 
ATOM   67   C CB  A ARG A 1 9   ? -9.413  13.726  -9.404  0.65 32.59 ? 987  ARG A CB  1 
ATOM   68   C CB  B ARG A 1 9   ? -9.346  13.670  -9.441  0.35 32.59 ? 987  ARG A CB  1 
ATOM   69   C CG  A ARG A 1 9   ? -8.495  14.746  -8.753  0.65 35.26 ? 987  ARG A CG  1 
ATOM   70   C CG  B ARG A 1 9   ? -8.365  14.688  -8.906  0.35 35.35 ? 987  ARG A CG  1 
ATOM   71   C CD  A ARG A 1 9   ? -8.420  16.045  -9.504  0.65 38.78 ? 987  ARG A CD  1 
ATOM   72   C CD  B ARG A 1 9   ? -8.261  15.881  -9.824  0.35 38.88 ? 987  ARG A CD  1 
ATOM   73   N NE  A ARG A 1 9   ? -7.508  16.957  -8.825  0.65 41.31 ? 987  ARG A NE  1 
ATOM   74   N NE  B ARG A 1 9   ? -9.567  16.316  -10.348 0.35 44.57 ? 987  ARG A NE  1 
ATOM   75   C CZ  A ARG A 1 9   ? -7.890  17.900  -7.971  0.65 41.19 ? 987  ARG A CZ  1 
ATOM   76   C CZ  B ARG A 1 9   ? -9.927  16.187  -11.622 0.35 41.19 ? 987  ARG A CZ  1 
ATOM   77   N NH1 A ARG A 1 9   ? -9.176  18.066  -7.687  0.65 38.30 ? 987  ARG A NH1 1 
ATOM   78   N NH1 B ARG A 1 9   ? -9.035  15.736  -12.488 0.35 44.28 ? 987  ARG A NH1 1 
ATOM   79   N NH2 A ARG A 1 9   ? -6.984  18.682  -7.403  0.65 37.70 ? 987  ARG A NH2 1 
ATOM   80   N NH2 B ARG A 1 9   ? -11.121 16.576  -12.036 0.35 44.36 ? 987  ARG A NH2 1 
ATOM   81   N N   . GLU A 1 10  ? -10.827 12.084  -7.093  1.00 25.84 ? 988  GLU A N   1 
ATOM   82   C CA  . GLU A 1 10  ? -11.216 11.919  -5.694  1.00 25.35 ? 988  GLU A CA  1 
ATOM   83   C C   . GLU A 1 10  ? -10.571 10.668  -5.110  1.00 26.37 ? 988  GLU A C   1 
ATOM   84   O O   . GLU A 1 10  ? -10.077 10.692  -3.974  1.00 24.35 ? 988  GLU A O   1 
ATOM   85   C CB  . GLU A 1 10  ? -12.739 11.855  -5.545  1.00 28.74 ? 988  GLU A CB  1 
ATOM   86   C CG  . GLU A 1 10  ? -13.133 11.591  -4.083  1.00 30.69 ? 988  GLU A CG  1 
ATOM   87   C CD  . GLU A 1 10  ? -14.599 11.853  -3.774  1.00 37.18 ? 988  GLU A CD  1 
ATOM   88   O OE1 . GLU A 1 10  ? -15.037 11.576  -2.631  1.00 33.63 ? 988  GLU A OE1 1 
ATOM   89   O OE2 . GLU A 1 10  ? -15.312 12.351  -4.669  1.00 34.30 ? 988  GLU A OE2 1 
ATOM   90   N N   . LEU A 1 11  ? -10.524 9.582   -5.887  1.00 24.69 ? 989  LEU A N   1 
ATOM   91   C CA  . LEU A 1 11  ? -9.875  8.369   -5.398  1.00 24.37 ? 989  LEU A CA  1 
ATOM   92   C C   . LEU A 1 11  ? -8.406  8.630   -5.093  1.00 26.31 ? 989  LEU A C   1 
ATOM   93   O O   . LEU A 1 11  ? -7.907  8.238   -4.036  1.00 23.69 ? 989  LEU A O   1 
ATOM   94   C CB  . LEU A 1 11  ? -10.027 7.226   -6.412  1.00 26.25 ? 989  LEU A CB  1 
ATOM   95   C CG  . LEU A 1 11  ? -9.187  5.986   -6.087  1.00 25.44 ? 989  LEU A CG  1 
ATOM   96   C CD1 . LEU A 1 11  ? -9.692  5.329   -4.798  1.00 27.53 ? 989  LEU A CD1 1 
ATOM   97   C CD2 . LEU A 1 11  ? -9.149  4.992   -7.246  1.00 30.98 ? 989  LEU A CD2 1 
ATOM   98   N N   . ARG A 1 12  ? -7.705  9.347   -5.974  1.00 22.19 ? 990  ARG A N   1 
ATOM   99   C CA  . ARG A 1 12  ? -6.293  9.634   -5.718  1.00 24.06 ? 990  ARG A CA  1 
ATOM   100  C C   . ARG A 1 12  ? -6.104  10.490  -4.468  1.00 23.00 ? 990  ARG A C   1 
ATOM   101  O O   . ARG A 1 12  ? -5.171  10.258  -3.681  1.00 23.00 ? 990  ARG A O   1 
ATOM   102  C CB  . ARG A 1 12  ? -5.664  10.322  -6.944  1.00 24.28 ? 990  ARG A CB  1 
ATOM   103  C CG  . ARG A 1 12  ? -5.657  9.415   -8.168  1.00 24.61 ? 990  ARG A CG  1 
ATOM   104  C CD  . ARG A 1 12  ? -4.733  9.984   -9.246  1.00 27.59 ? 990  ARG A CD  1 
ATOM   105  N NE  . ARG A 1 12  ? -5.206  11.284  -9.727  1.00 29.39 ? 990  ARG A NE  1 
ATOM   106  C CZ  . ARG A 1 12  ? -6.040  11.446  -10.752 1.00 31.01 ? 990  ARG A CZ  1 
ATOM   107  N NH1 . ARG A 1 12  ? -6.535  10.392  -11.387 1.00 30.29 ? 990  ARG A NH1 1 
ATOM   108  N NH2 . ARG A 1 12  ? -6.402  12.667  -11.123 1.00 32.97 ? 990  ARG A NH2 1 
ATOM   109  N N   . ILE A 1 13  ? -6.964  11.493  -4.274  1.00 22.47 ? 991  ILE A N   1 
ATOM   110  C CA  . ILE A 1 13  ? -6.887  12.323  -3.074  1.00 21.21 ? 991  ILE A CA  1 
ATOM   111  C C   . ILE A 1 13  ? -7.062  11.460  -1.832  1.00 23.10 ? 991  ILE A C   1 
ATOM   112  O O   . ILE A 1 13  ? -6.289  11.566  -0.874  1.00 23.97 ? 991  ILE A O   1 
ATOM   113  C CB  . ILE A 1 13  ? -7.932  13.452  -3.127  1.00 25.22 ? 991  ILE A CB  1 
ATOM   114  C CG1 . ILE A 1 13  ? -7.534  14.464  -4.197  1.00 31.29 ? 991  ILE A CG1 1 
ATOM   115  C CG2 . ILE A 1 13  ? -8.040  14.126  -1.757  1.00 26.18 ? 991  ILE A CG2 1 
ATOM   116  C CD1 . ILE A 1 13  ? -8.689  15.349  -4.641  1.00 29.98 ? 991  ILE A CD1 1 
ATOM   117  N N   . PHE A 1 14  ? -8.071  10.586  -1.846  1.00 21.21 ? 992  PHE A N   1 
ATOM   118  C CA  . PHE A 1 14  ? -8.297  9.676   -0.722  1.00 23.26 ? 992  PHE A CA  1 
ATOM   119  C C   . PHE A 1 14  ? -7.072  8.794   -0.466  1.00 24.90 ? 992  PHE A C   1 
ATOM   120  O O   . PHE A 1 14  ? -6.619  8.649   0.682   1.00 23.23 ? 992  PHE A O   1 
ATOM   121  C CB  . PHE A 1 14  ? -9.532  8.813   -1.001  1.00 24.79 ? 992  PHE A CB  1 
ATOM   122  C CG  . PHE A 1 14  ? -9.765  7.753   0.030   1.00 28.01 ? 992  PHE A CG  1 
ATOM   123  C CD1 . PHE A 1 14  ? -10.260 8.079   1.284   1.00 30.29 ? 992  PHE A CD1 1 
ATOM   124  C CD2 . PHE A 1 14  ? -9.463  6.437   -0.251  1.00 28.99 ? 992  PHE A CD2 1 
ATOM   125  C CE1 . PHE A 1 14  ? -10.453 7.088   2.242   1.00 31.72 ? 992  PHE A CE1 1 
ATOM   126  C CE2 . PHE A 1 14  ? -9.659  5.449   0.703   1.00 31.56 ? 992  PHE A CE2 1 
ATOM   127  C CZ  . PHE A 1 14  ? -10.151 5.784   1.945   1.00 26.95 ? 992  PHE A CZ  1 
ATOM   128  N N   . LEU A 1 15  ? -6.529  8.184   -1.524  1.00 22.34 ? 993  LEU A N   1 
ATOM   129  C CA  . LEU A 1 15  ? -5.397  7.270   -1.361  1.00 21.60 ? 993  LEU A CA  1 
ATOM   130  C C   . LEU A 1 15  ? -4.148  7.997   -0.883  1.00 21.49 ? 993  LEU A C   1 
ATOM   131  O O   . LEU A 1 15  ? -3.360  7.436   -0.114  1.00 23.14 ? 993  LEU A O   1 
ATOM   132  C CB  . LEU A 1 15  ? -5.101  6.531   -2.668  1.00 24.84 ? 993  LEU A CB  1 
ATOM   133  C CG  . LEU A 1 15  ? -6.199  5.593   -3.159  1.00 22.77 ? 993  LEU A CG  1 
ATOM   134  C CD1 . LEU A 1 15  ? -5.764  4.901   -4.449  1.00 25.47 ? 993  LEU A CD1 1 
ATOM   135  C CD2 . LEU A 1 15  ? -6.523  4.549   -2.074  1.00 21.85 ? 993  LEU A CD2 1 
ATOM   136  N N   . ARG A 1 16  ? -3.923  9.229   -1.345  1.00 21.22 ? 994  ARG A N   1 
ATOM   137  C CA  . ARG A 1 16  ? -2.770  9.962   -0.836  1.00 22.33 ? 994  ARG A CA  1 
ATOM   138  C C   . ARG A 1 16  ? -2.921  10.223  0.656   1.00 23.20 ? 994  ARG A C   1 
ATOM   139  O O   . ARG A 1 16  ? -1.942  10.181  1.410   1.00 24.80 ? 994  ARG A O   1 
ATOM   140  C CB  . ARG A 1 16  ? -2.593  11.299  -1.568  1.00 25.83 ? 994  ARG A CB  1 
ATOM   141  C CG  . ARG A 1 16  ? -2.116  11.197  -2.989  1.00 28.90 ? 994  ARG A CG  1 
ATOM   142  C CD  . ARG A 1 16  ? -1.656  12.568  -3.515  1.00 28.35 ? 994  ARG A CD  1 
ATOM   143  N NE  . ARG A 1 16  ? -1.618  12.520  -4.976  1.00 31.10 ? 994  ARG A NE  1 
ATOM   144  C CZ  . ARG A 1 16  ? -2.653  12.780  -5.767  1.00 33.61 ? 994  ARG A CZ  1 
ATOM   145  N NH1 . ARG A 1 16  ? -3.797  13.208  -5.243  1.00 29.18 ? 994  ARG A NH1 1 
ATOM   146  N NH2 . ARG A 1 16  ? -2.526  12.667  -7.083  1.00 34.46 ? 994  ARG A NH2 1 
ATOM   147  N N   . ASN A 1 17  ? -4.143  10.503  1.095   1.00 22.54 ? 995  ASN A N   1 
ATOM   148  C CA  . ASN A 1 17  ? -4.352  10.787  2.508   1.00 24.32 ? 995  ASN A CA  1 
ATOM   149  C C   . ASN A 1 17  ? -4.133  9.536   3.358   1.00 21.88 ? 995  ASN A C   1 
ATOM   150  O O   . ASN A 1 17  ? -3.449  9.597   4.389   1.00 23.54 ? 995  ASN A O   1 
ATOM   151  C CB  . ASN A 1 17  ? -5.746  11.375  2.713   1.00 21.40 ? 995  ASN A CB  1 
ATOM   152  C CG  . ASN A 1 17  ? -6.104  11.484  4.180   1.00 29.18 ? 995  ASN A CG  1 
ATOM   153  O OD1 . ASN A 1 17  ? -6.808  10.651  4.711   1.00 29.67 ? 995  ASN A OD1 1 
ATOM   154  N ND2 . ASN A 1 17  ? -5.580  12.501  4.841   1.00 33.33 ? 995  ASN A ND2 1 
ATOM   155  N N   . VAL A 1 18  ? -4.687  8.390   2.938   1.00 21.19 ? 996  VAL A N   1 
ATOM   156  C CA  . VAL A 1 18  ? -4.421  7.132   3.655   1.00 22.46 ? 996  VAL A CA  1 
ATOM   157  C C   . VAL A 1 18  ? -2.924  6.859   3.694   1.00 24.80 ? 996  VAL A C   1 
ATOM   158  O O   . VAL A 1 18  ? -2.348  6.569   4.752   1.00 22.38 ? 996  VAL A O   1 
ATOM   159  C CB  . VAL A 1 18  ? -5.170  5.947   3.011   1.00 23.23 ? 996  VAL A CB  1 
ATOM   160  C CG1 . VAL A 1 18  ? -4.871  4.628   3.775   1.00 23.68 ? 996  VAL A CG1 1 
ATOM   161  C CG2 . VAL A 1 18  ? -6.660  6.203   2.953   1.00 22.90 ? 996  VAL A CG2 1 
ATOM   162  N N   . THR A 1 19  ? -2.263  6.964   2.539   1.00 20.56 ? 997  THR A N   1 
ATOM   163  C CA  . THR A 1 19  ? -0.852  6.586   2.484   1.00 22.20 ? 997  THR A CA  1 
ATOM   164  C C   . THR A 1 19  ? -0.024  7.502   3.369   1.00 22.87 ? 997  THR A C   1 
ATOM   165  O O   . THR A 1 19  ? 0.916   7.057   4.035   1.00 23.21 ? 997  THR A O   1 
ATOM   166  C CB  . THR A 1 19  ? -0.348  6.620   1.039   1.00 22.07 ? 997  THR A CB  1 
ATOM   167  O OG1 . THR A 1 19  ? -1.230  5.843   0.222   1.00 22.56 ? 997  THR A OG1 1 
ATOM   168  C CG2 . THR A 1 19  ? 1.041   5.980   0.944   1.00 23.30 ? 997  THR A CG2 1 
ATOM   169  N N   . HIS A 1 20  ? -0.385  8.787   3.414   1.00 22.69 ? 998  HIS A N   1 
ATOM   170  C CA  . HIS A 1 20  ? 0.334   9.721   4.264   1.00 25.07 ? 998  HIS A CA  1 
ATOM   171  C C   . HIS A 1 20  ? 0.190   9.342   5.732   1.00 24.25 ? 998  HIS A C   1 
ATOM   172  O O   . HIS A 1 20  ? 1.157   9.394   6.497   1.00 24.26 ? 998  HIS A O   1 
ATOM   173  C CB  . HIS A 1 20  ? -0.179  11.139  4.029   1.00 25.89 ? 998  HIS A CB  1 
ATOM   174  C CG  . HIS A 1 20  ? 0.494   12.167  4.878   1.00 30.05 ? 998  HIS A CG  1 
ATOM   175  N ND1 . HIS A 1 20  ? -0.131  12.780  5.944   1.00 36.20 ? 998  HIS A ND1 1 
ATOM   176  C CD2 . HIS A 1 20  ? 1.746   12.683  4.825   1.00 29.34 ? 998  HIS A CD2 1 
ATOM   177  C CE1 . HIS A 1 20  ? 0.705   13.637  6.508   1.00 31.15 ? 998  HIS A CE1 1 
ATOM   178  N NE2 . HIS A 1 20  ? 1.852   13.595  5.850   1.00 40.44 ? 998  HIS A NE2 1 
ATOM   179  N N   . ARG A 1 21  ? -1.016  8.966   6.142   1.00 22.90 ? 999  ARG A N   1 
ATOM   180  C CA  . ARG A 1 21  ? -1.220  8.605   7.541   1.00 23.49 ? 999  ARG A CA  1 
ATOM   181  C C   . ARG A 1 21  ? -0.448  7.345   7.912   1.00 26.06 ? 999  ARG A C   1 
ATOM   182  O O   . ARG A 1 21  ? -0.007  7.197   9.062   1.00 25.64 ? 999  ARG A O   1 
ATOM   183  C CB  . ARG A 1 21  ? -2.717  8.454   7.812   1.00 25.81 ? 999  ARG A CB  1 
ATOM   184  C CG  . ARG A 1 21  ? -3.415  9.823   7.820   1.00 26.15 ? 999  ARG A CG  1 
ATOM   185  C CD  . ARG A 1 21  ? -4.864  9.740   7.312   1.00 27.75 ? 999  ARG A CD  1 
ATOM   186  N NE  . ARG A 1 21  ? -5.689  9.021   8.278   1.00 28.48 ? 999  ARG A NE  1 
ATOM   187  C CZ  . ARG A 1 21  ? -6.956  8.686   8.081   1.00 25.72 ? 999  ARG A CZ  1 
ATOM   188  N NH1 . ARG A 1 21  ? -7.571  9.005   6.948   1.00 25.63 ? 999  ARG A NH1 1 
ATOM   189  N NH2 . ARG A 1 21  ? -7.614  8.029   9.023   1.00 27.40 ? 999  ARG A NH2 1 
ATOM   190  N N   . LEU A 1 22  ? -0.270  6.432   6.960   1.00 22.49 ? 1000 LEU A N   1 
ATOM   191  C CA  . LEU A 1 22  ? 0.564   5.264   7.218   1.00 23.02 ? 1000 LEU A CA  1 
ATOM   192  C C   . LEU A 1 22  ? 2.033   5.652   7.274   1.00 24.54 ? 1000 LEU A C   1 
ATOM   193  O O   . LEU A 1 22  ? 2.779   5.177   8.140   1.00 25.66 ? 1000 LEU A O   1 
ATOM   194  C CB  . LEU A 1 22  ? 0.334   4.206   6.134   1.00 23.54 ? 1000 LEU A CB  1 
ATOM   195  C CG  . LEU A 1 22  ? -1.064  3.618   5.993   1.00 22.65 ? 1000 LEU A CG  1 
ATOM   196  C CD1 . LEU A 1 22  ? -1.103  2.682   4.768   1.00 22.49 ? 1000 LEU A CD1 1 
ATOM   197  C CD2 . LEU A 1 22  ? -1.437  2.844   7.252   1.00 25.04 ? 1000 LEU A CD2 1 
ATOM   198  N N   . ALA A 1 23  ? 2.463   6.538   6.370   1.00 23.37 ? 1001 ALA A N   1 
ATOM   199  C CA  . ALA A 1 23  ? 3.880   6.867   6.250   1.00 26.19 ? 1001 ALA A CA  1 
ATOM   200  C C   . ALA A 1 23  ? 4.407   7.662   7.438   1.00 30.67 ? 1001 ALA A C   1 
ATOM   201  O O   . ALA A 1 23  ? 5.605   7.586   7.736   1.00 31.28 ? 1001 ALA A O   1 
ATOM   202  C CB  . ALA A 1 23  ? 4.136   7.649   4.961   1.00 30.95 ? 1001 ALA A CB  1 
ATOM   203  N N   . ILE A 1 24  ? 3.560   8.457   8.103   1.00 26.36 ? 1002 ILE A N   1 
ATOM   204  C CA  . ILE A 1 24  ? 4.024   9.227   9.260   1.00 28.33 ? 1002 ILE A CA  1 
ATOM   205  C C   . ILE A 1 24  ? 3.943   8.427   10.547  1.00 33.65 ? 1002 ILE A C   1 
ATOM   206  O O   . ILE A 1 24  ? 4.334   8.930   11.610  1.00 33.27 ? 1002 ILE A O   1 
ATOM   207  C CB  . ILE A 1 24  ? 3.236   10.541  9.441   1.00 30.21 ? 1002 ILE A CB  1 
ATOM   208  C CG1 . ILE A 1 24  ? 1.782   10.243  9.807   1.00 27.75 ? 1002 ILE A CG1 1 
ATOM   209  C CG2 . ILE A 1 24  ? 3.326   11.402  8.188   1.00 30.37 ? 1002 ILE A CG2 1 
ATOM   210  C CD1 . ILE A 1 24  ? 0.930   11.480  9.969   1.00 34.61 ? 1002 ILE A CD1 1 
ATOM   211  N N   . ASP A 1 25  ? 3.437   7.204   10.492  1.00 28.57 ? 1003 ASP A N   1 
ATOM   212  C CA  . ASP A 1 25  ? 3.331   6.375   11.683  1.00 29.31 ? 1003 ASP A CA  1 
ATOM   213  C C   . ASP A 1 25  ? 4.690   5.755   11.983  1.00 29.14 ? 1003 ASP A C   1 
ATOM   214  O O   . ASP A 1 25  ? 5.290   5.111   11.118  1.00 30.37 ? 1003 ASP A O   1 
ATOM   215  C CB  . ASP A 1 25  ? 2.269   5.302   11.457  1.00 28.05 ? 1003 ASP A CB  1 
ATOM   216  C CG  . ASP A 1 25  ? 1.890   4.576   12.716  1.00 30.57 ? 1003 ASP A CG  1 
ATOM   217  O OD1 . ASP A 1 25  ? 2.806   4.169   13.463  1.00 31.36 ? 1003 ASP A OD1 1 
ATOM   218  O OD2 . ASP A 1 25  ? 0.676   4.382   12.943  1.00 31.80 ? 1003 ASP A OD2 1 
ATOM   219  N N   . LYS A 1 26  ? 5.182   5.957   13.214  1.00 32.15 ? 1004 LYS A N   1 
ATOM   220  C CA  . LYS A 1 26  ? 6.537   5.515   13.541  1.00 31.89 ? 1004 LYS A CA  1 
ATOM   221  C C   . LYS A 1 26  ? 6.716   4.012   13.363  1.00 28.76 ? 1004 LYS A C   1 
ATOM   222  O O   . LYS A 1 26  ? 7.814   3.556   13.019  1.00 31.85 ? 1004 LYS A O   1 
ATOM   223  C CB  . LYS A 1 26  ? 6.894   5.920   14.979  1.00 34.59 ? 1004 LYS A CB  1 
ATOM   224  C CG  . LYS A 1 26  ? 7.572   7.276   15.051  1.00 49.29 ? 1004 LYS A CG  1 
ATOM   225  N N   . ARG A 1 27  ? 5.663   3.229   13.598  1.00 28.05 ? 1005 ARG A N   1 
ATOM   226  C CA  . ARG A 1 27  ? 5.754   1.782   13.453  1.00 29.05 ? 1005 ARG A CA  1 
ATOM   227  C C   . ARG A 1 27  ? 6.109   1.368   12.038  1.00 30.63 ? 1005 ARG A C   1 
ATOM   228  O O   . ARG A 1 27  ? 6.655   0.277   11.842  1.00 29.91 ? 1005 ARG A O   1 
ATOM   229  C CB  . ARG A 1 27  ? 4.431   1.122   13.813  1.00 32.36 ? 1005 ARG A CB  1 
ATOM   230  C CG  . ARG A 1 27  ? 4.030   1.217   15.276  1.00 35.82 ? 1005 ARG A CG  1 
ATOM   231  C CD  . ARG A 1 27  ? 2.641   0.663   15.454  1.00 34.50 ? 1005 ARG A CD  1 
ATOM   232  N NE  . ARG A 1 27  ? 1.654   1.500   14.790  1.00 33.55 ? 1005 ARG A NE  1 
ATOM   233  C CZ  . ARG A 1 27  ? 0.386   1.151   14.612  1.00 31.29 ? 1005 ARG A CZ  1 
ATOM   234  N NH1 . ARG A 1 27  ? -0.040  -0.037  15.035  1.00 33.75 ? 1005 ARG A NH1 1 
ATOM   235  N NH2 . ARG A 1 27  ? -0.453  1.981   14.003  1.00 33.30 ? 1005 ARG A NH2 1 
ATOM   236  N N   . PHE A 1 28  ? 5.787   2.197   11.049  1.00 28.08 ? 1006 PHE A N   1 
ATOM   237  C CA  . PHE A 1 28  ? 5.875   1.800   9.651   1.00 27.51 ? 1006 PHE A CA  1 
ATOM   238  C C   . PHE A 1 28  ? 7.047   2.447   8.936   1.00 31.47 ? 1006 PHE A C   1 
ATOM   239  O O   . PHE A 1 28  ? 7.137   2.355   7.708   1.00 27.33 ? 1006 PHE A O   1 
ATOM   240  C CB  . PHE A 1 28  ? 4.556   2.121   8.940   1.00 23.77 ? 1006 PHE A CB  1 
ATOM   241  C CG  . PHE A 1 28  ? 3.356   1.562   9.637   1.00 27.22 ? 1006 PHE A CG  1 
ATOM   242  C CD1 . PHE A 1 28  ? 3.418   0.326   10.278  1.00 25.80 ? 1006 PHE A CD1 1 
ATOM   243  C CD2 . PHE A 1 28  ? 2.166   2.276   9.674   1.00 23.97 ? 1006 PHE A CD2 1 
ATOM   244  C CE1 . PHE A 1 28  ? 2.311   -0.177  10.938  1.00 24.71 ? 1006 PHE A CE1 1 
ATOM   245  C CE2 . PHE A 1 28  ? 1.066   1.781   10.322  1.00 25.03 ? 1006 PHE A CE2 1 
ATOM   246  C CZ  . PHE A 1 28  ? 1.130   0.550   10.950  1.00 26.59 ? 1006 PHE A CZ  1 
ATOM   247  N N   . ARG A 1 29  ? 7.963   3.079   9.682   1.00 29.16 ? 1007 ARG A N   1 
ATOM   248  C CA  . ARG A 1 29  ? 9.107   3.735   9.055   1.00 28.98 ? 1007 ARG A CA  1 
ATOM   249  C C   . ARG A 1 29  ? 9.850   2.796   8.129   1.00 29.98 ? 1007 ARG A C   1 
ATOM   250  O O   . ARG A 1 29  ? 10.395  3.225   7.104   1.00 33.36 ? 1007 ARG A O   1 
ATOM   251  C CB  . ARG A 1 29  ? 10.073  4.245   10.122  1.00 32.96 ? 1007 ARG A CB  1 
ATOM   252  C CG  . ARG A 1 29  ? 11.260  4.998   9.563   1.00 37.28 ? 1007 ARG A CG  1 
ATOM   253  C CD  . ARG A 1 29  ? 12.021  5.665   10.679  1.00 49.84 ? 1007 ARG A CD  1 
ATOM   254  N NE  . ARG A 1 29  ? 13.305  5.009   10.897  1.00 61.71 ? 1007 ARG A NE  1 
ATOM   255  N N   . VAL A 1 30  ? 9.860   1.506   8.471   1.00 28.80 ? 1008 VAL A N   1 
ATOM   256  C CA  . VAL A 1 30  ? 10.703  0.532   7.804   1.00 32.90 ? 1008 VAL A CA  1 
ATOM   257  C C   . VAL A 1 30  ? 10.099  0.231   6.432   1.00 35.33 ? 1008 VAL A C   1 
ATOM   258  O O   . VAL A 1 30  ? 10.798  -0.253  5.534   1.00 34.10 ? 1008 VAL A O   1 
ATOM   259  C CB  . VAL A 1 30  ? 10.849  -0.712  8.726   1.00 38.23 ? 1008 VAL A CB  1 
ATOM   260  C CG1 . VAL A 1 30  ? 9.644   -1.678  8.692   1.00 32.68 ? 1008 VAL A CG1 1 
ATOM   261  C CG2 . VAL A 1 30  ? 12.308  -1.273  8.898   1.00 56.46 ? 1008 VAL A CG2 1 
ATOM   262  N N   . PHE A 1 31  ? 8.839   0.630   6.217   1.00 29.78 ? 1009 PHE A N   1 
ATOM   263  C CA  . PHE A 1 31  ? 8.123   0.439   4.959   1.00 29.12 ? 1009 PHE A CA  1 
ATOM   264  C C   . PHE A 1 31  ? 8.014   1.720   4.135   1.00 31.83 ? 1009 PHE A C   1 
ATOM   265  O O   . PHE A 1 31  ? 7.323   1.722   3.110   1.00 30.93 ? 1009 PHE A O   1 
ATOM   266  C CB  . PHE A 1 31  ? 6.719   -0.111  5.238   1.00 26.10 ? 1009 PHE A CB  1 
ATOM   267  C CG  . PHE A 1 31  ? 6.711   -1.332  6.120   1.00 26.82 ? 1009 PHE A CG  1 
ATOM   268  C CD1 . PHE A 1 31  ? 7.435   -2.456  5.764   1.00 26.55 ? 1009 PHE A CD1 1 
ATOM   269  C CD2 . PHE A 1 31  ? 5.995   -1.343  7.309   1.00 28.75 ? 1009 PHE A CD2 1 
ATOM   270  C CE1 . PHE A 1 31  ? 7.446   -3.583  6.577   1.00 29.73 ? 1009 PHE A CE1 1 
ATOM   271  C CE2 . PHE A 1 31  ? 6.000   -2.465  8.131   1.00 32.23 ? 1009 PHE A CE2 1 
ATOM   272  C CZ  . PHE A 1 31  ? 6.723   -3.587  7.768   1.00 32.06 ? 1009 PHE A CZ  1 
ATOM   273  N N   . THR A 1 32  ? 8.660   2.810   4.552   1.00 28.73 ? 1010 THR A N   1 
ATOM   274  C CA  . THR A 1 32  ? 8.450   4.089   3.886   1.00 31.81 ? 1010 THR A CA  1 
ATOM   275  C C   . THR A 1 32  ? 9.318   4.273   2.648   1.00 35.11 ? 1010 THR A C   1 
ATOM   276  O O   . THR A 1 32  ? 8.974   5.089   1.792   1.00 38.38 ? 1010 THR A O   1 
ATOM   277  C CB  . THR A 1 32  ? 8.703   5.259   4.852   1.00 37.74 ? 1010 THR A CB  1 
ATOM   278  O OG1 . THR A 1 32  ? 10.015  5.148   5.423   1.00 33.94 ? 1010 THR A OG1 1 
ATOM   279  C CG2 . THR A 1 32  ? 7.661   5.278   5.973   1.00 31.11 ? 1010 THR A CG2 1 
ATOM   280  N N   . LYS A 1 33  ? 10.411  3.532   2.521   1.00 36.41 ? 1011 LYS A N   1 
ATOM   281  C CA  . LYS A 1 33  ? 11.388  3.716   1.460   1.00 38.31 ? 1011 LYS A CA  1 
ATOM   282  C C   . LYS A 1 33  ? 11.807  2.351   0.941   1.00 35.41 ? 1011 LYS A C   1 
ATOM   283  O O   . LYS A 1 33  ? 11.696  1.352   1.657   1.00 36.51 ? 1011 LYS A O   1 
ATOM   284  C CB  . LYS A 1 33  ? 12.634  4.458   1.964   1.00 40.93 ? 1011 LYS A CB  1 
ATOM   285  C CG  . LYS A 1 33  ? 12.476  5.959   2.062   1.00 49.32 ? 1011 LYS A CG  1 
ATOM   286  C CD  . LYS A 1 33  ? 13.514  6.576   3.006   1.00 51.87 ? 1011 LYS A CD  1 
ATOM   287  N N   . PRO A 1 34  ? 12.318  2.281   -0.290  1.00 40.86 ? 1012 PRO A N   1 
ATOM   288  C CA  . PRO A 1 34  ? 12.837  0.999   -0.785  1.00 45.28 ? 1012 PRO A CA  1 
ATOM   289  C C   . PRO A 1 34  ? 13.998  0.493   0.064   1.00 46.21 ? 1012 PRO A C   1 
ATOM   290  O O   . PRO A 1 34  ? 14.752  1.265   0.656   1.00 51.44 ? 1012 PRO A O   1 
ATOM   291  C CB  . PRO A 1 34  ? 13.289  1.319   -2.216  1.00 45.40 ? 1012 PRO A CB  1 
ATOM   292  C CG  . PRO A 1 34  ? 12.611  2.592   -2.573  1.00 45.77 ? 1012 PRO A CG  1 
ATOM   293  C CD  . PRO A 1 34  ? 12.432  3.355   -1.293  1.00 40.32 ? 1012 PRO A CD  1 
ATOM   294  N N   . VAL A 1 35  ? 14.134  -0.831  0.116   1.00 51.52 ? 1013 VAL A N   1 
ATOM   295  C CA  . VAL A 1 35  ? 15.202  -1.457  0.892   1.00 57.90 ? 1013 VAL A CA  1 
ATOM   296  C C   . VAL A 1 35  ? 16.542  -1.187  0.217   1.00 64.36 ? 1013 VAL A C   1 
ATOM   297  O O   . VAL A 1 35  ? 16.693  -1.389  -0.995  1.00 65.95 ? 1013 VAL A O   1 
ATOM   298  C CB  . VAL A 1 35  ? 14.938  -2.965  1.042   1.00 54.86 ? 1013 VAL A CB  1 
ATOM   299  C CG1 . VAL A 1 35  ? 16.147  -3.678  1.627   1.00 59.51 ? 1013 VAL A CG1 1 
ATOM   300  C CG2 . VAL A 1 35  ? 13.708  -3.210  1.903   1.00 53.40 ? 1013 VAL A CG2 1 
ATOM   301  N N   . ASP A 1 36  ? 17.521  -0.731  1.003   1.00 71.19 ? 1014 ASP A N   1 
ATOM   302  C CA  . ASP A 1 36  ? 18.835  -0.354  0.476   1.00 76.88 ? 1014 ASP A CA  1 
ATOM   303  C C   . ASP A 1 36  ? 19.706  -1.592  0.289   1.00 79.68 ? 1014 ASP A C   1 
ATOM   304  O O   . ASP A 1 36  ? 19.933  -2.327  1.258   1.00 79.88 ? 1014 ASP A O   1 
ATOM   305  C CB  . ASP A 1 36  ? 19.515  0.629   1.425   1.00 76.17 ? 1014 ASP A CB  1 
ATOM   306  C CG  . ASP A 1 36  ? 20.846  1.128   0.904   1.00 83.13 ? 1014 ASP A CG  1 
ATOM   307  O OD1 . ASP A 1 36  ? 21.021  1.218   -0.330  1.00 84.34 ? 1014 ASP A OD1 1 
ATOM   308  O OD2 . ASP A 1 36  ? 21.726  1.420   1.744   1.00 81.62 ? 1014 ASP A OD2 1 
ATOM   309  N N   . PRO A 1 37  ? 20.200  -1.870  -0.926  1.00 82.45 ? 1015 PRO A N   1 
ATOM   310  C CA  . PRO A 1 37  ? 21.058  -3.054  -1.096  1.00 82.60 ? 1015 PRO A CA  1 
ATOM   311  C C   . PRO A 1 37  ? 22.308  -2.971  -0.250  1.00 83.91 ? 1015 PRO A C   1 
ATOM   312  O O   . PRO A 1 37  ? 22.722  -3.972  0.353   1.00 83.15 ? 1015 PRO A O   1 
ATOM   313  C CB  . PRO A 1 37  ? 21.390  -3.045  -2.598  1.00 83.00 ? 1015 PRO A CB  1 
ATOM   314  C CG  . PRO A 1 37  ? 20.440  -2.088  -3.222  1.00 83.10 ? 1015 PRO A CG  1 
ATOM   315  C CD  . PRO A 1 37  ? 20.074  -1.095  -2.172  1.00 78.98 ? 1015 PRO A CD  1 
ATOM   316  N N   . ASP A 1 38  ? 22.899  -1.775  -0.170  1.00 82.64 ? 1016 ASP A N   1 
ATOM   317  C CA  . ASP A 1 38  ? 24.113  -1.579  0.613   1.00 85.46 ? 1016 ASP A CA  1 
ATOM   318  C C   . ASP A 1 38  ? 23.926  -2.053  2.050   1.00 84.89 ? 1016 ASP A C   1 
ATOM   319  O O   . ASP A 1 38  ? 24.814  -2.692  2.624   1.00 85.65 ? 1016 ASP A O   1 
ATOM   320  C CB  . ASP A 1 38  ? 24.520  -0.103  0.575   1.00 85.72 ? 1016 ASP A CB  1 
ATOM   321  C CG  . ASP A 1 38  ? 25.019  0.332   -0.794  1.00 91.22 ? 1016 ASP A CG  1 
ATOM   322  O OD1 . ASP A 1 38  ? 24.819  -0.428  -1.767  1.00 90.54 ? 1016 ASP A OD1 1 
ATOM   323  O OD2 . ASP A 1 38  ? 25.590  1.442   -0.903  1.00 89.04 ? 1016 ASP A OD2 1 
ATOM   324  N N   . GLU A 1 39  ? 22.764  -1.773  2.644   1.00 81.01 ? 1017 GLU A N   1 
ATOM   325  C CA  . GLU A 1 39  ? 22.539  -2.189  4.021   1.00 78.84 ? 1017 GLU A CA  1 
ATOM   326  C C   . GLU A 1 39  ? 21.880  -3.562  4.121   1.00 81.04 ? 1017 GLU A C   1 
ATOM   327  O O   . GLU A 1 39  ? 22.009  -4.222  5.158   1.00 80.96 ? 1017 GLU A O   1 
ATOM   328  C CB  . GLU A 1 39  ? 21.725  -1.108  4.769   1.00 83.64 ? 1017 GLU A CB  1 
ATOM   329  C CG  . GLU A 1 39  ? 20.693  -1.589  5.821   1.00 76.87 ? 1017 GLU A CG  1 
ATOM   330  C CD  . GLU A 1 39  ? 20.103  -0.444  6.637   1.00 83.34 ? 1017 GLU A CD  1 
ATOM   331  O OE1 . GLU A 1 39  ? 19.833  0.665   6.082   1.00 97.37 ? 1017 GLU A OE1 1 
ATOM   332  O OE2 . GLU A 1 39  ? 19.943  -0.624  7.872   1.00 90.32 ? 1017 GLU A OE2 1 
ATOM   333  N N   . VAL A 1 40  ? 21.223  -4.039  3.067   1.00 80.87 ? 1018 VAL A N   1 
ATOM   334  C CA  . VAL A 1 40  ? 20.557  -5.341  3.132   1.00 78.93 ? 1018 VAL A CA  1 
ATOM   335  C C   . VAL A 1 40  ? 20.751  -6.061  1.800   1.00 80.20 ? 1018 VAL A C   1 
ATOM   336  O O   . VAL A 1 40  ? 19.827  -6.088  0.974   1.00 77.28 ? 1018 VAL A O   1 
ATOM   337  C CB  . VAL A 1 40  ? 19.059  -5.192  3.468   1.00 77.40 ? 1018 VAL A CB  1 
ATOM   338  C CG1 . VAL A 1 40  ? 18.400  -6.547  3.624   1.00 73.62 ? 1018 VAL A CG1 1 
ATOM   339  C CG2 . VAL A 1 40  ? 18.831  -4.369  4.732   1.00 74.01 ? 1018 VAL A CG2 1 
ATOM   340  N N   . PRO A 1 41  ? 21.920  -6.665  1.547   1.00 86.39 ? 1019 PRO A N   1 
ATOM   341  C CA  . PRO A 1 41  ? 22.194  -7.193  0.196   1.00 79.95 ? 1019 PRO A CA  1 
ATOM   342  C C   . PRO A 1 41  ? 21.341  -8.379  -0.238  1.00 71.08 ? 1019 PRO A C   1 
ATOM   343  O O   . PRO A 1 41  ? 21.098  -8.527  -1.440  1.00 72.05 ? 1019 PRO A O   1 
ATOM   344  C CB  . PRO A 1 41  ? 23.682  -7.566  0.287   1.00 80.56 ? 1019 PRO A CB  1 
ATOM   345  C CG  . PRO A 1 41  ? 24.223  -6.627  1.319   1.00 83.01 ? 1019 PRO A CG  1 
ATOM   346  C CD  . PRO A 1 41  ? 23.145  -6.638  2.363   1.00 82.28 ? 1019 PRO A CD  1 
ATOM   347  N N   . ASP A 1 42  ? 20.891  -9.237  0.677   1.00 73.85 ? 1020 ASP A N   1 
ATOM   348  C CA  . ASP A 1 42  ? 20.158  -10.425 0.250   1.00 70.59 ? 1020 ASP A CA  1 
ATOM   349  C C   . ASP A 1 42  ? 18.688  -10.158 -0.063  1.00 71.75 ? 1020 ASP A C   1 
ATOM   350  O O   . ASP A 1 42  ? 18.019  -11.051 -0.598  1.00 69.26 ? 1020 ASP A O   1 
ATOM   351  C CB  . ASP A 1 42  ? 20.254  -11.510 1.318   1.00 70.14 ? 1020 ASP A CB  1 
ATOM   352  C CG  . ASP A 1 42  ? 19.690  -11.061 2.638   1.00 75.78 ? 1020 ASP A CG  1 
ATOM   353  O OD1 . ASP A 1 42  ? 19.167  -11.918 3.379   1.00 76.67 ? 1020 ASP A OD1 1 
ATOM   354  O OD2 . ASP A 1 42  ? 19.765  -9.847  2.931   1.00 77.39 ? 1020 ASP A OD2 1 
ATOM   355  N N   . TYR A 1 43  ? 18.175  -8.966  0.253   1.00 71.94 ? 1021 TYR A N   1 
ATOM   356  C CA  . TYR A 1 43  ? 16.760  -8.672  0.031   1.00 66.39 ? 1021 TYR A CA  1 
ATOM   357  C C   . TYR A 1 43  ? 16.418  -8.702  -1.452  1.00 65.03 ? 1021 TYR A C   1 
ATOM   358  O O   . TYR A 1 43  ? 15.470  -9.377  -1.871  1.00 62.83 ? 1021 TYR A O   1 
ATOM   359  C CB  . TYR A 1 43  ? 16.413  -7.309  0.627   1.00 61.63 ? 1021 TYR A CB  1 
ATOM   360  C CG  . TYR A 1 43  ? 14.931  -7.003  0.640   1.00 58.00 ? 1021 TYR A CG  1 
ATOM   361  C CD1 . TYR A 1 43  ? 14.131  -7.415  1.701   1.00 55.51 ? 1021 TYR A CD1 1 
ATOM   362  C CD2 . TYR A 1 43  ? 14.332  -6.302  -0.404  1.00 57.41 ? 1021 TYR A CD2 1 
ATOM   363  C CE1 . TYR A 1 43  ? 12.783  -7.136  1.728   1.00 51.59 ? 1021 TYR A CE1 1 
ATOM   364  C CE2 . TYR A 1 43  ? 12.980  -6.022  -0.391  1.00 45.61 ? 1021 TYR A CE2 1 
ATOM   365  C CZ  . TYR A 1 43  ? 12.213  -6.440  0.680   1.00 48.44 ? 1021 TYR A CZ  1 
ATOM   366  O OH  . TYR A 1 43  ? 10.868  -6.175  0.712   1.00 41.74 ? 1021 TYR A OH  1 
ATOM   367  N N   . VAL A 1 44  ? 17.189  -7.971  -2.262  1.00 68.74 ? 1022 VAL A N   1 
ATOM   368  C CA  . VAL A 1 44  ? 17.007  -7.950  -3.710  1.00 71.52 ? 1022 VAL A CA  1 
ATOM   369  C C   . VAL A 1 44  ? 16.994  -9.357  -4.304  1.00 69.37 ? 1022 VAL A C   1 
ATOM   370  O O   . VAL A 1 44  ? 16.477  -9.561  -5.407  1.00 65.88 ? 1022 VAL A O   1 
ATOM   371  C CB  . VAL A 1 44  ? 18.115  -7.070  -4.337  1.00 72.74 ? 1022 VAL A CB  1 
ATOM   372  C CG1 . VAL A 1 44  ? 19.496  -7.614  -3.976  1.00 74.30 ? 1022 VAL A CG1 1 
ATOM   373  C CG2 . VAL A 1 44  ? 17.949  -6.944  -5.846  1.00 74.26 ? 1022 VAL A CG2 1 
ATOM   374  N N   . THR A 1 45  ? 17.520  -10.344 -3.578  1.00 73.33 ? 1023 THR A N   1 
ATOM   375  C CA  . THR A 1 45  ? 17.601  -11.720 -4.045  1.00 70.85 ? 1023 THR A CA  1 
ATOM   376  C C   . THR A 1 45  ? 16.550  -12.635 -3.426  1.00 67.59 ? 1023 THR A C   1 
ATOM   377  O O   . THR A 1 45  ? 16.554  -13.836 -3.711  1.00 70.59 ? 1023 THR A O   1 
ATOM   378  C CB  . THR A 1 45  ? 18.997  -12.290 -3.760  1.00 70.16 ? 1023 THR A CB  1 
ATOM   379  N N   . VAL A 1 46  ? 15.657  -12.111 -2.588  1.00 69.33 ? 1024 VAL A N   1 
ATOM   380  C CA  . VAL A 1 46  ? 14.629  -12.931 -1.948  1.00 61.45 ? 1024 VAL A CA  1 
ATOM   381  C C   . VAL A 1 46  ? 13.250  -12.408 -2.341  1.00 58.47 ? 1024 VAL A C   1 
ATOM   382  O O   . VAL A 1 46  ? 12.285  -13.177 -2.452  1.00 55.21 ? 1024 VAL A O   1 
ATOM   383  C CB  . VAL A 1 46  ? 14.806  -12.948 -0.414  1.00 64.42 ? 1024 VAL A CB  1 
ATOM   384  C CG1 . VAL A 1 46  ? 13.686  -13.733 0.262   1.00 57.21 ? 1024 VAL A CG1 1 
ATOM   385  C CG2 . VAL A 1 46  ? 16.156  -13.539 -0.037  1.00 67.35 ? 1024 VAL A CG2 1 
ATOM   386  N N   . ILE A 1 47  ? 13.155  -11.099 -2.562  1.00 54.81 ? 1025 ILE A N   1 
ATOM   387  C CA  . ILE A 1 47  ? 11.896  -10.409 -2.820  1.00 50.98 ? 1025 ILE A CA  1 
ATOM   388  C C   . ILE A 1 47  ? 11.872  -10.021 -4.293  1.00 41.30 ? 1025 ILE A C   1 
ATOM   389  O O   . ILE A 1 47  ? 12.583  -9.098  -4.708  1.00 44.92 ? 1025 ILE A O   1 
ATOM   390  C CB  . ILE A 1 47  ? 11.736  -9.170  -1.929  1.00 46.75 ? 1025 ILE A CB  1 
ATOM   391  C CG1 . ILE A 1 47  ? 11.737  -9.548  -0.444  1.00 43.91 ? 1025 ILE A CG1 1 
ATOM   392  C CG2 . ILE A 1 47  ? 10.461  -8.437  -2.280  1.00 37.44 ? 1025 ILE A CG2 1 
ATOM   393  C CD1 . ILE A 1 47  ? 10.672  -10.527 -0.010  1.00 40.93 ? 1025 ILE A CD1 1 
ATOM   394  N N   . LYS A 1 48  ? 11.035  -10.694 -5.087  1.00 47.68 ? 1026 LYS A N   1 
ATOM   395  C CA  . LYS A 1 48  ? 11.030  -10.445 -6.529  1.00 46.70 ? 1026 LYS A CA  1 
ATOM   396  C C   . LYS A 1 48  ? 10.300  -9.162  -6.906  1.00 51.15 ? 1026 LYS A C   1 
ATOM   397  O O   . LYS A 1 48  ? 10.584  -8.578  -7.959  1.00 44.80 ? 1026 LYS A O   1 
ATOM   398  C CB  . LYS A 1 48  ? 10.399  -11.627 -7.267  1.00 53.33 ? 1026 LYS A CB  1 
ATOM   399  C CG  . LYS A 1 48  ? 11.159  -12.933 -7.115  1.00 56.32 ? 1026 LYS A CG  1 
ATOM   400  C CD  . LYS A 1 48  ? 12.622  -12.762 -7.494  1.00 58.12 ? 1026 LYS A CD  1 
ATOM   401  C CE  . LYS A 1 48  ? 13.474  -13.894 -6.933  1.00 58.53 ? 1026 LYS A CE  1 
ATOM   402  N NZ  . LYS A 1 48  ? 14.881  -13.469 -6.666  1.00 63.12 ? 1026 LYS A NZ  1 
ATOM   403  N N   . GLN A 1 49  ? 9.364   -8.707  -6.077  1.00 46.23 ? 1027 GLN A N   1 
ATOM   404  C CA  . GLN A 1 49  ? 8.520   -7.560  -6.399  1.00 41.80 ? 1027 GLN A CA  1 
ATOM   405  C C   . GLN A 1 49  ? 8.491   -6.596  -5.220  1.00 40.64 ? 1027 GLN A C   1 
ATOM   406  O O   . GLN A 1 49  ? 7.528   -6.578  -4.443  1.00 36.77 ? 1027 GLN A O   1 
ATOM   407  C CB  . GLN A 1 49  ? 7.110   -8.014  -6.776  1.00 39.40 ? 1027 GLN A CB  1 
ATOM   408  C CG  . GLN A 1 49  ? 6.355   -6.949  -7.520  1.00 41.70 ? 1027 GLN A CG  1 
ATOM   409  C CD  . GLN A 1 49  ? 4.985   -7.384  -7.990  1.00 43.45 ? 1027 GLN A CD  1 
ATOM   410  O OE1 . GLN A 1 49  ? 4.547   -8.515  -7.762  1.00 45.00 ? 1027 GLN A OE1 1 
ATOM   411  N NE2 . GLN A 1 49  ? 4.288   -6.466  -8.650  1.00 51.39 ? 1027 GLN A NE2 1 
ATOM   412  N N   . PRO A 1 50  ? 9.517   -5.761  -5.077  1.00 40.43 ? 1028 PRO A N   1 
ATOM   413  C CA  . PRO A 1 50  ? 9.577   -4.852  -3.925  1.00 39.21 ? 1028 PRO A CA  1 
ATOM   414  C C   . PRO A 1 50  ? 8.477   -3.803  -3.978  1.00 41.99 ? 1028 PRO A C   1 
ATOM   415  O O   . PRO A 1 50  ? 8.099   -3.315  -5.045  1.00 35.91 ? 1028 PRO A O   1 
ATOM   416  C CB  . PRO A 1 50  ? 10.957  -4.193  -4.059  1.00 44.01 ? 1028 PRO A CB  1 
ATOM   417  C CG  . PRO A 1 50  ? 11.670  -4.949  -5.156  1.00 47.51 ? 1028 PRO A CG  1 
ATOM   418  C CD  . PRO A 1 50  ? 10.620  -5.531  -6.022  1.00 41.11 ? 1028 PRO A CD  1 
ATOM   419  N N   . MET A 1 51  ? 7.971   -3.447  -2.799  1.00 32.90 ? 1029 MET A N   1 
ATOM   420  C CA  . MET A 1 51  ? 6.962   -2.407  -2.695  1.00 31.53 ? 1029 MET A CA  1 
ATOM   421  C C   . MET A 1 51  ? 7.171   -1.672  -1.379  1.00 31.66 ? 1029 MET A C   1 
ATOM   422  O O   . MET A 1 51  ? 7.577   -2.270  -0.377  1.00 32.49 ? 1029 MET A O   1 
ATOM   423  C CB  . MET A 1 51  ? 5.548   -3.002  -2.791  1.00 30.43 ? 1029 MET A CB  1 
ATOM   424  C CG  . MET A 1 51  ? 4.414   -1.956  -2.926  1.00 31.86 ? 1029 MET A CG  1 
ATOM   425  S SD  . MET A 1 51  ? 4.623   -0.760  -4.266  1.00 33.23 ? 1029 MET A SD  1 
ATOM   426  C CE  . MET A 1 51  ? 4.775   -1.847  -5.687  1.00 35.92 ? 1029 MET A CE  1 
ATOM   427  N N   . ASP A 1 52  ? 6.909   -0.368  -1.397  1.00 31.71 ? 1030 ASP A N   1 
ATOM   428  C CA  . ASP A 1 52  ? 7.056   0.474   -0.218  1.00 32.44 ? 1030 ASP A CA  1 
ATOM   429  C C   . ASP A 1 52  ? 6.115   1.658   -0.370  1.00 32.72 ? 1030 ASP A C   1 
ATOM   430  O O   . ASP A 1 52  ? 5.559   1.893   -1.442  1.00 29.00 ? 1030 ASP A O   1 
ATOM   431  C CB  . ASP A 1 52  ? 8.500   0.943   -0.054  1.00 31.53 ? 1030 ASP A CB  1 
ATOM   432  C CG  . ASP A 1 52  ? 8.915   1.874   -1.167  1.00 36.43 ? 1030 ASP A CG  1 
ATOM   433  O OD1 . ASP A 1 52  ? 9.319   1.384   -2.246  1.00 46.97 ? 1030 ASP A OD1 1 
ATOM   434  O OD2 . ASP A 1 52  ? 8.796   3.091   -0.979  1.00 40.47 ? 1030 ASP A OD2 1 
ATOM   435  N N   . LEU A 1 53  ? 5.948   2.423   0.712   1.00 27.77 ? 1031 LEU A N   1 
ATOM   436  C CA  . LEU A 1 53  ? 4.940   3.480   0.681   1.00 27.50 ? 1031 LEU A CA  1 
ATOM   437  C C   . LEU A 1 53  ? 5.350   4.642   -0.217  1.00 28.57 ? 1031 LEU A C   1 
ATOM   438  O O   . LEU A 1 53  ? 4.485   5.357   -0.731  1.00 28.52 ? 1031 LEU A O   1 
ATOM   439  C CB  . LEU A 1 53  ? 4.648   3.982   2.099   1.00 25.11 ? 1031 LEU A CB  1 
ATOM   440  C CG  . LEU A 1 53  ? 4.050   2.948   3.049   1.00 26.57 ? 1031 LEU A CG  1 
ATOM   441  C CD1 . LEU A 1 53  ? 4.027   3.543   4.471   1.00 26.14 ? 1031 LEU A CD1 1 
ATOM   442  C CD2 . LEU A 1 53  ? 2.648   2.509   2.607   1.00 24.35 ? 1031 LEU A CD2 1 
ATOM   443  N N   . SER A 1 54  ? 6.649   4.872   -0.410  1.00 30.43 ? 1032 SER A N   1 
ATOM   444  C CA  . SER A 1 54  ? 7.043   5.918   -1.350  1.00 31.98 ? 1032 SER A CA  1 
ATOM   445  C C   . SER A 1 54  ? 6.701   5.514   -2.775  1.00 27.66 ? 1032 SER A C   1 
ATOM   446  O O   . SER A 1 54  ? 6.283   6.351   -3.584  1.00 32.95 ? 1032 SER A O   1 
ATOM   447  C CB  A SER A 1 54  ? 8.537   6.214   -1.217  0.53 32.24 ? 1032 SER A CB  1 
ATOM   448  C CB  B SER A 1 54  ? 8.538   6.220   -1.220  0.47 31.63 ? 1032 SER A CB  1 
ATOM   449  O OG  A SER A 1 54  ? 9.287   5.095   -1.646  0.53 34.72 ? 1032 SER A OG  1 
ATOM   450  O OG  B SER A 1 54  ? 8.832   6.829   0.023   0.47 35.77 ? 1032 SER A OG  1 
ATOM   451  N N   . SER A 1 55  ? 6.863   4.231   -3.095  1.00 28.83 ? 1033 SER A N   1 
ATOM   452  C CA  . SER A 1 55  ? 6.510   3.754   -4.426  1.00 31.75 ? 1033 SER A CA  1 
ATOM   453  C C   . SER A 1 55  ? 5.007   3.804   -4.633  1.00 32.56 ? 1033 SER A C   1 
ATOM   454  O O   . SER A 1 55  ? 4.538   4.088   -5.739  1.00 28.89 ? 1033 SER A O   1 
ATOM   455  C CB  . SER A 1 55  ? 7.038   2.339   -4.631  1.00 34.69 ? 1033 SER A CB  1 
ATOM   456  O OG  . SER A 1 55  ? 8.453   2.326   -4.508  1.00 45.87 ? 1033 SER A OG  1 
ATOM   457  N N   . VAL A 1 56  ? 4.240   3.535   -3.573  1.00 29.30 ? 1034 VAL A N   1 
ATOM   458  C CA  . VAL A 1 56  ? 2.787   3.656   -3.649  1.00 26.99 ? 1034 VAL A CA  1 
ATOM   459  C C   . VAL A 1 56  ? 2.387   5.083   -4.001  1.00 26.85 ? 1034 VAL A C   1 
ATOM   460  O O   . VAL A 1 56  ? 1.512   5.309   -4.847  1.00 26.52 ? 1034 VAL A O   1 
ATOM   461  C CB  . VAL A 1 56  ? 2.147   3.193   -2.326  1.00 24.08 ? 1034 VAL A CB  1 
ATOM   462  C CG1 . VAL A 1 56  ? 0.687   3.640   -2.257  1.00 26.28 ? 1034 VAL A CG1 1 
ATOM   463  C CG2 . VAL A 1 56  ? 2.264   1.672   -2.194  1.00 26.50 ? 1034 VAL A CG2 1 
ATOM   464  N N   . ILE A 1 57  ? 3.012   6.069   -3.350  1.00 24.05 ? 1035 ILE A N   1 
ATOM   465  C CA  . ILE A 1 57  ? 2.725   7.473   -3.655  1.00 25.78 ? 1035 ILE A CA  1 
ATOM   466  C C   . ILE A 1 57  ? 3.017   7.766   -5.123  1.00 28.12 ? 1035 ILE A C   1 
ATOM   467  O O   . ILE A 1 57  ? 2.231   8.426   -5.808  1.00 26.77 ? 1035 ILE A O   1 
ATOM   468  C CB  . ILE A 1 57  ? 3.536   8.409   -2.738  1.00 31.80 ? 1035 ILE A CB  1 
ATOM   469  C CG1 . ILE A 1 57  ? 3.029   8.304   -1.301  1.00 34.55 ? 1035 ILE A CG1 1 
ATOM   470  C CG2 . ILE A 1 57  ? 3.422   9.855   -3.224  1.00 35.07 ? 1035 ILE A CG2 1 
ATOM   471  C CD1 . ILE A 1 57  ? 1.652   8.884   -1.133  1.00 39.28 ? 1035 ILE A CD1 1 
ATOM   472  N N   . SER A 1 58  ? 4.160   7.289   -5.618  1.00 31.16 ? 1036 SER A N   1 
ATOM   473  C CA  . SER A 1 58  ? 4.498   7.489   -7.030  1.00 30.47 ? 1036 SER A CA  1 
ATOM   474  C C   . SER A 1 58  ? 3.444   6.880   -7.947  1.00 27.57 ? 1036 SER A C   1 
ATOM   475  O O   . SER A 1 58  ? 3.045   7.496   -8.946  1.00 30.23 ? 1036 SER A O   1 
ATOM   476  C CB  . SER A 1 58  ? 5.870   6.886   -7.332  1.00 33.45 ? 1036 SER A CB  1 
ATOM   477  O OG  . SER A 1 58  ? 6.869   7.539   -6.582  1.00 39.55 ? 1036 SER A OG  1 
ATOM   478  N N   . LYS A 1 59  ? 2.960   5.684   -7.611  1.00 27.64 ? 1037 LYS A N   1 
ATOM   479  C CA  . LYS A 1 59  ? 1.968   5.032   -8.457  1.00 28.01 ? 1037 LYS A CA  1 
ATOM   480  C C   . LYS A 1 59  ? 0.625   5.760   -8.410  1.00 28.35 ? 1037 LYS A C   1 
ATOM   481  O O   . LYS A 1 59  ? -0.068  5.855   -9.430  1.00 26.31 ? 1037 LYS A O   1 
ATOM   482  C CB  . LYS A 1 59  ? 1.824   3.568   -8.045  1.00 26.05 ? 1037 LYS A CB  1 
ATOM   483  C CG  . LYS A 1 59  ? 3.032   2.700   -8.473  1.00 27.82 ? 1037 LYS A CG  1 
ATOM   484  C CD  . LYS A 1 59  ? 2.855   1.239   -8.081  1.00 30.72 ? 1037 LYS A CD  1 
ATOM   485  C CE  . LYS A 1 59  ? 1.714   0.595   -8.851  1.00 30.56 ? 1037 LYS A CE  1 
ATOM   486  N NZ  . LYS A 1 59  ? 1.718   -0.886  -8.717  1.00 31.53 ? 1037 LYS A NZ  1 
ATOM   487  N N   . ILE A 1 60  ? 0.231   6.274   -7.239  1.00 25.96 ? 1038 ILE A N   1 
ATOM   488  C CA  . ILE A 1 60  ? -0.986  7.086   -7.180  1.00 25.03 ? 1038 ILE A CA  1 
ATOM   489  C C   . ILE A 1 60  ? -0.893  8.220   -8.192  1.00 25.84 ? 1038 ILE A C   1 
ATOM   490  O O   . ILE A 1 60  ? -1.820  8.457   -8.981  1.00 27.92 ? 1038 ILE A O   1 
ATOM   491  C CB  . ILE A 1 60  ? -1.211  7.640   -5.759  1.00 26.60 ? 1038 ILE A CB  1 
ATOM   492  C CG1 . ILE A 1 60  ? -1.509  6.519   -4.759  1.00 24.11 ? 1038 ILE A CG1 1 
ATOM   493  C CG2 . ILE A 1 60  ? -2.354  8.656   -5.757  1.00 27.96 ? 1038 ILE A CG2 1 
ATOM   494  C CD1 . ILE A 1 60  ? -1.523  7.041   -3.297  1.00 26.96 ? 1038 ILE A CD1 1 
ATOM   495  N N   . ASP A 1 61  ? 0.239   8.929   -8.181  1.00 26.25 ? 1039 ASP A N   1 
ATOM   496  C CA  . ASP A 1 61  ? 0.426   10.112  -9.016  1.00 30.65 ? 1039 ASP A CA  1 
ATOM   497  C C   . ASP A 1 61  ? 0.581   9.766   -10.487 1.00 34.33 ? 1039 ASP A C   1 
ATOM   498  O O   . ASP A 1 61  ? 0.343   10.631  -11.341 1.00 36.03 ? 1039 ASP A O   1 
ATOM   499  C CB  . ASP A 1 61  ? 1.645   10.910  -8.556  1.00 30.31 ? 1039 ASP A CB  1 
ATOM   500  C CG  . ASP A 1 61  ? 1.435   11.569  -7.203  1.00 36.93 ? 1039 ASP A CG  1 
ATOM   501  O OD1 . ASP A 1 61  ? 0.268   11.669  -6.767  1.00 37.91 ? 1039 ASP A OD1 1 
ATOM   502  O OD2 . ASP A 1 61  ? 2.436   11.990  -6.582  1.00 35.56 ? 1039 ASP A OD2 1 
ATOM   503  N N   . LEU A 1 62  ? 0.989   8.539   -10.801 1.00 30.24 ? 1040 LEU A N   1 
ATOM   504  C CA  . LEU A 1 62  ? 0.999   8.044   -12.174 1.00 28.41 ? 1040 LEU A CA  1 
ATOM   505  C C   . LEU A 1 62  ? -0.342  7.465   -12.593 1.00 30.90 ? 1040 LEU A C   1 
ATOM   506  O O   . LEU A 1 62  ? -0.426  6.838   -13.654 1.00 33.53 ? 1040 LEU A O   1 
ATOM   507  C CB  . LEU A 1 62  ? 2.107   6.994   -12.350 1.00 28.21 ? 1040 LEU A CB  1 
ATOM   508  C CG  . LEU A 1 62  ? 3.524   7.556   -12.228 1.00 32.32 ? 1040 LEU A CG  1 
ATOM   509  C CD1 . LEU A 1 62  ? 4.548   6.435   -12.173 1.00 37.54 ? 1040 LEU A CD1 1 
ATOM   510  C CD2 . LEU A 1 62  ? 3.834   8.495   -13.389 1.00 36.76 ? 1040 LEU A CD2 1 
ATOM   511  N N   . HIS A 1 63  ? -1.394  7.663   -11.793 1.00 30.07 ? 1041 HIS A N   1 
ATOM   512  C CA  . HIS A 1 63  ? -2.732  7.163   -12.103 1.00 30.02 ? 1041 HIS A CA  1 
ATOM   513  C C   . HIS A 1 63  ? -2.758  5.646   -12.254 1.00 34.15 ? 1041 HIS A C   1 
ATOM   514  O O   . HIS A 1 63  ? -3.548  5.106   -13.032 1.00 34.18 ? 1041 HIS A O   1 
ATOM   515  C CB  . HIS A 1 63  ? -3.313  7.800   -13.381 1.00 29.82 ? 1041 HIS A CB  1 
ATOM   516  C CG  . HIS A 1 63  ? -3.520  9.281   -13.310 1.00 32.43 ? 1041 HIS A CG  1 
ATOM   517  N ND1 . HIS A 1 63  ? -2.797  10.111  -12.480 1.00 37.10 ? 1041 HIS A ND1 1 
ATOM   518  C CD2 . HIS A 1 63  ? -4.360  10.083  -14.004 1.00 31.21 ? 1041 HIS A CD2 1 
ATOM   519  C CE1 . HIS A 1 63  ? -3.191  11.361  -12.657 1.00 32.77 ? 1041 HIS A CE1 1 
ATOM   520  N NE2 . HIS A 1 63  ? -4.138  11.369  -13.579 1.00 33.30 ? 1041 HIS A NE2 1 
ATOM   521  N N   . LYS A 1 64  ? -1.916  4.931   -11.511 1.00 30.50 ? 1042 LYS A N   1 
ATOM   522  C CA  . LYS A 1 64  ? -1.890  3.476   -11.622 1.00 29.18 ? 1042 LYS A CA  1 
ATOM   523  C C   . LYS A 1 64  ? -2.984  2.779   -10.820 1.00 29.79 ? 1042 LYS A C   1 
ATOM   524  O O   . LYS A 1 64  ? -3.228  1.591   -11.050 1.00 30.97 ? 1042 LYS A O   1 
ATOM   525  C CB  . LYS A 1 64  ? -0.529  2.935   -11.178 1.00 30.12 ? 1042 LYS A CB  1 
ATOM   526  C CG  . LYS A 1 64  ? 0.634   3.430   -12.011 1.00 32.00 ? 1042 LYS A CG  1 
ATOM   527  C CD  . LYS A 1 64  ? 0.704   2.706   -13.328 1.00 38.89 ? 1042 LYS A CD  1 
ATOM   528  C CE  . LYS A 1 64  ? 1.970   3.106   -14.089 1.00 45.54 ? 1042 LYS A CE  1 
ATOM   529  N NZ  . LYS A 1 64  ? 1.974   2.554   -15.466 1.00 53.79 ? 1042 LYS A NZ  1 
ATOM   530  N N   . TYR A 1 65  ? -3.638  3.462   -9.879  1.00 27.00 ? 1043 TYR A N   1 
ATOM   531  C CA  . TYR A 1 65  ? -4.711  2.861   -9.087  1.00 26.91 ? 1043 TYR A CA  1 
ATOM   532  C C   . TYR A 1 65  ? -6.042  3.431   -9.551  1.00 30.39 ? 1043 TYR A C   1 
ATOM   533  O O   . TYR A 1 65  ? -6.317  4.618   -9.349  1.00 31.48 ? 1043 TYR A O   1 
ATOM   534  C CB  . TYR A 1 65  ? -4.533  3.126   -7.594  1.00 26.04 ? 1043 TYR A CB  1 
ATOM   535  C CG  . TYR A 1 65  ? -3.210  2.655   -7.042  1.00 26.40 ? 1043 TYR A CG  1 
ATOM   536  C CD1 . TYR A 1 65  ? -2.845  1.310   -7.107  1.00 28.24 ? 1043 TYR A CD1 1 
ATOM   537  C CD2 . TYR A 1 65  ? -2.322  3.556   -6.466  1.00 26.92 ? 1043 TYR A CD2 1 
ATOM   538  C CE1 . TYR A 1 65  ? -1.622  0.874   -6.587  1.00 28.95 ? 1043 TYR A CE1 1 
ATOM   539  C CE2 . TYR A 1 65  ? -1.106  3.131   -5.943  1.00 25.14 ? 1043 TYR A CE2 1 
ATOM   540  C CZ  . TYR A 1 65  ? -0.763  1.795   -6.008  1.00 25.90 ? 1043 TYR A CZ  1 
ATOM   541  O OH  . TYR A 1 65  ? 0.456   1.379   -5.503  1.00 28.02 ? 1043 TYR A OH  1 
ATOM   542  N N   . LEU A 1 66  ? -6.871  2.582   -10.151 1.00 30.05 ? 1044 LEU A N   1 
ATOM   543  C CA  . LEU A 1 66  ? -8.215  2.996   -10.530 1.00 33.21 ? 1044 LEU A CA  1 
ATOM   544  C C   . LEU A 1 66  ? -9.275  2.498   -9.562  1.00 29.98 ? 1044 LEU A C   1 
ATOM   545  O O   . LEU A 1 66  ? -10.435 2.909   -9.670  1.00 30.92 ? 1044 LEU A O   1 
ATOM   546  C CB  . LEU A 1 66  ? -8.558  2.499   -11.943 1.00 33.54 ? 1044 LEU A CB  1 
ATOM   547  C CG  . LEU A 1 66  ? -7.741  3.045   -13.114 1.00 42.35 ? 1044 LEU A CG  1 
ATOM   548  C CD1 . LEU A 1 66  ? -8.464  2.772   -14.443 1.00 42.55 ? 1044 LEU A CD1 1 
ATOM   549  C CD2 . LEU A 1 66  ? -7.421  4.514   -12.967 1.00 35.46 ? 1044 LEU A CD2 1 
ATOM   550  N N   . THR A 1 67  ? -8.919  1.632   -8.614  1.00 27.01 ? 1045 THR A N   1 
ATOM   551  C CA  . THR A 1 67  ? -9.854  1.162   -7.606  1.00 24.82 ? 1045 THR A CA  1 
ATOM   552  C C   . THR A 1 67  ? -9.101  1.064   -6.291  1.00 29.03 ? 1045 THR A C   1 
ATOM   553  O O   . THR A 1 67  ? -7.873  1.024   -6.270  1.00 25.90 ? 1045 THR A O   1 
ATOM   554  C CB  . THR A 1 67  ? -10.436 -0.214  -7.938  1.00 30.92 ? 1045 THR A CB  1 
ATOM   555  O OG1 . THR A 1 67  ? -9.366  -1.156  -7.961  1.00 31.95 ? 1045 THR A OG1 1 
ATOM   556  C CG2 . THR A 1 67  ? -11.122 -0.229  -9.313  1.00 32.82 ? 1045 THR A CG2 1 
ATOM   557  N N   . VAL A 1 68  ? -9.849  1.006   -5.192  1.00 25.88 ? 1046 VAL A N   1 
ATOM   558  C CA  A VAL A 1 68  ? -9.193  0.792   -3.909  0.36 26.75 ? 1046 VAL A CA  1 
ATOM   559  C CA  B VAL A 1 68  ? -9.223  0.785   -3.896  0.64 26.68 ? 1046 VAL A CA  1 
ATOM   560  C C   . VAL A 1 68  ? -8.622  -0.613  -3.834  1.00 29.62 ? 1046 VAL A C   1 
ATOM   561  O O   . VAL A 1 68  ? -7.616  -0.829  -3.151  1.00 29.69 ? 1046 VAL A O   1 
ATOM   562  C CB  A VAL A 1 68  ? -10.155 1.073   -2.733  0.36 31.03 ? 1046 VAL A CB  1 
ATOM   563  C CB  B VAL A 1 68  ? -10.251 1.026   -2.775  0.64 30.98 ? 1046 VAL A CB  1 
ATOM   564  C CG1 A VAL A 1 68  ? -10.842 -0.188  -2.256  0.36 37.92 ? 1046 VAL A CG1 1 
ATOM   565  C CG1 B VAL A 1 68  ? -9.576  0.955   -1.403  0.64 37.92 ? 1046 VAL A CG1 1 
ATOM   566  C CG2 A VAL A 1 68  ? -9.404  1.697   -1.554  0.36 33.78 ? 1046 VAL A CG2 1 
ATOM   567  C CG2 B VAL A 1 68  ? -10.914 2.374   -2.952  0.64 30.78 ? 1046 VAL A CG2 1 
ATOM   568  N N   . LYS A 1 69  ? -9.226  -1.584  -4.534  1.00 32.04 ? 1047 LYS A N   1 
ATOM   569  C CA  . LYS A 1 69  ? -8.668  -2.933  -4.549  1.00 30.54 ? 1047 LYS A CA  1 
ATOM   570  C C   . LYS A 1 69  ? -7.291  -2.953  -5.193  1.00 31.05 ? 1047 LYS A C   1 
ATOM   571  O O   . LYS A 1 69  ? -6.393  -3.655  -4.712  1.00 32.28 ? 1047 LYS A O   1 
ATOM   572  C CB  . LYS A 1 69  ? -9.618  -3.891  -5.274  1.00 37.28 ? 1047 LYS A CB  1 
ATOM   573  C CG  . LYS A 1 69  ? -10.655 -4.513  -4.370  1.00 43.66 ? 1047 LYS A CG  1 
ATOM   574  C CD  . LYS A 1 69  ? -11.613 -5.397  -5.169  1.00 50.42 ? 1047 LYS A CD  1 
ATOM   575  N N   . ASP A 1 70  ? -7.094  -2.190  -6.276  1.00 29.20 ? 1048 ASP A N   1 
ATOM   576  C CA  . ASP A 1 70  ? -5.763  -2.100  -6.875  1.00 28.65 ? 1048 ASP A CA  1 
ATOM   577  C C   . ASP A 1 70  ? -4.755  -1.557  -5.871  1.00 31.03 ? 1048 ASP A C   1 
ATOM   578  O O   . ASP A 1 70  ? -3.599  -1.990  -5.837  1.00 28.64 ? 1048 ASP A O   1 
ATOM   579  C CB  . ASP A 1 70  ? -5.769  -1.193  -8.106  1.00 32.40 ? 1048 ASP A CB  1 
ATOM   580  C CG  . ASP A 1 70  ? -6.530  -1.779  -9.281  1.00 41.86 ? 1048 ASP A CG  1 
ATOM   581  O OD1 . ASP A 1 70  ? -6.828  -2.993  -9.266  1.00 41.76 ? 1048 ASP A OD1 1 
ATOM   582  O OD2 . ASP A 1 70  ? -6.827  -1.001  -10.223 1.00 47.27 ? 1048 ASP A OD2 1 
ATOM   583  N N   . TYR A 1 71  ? -5.172  -0.577  -5.074  1.00 27.17 ? 1049 TYR A N   1 
ATOM   584  C CA  . TYR A 1 71  ? -4.298  0.008   -4.061  1.00 25.46 ? 1049 TYR A CA  1 
ATOM   585  C C   . TYR A 1 71  ? -3.981  -1.007  -2.971  1.00 26.70 ? 1049 TYR A C   1 
ATOM   586  O O   . TYR A 1 71  ? -2.818  -1.176  -2.574  1.00 26.80 ? 1049 TYR A O   1 
ATOM   587  C CB  . TYR A 1 71  ? -4.985  1.239   -3.468  1.00 25.72 ? 1049 TYR A CB  1 
ATOM   588  C CG  . TYR A 1 71  ? -4.330  1.853   -2.257  1.00 23.28 ? 1049 TYR A CG  1 
ATOM   589  C CD1 . TYR A 1 71  ? -3.277  2.752   -2.392  1.00 22.82 ? 1049 TYR A CD1 1 
ATOM   590  C CD2 . TYR A 1 71  ? -4.788  1.555   -0.974  1.00 25.75 ? 1049 TYR A CD2 1 
ATOM   591  C CE1 . TYR A 1 71  ? -2.686  3.334   -1.276  1.00 24.08 ? 1049 TYR A CE1 1 
ATOM   592  C CE2 . TYR A 1 71  ? -4.194  2.125   0.142   1.00 23.01 ? 1049 TYR A CE2 1 
ATOM   593  C CZ  . TYR A 1 71  ? -3.153  3.000   -0.009  1.00 23.65 ? 1049 TYR A CZ  1 
ATOM   594  O OH  . TYR A 1 71  ? -2.591  3.579   1.113   1.00 20.85 ? 1049 TYR A OH  1 
ATOM   595  N N   . LEU A 1 72  ? -5.013  -1.675  -2.453  1.00 26.45 ? 1050 LEU A N   1 
ATOM   596  C CA  . LEU A 1 72  ? -4.793  -2.621  -1.359  1.00 27.38 ? 1050 LEU A CA  1 
ATOM   597  C C   . LEU A 1 72  ? -3.952  -3.811  -1.795  1.00 31.59 ? 1050 LEU A C   1 
ATOM   598  O O   . LEU A 1 72  ? -3.300  -4.442  -0.955  1.00 28.98 ? 1050 LEU A O   1 
ATOM   599  C CB  . LEU A 1 72  ? -6.128  -3.104  -0.796  1.00 28.28 ? 1050 LEU A CB  1 
ATOM   600  C CG  . LEU A 1 72  ? -6.877  -2.040  0.008   1.00 30.59 ? 1050 LEU A CG  1 
ATOM   601  C CD1 . LEU A 1 72  ? -8.255  -2.535  0.419   1.00 31.13 ? 1050 LEU A CD1 1 
ATOM   602  C CD2 . LEU A 1 72  ? -6.061  -1.649  1.228   1.00 28.81 ? 1050 LEU A CD2 1 
ATOM   603  N N   . ARG A 1 73  ? -3.955  -4.141  -3.090  1.00 27.74 ? 1051 ARG A N   1 
ATOM   604  C CA  . ARG A 1 73  ? -3.043  -5.167  -3.584  1.00 32.65 ? 1051 ARG A CA  1 
ATOM   605  C C   . ARG A 1 73  ? -1.587  -4.795  -3.315  1.00 30.46 ? 1051 ARG A C   1 
ATOM   606  O O   . ARG A 1 73  ? -0.766  -5.666  -2.997  1.00 31.55 ? 1051 ARG A O   1 
ATOM   607  C CB  . ARG A 1 73  ? -3.268  -5.387  -5.079  1.00 34.10 ? 1051 ARG A CB  1 
ATOM   608  C CG  . ARG A 1 73  ? -2.533  -6.576  -5.646  1.00 45.15 ? 1051 ARG A CG  1 
ATOM   609  C CD  . ARG A 1 73  ? -3.281  -7.140  -6.848  1.00 52.51 ? 1051 ARG A CD  1 
ATOM   610  N NE  . ARG A 1 73  ? -3.376  -6.133  -7.899  1.00 50.31 ? 1051 ARG A NE  1 
ATOM   611  C CZ  . ARG A 1 73  ? -4.519  -5.614  -8.335  1.00 52.99 ? 1051 ARG A CZ  1 
ATOM   612  N NH1 . ARG A 1 73  ? -5.677  -6.040  -7.833  1.00 50.73 ? 1051 ARG A NH1 1 
ATOM   613  N NH2 . ARG A 1 73  ? -4.504  -4.689  -9.295  1.00 50.58 ? 1051 ARG A NH2 1 
ATOM   614  N N   . ASP A 1 74  ? -1.240  -3.509  -3.450  1.00 25.91 ? 1052 ASP A N   1 
ATOM   615  C CA  . ASP A 1 74  ? 0.134   -3.110  -3.164  1.00 25.11 ? 1052 ASP A CA  1 
ATOM   616  C C   . ASP A 1 74  ? 0.394   -2.988  -1.660  1.00 27.28 ? 1052 ASP A C   1 
ATOM   617  O O   . ASP A 1 74  ? 1.512   -3.281  -1.210  1.00 26.52 ? 1052 ASP A O   1 
ATOM   618  C CB  . ASP A 1 74  ? 0.471   -1.806  -3.883  1.00 27.51 ? 1052 ASP A CB  1 
ATOM   619  C CG  . ASP A 1 74  ? 0.936   -2.041  -5.324  1.00 34.35 ? 1052 ASP A CG  1 
ATOM   620  O OD1 . ASP A 1 74  ? 1.176   -3.226  -5.675  1.00 32.51 ? 1052 ASP A OD1 1 
ATOM   621  O OD2 . ASP A 1 74  ? 1.075   -1.053  -6.089  1.00 29.77 ? 1052 ASP A OD2 1 
ATOM   622  N N   . ILE A 1 75  ? -0.596  -2.553  -0.872  1.00 24.44 ? 1053 ILE A N   1 
ATOM   623  C CA  . ILE A 1 75  ? -0.440  -2.624  0.585   1.00 23.70 ? 1053 ILE A CA  1 
ATOM   624  C C   . ILE A 1 75  ? -0.216  -4.069  1.009   1.00 26.48 ? 1053 ILE A C   1 
ATOM   625  O O   . ILE A 1 75  ? 0.657   -4.372  1.832   1.00 26.17 ? 1053 ILE A O   1 
ATOM   626  C CB  . ILE A 1 75  ? -1.659  -2.025  1.312   1.00 26.55 ? 1053 ILE A CB  1 
ATOM   627  C CG1 . ILE A 1 75  ? -1.850  -0.535  0.993   1.00 28.03 ? 1053 ILE A CG1 1 
ATOM   628  C CG2 . ILE A 1 75  ? -1.530  -2.265  2.840   1.00 28.37 ? 1053 ILE A CG2 1 
ATOM   629  C CD1 . ILE A 1 75  ? -0.612  0.345   1.195   1.00 26.21 ? 1053 ILE A CD1 1 
ATOM   630  N N   . ASP A 1 76  ? -1.015  -4.989  0.457   1.00 25.71 ? 1054 ASP A N   1 
ATOM   631  C CA  . ASP A 1 76  ? -0.831  -6.400  0.793   1.00 26.32 ? 1054 ASP A CA  1 
ATOM   632  C C   . ASP A 1 76  ? 0.537   -6.911  0.359   1.00 27.23 ? 1054 ASP A C   1 
ATOM   633  O O   . ASP A 1 76  ? 1.106   -7.788  1.027   1.00 30.19 ? 1054 ASP A O   1 
ATOM   634  C CB  . ASP A 1 76  ? -1.933  -7.248  0.164   1.00 30.26 ? 1054 ASP A CB  1 
ATOM   635  C CG  . ASP A 1 76  ? -3.245  -7.141  0.908   1.00 36.63 ? 1054 ASP A CG  1 
ATOM   636  O OD1 . ASP A 1 76  ? -3.223  -7.014  2.148   1.00 42.95 ? 1054 ASP A OD1 1 
ATOM   637  O OD2 . ASP A 1 76  ? -4.302  -7.197  0.257   1.00 38.95 ? 1054 ASP A OD2 1 
ATOM   638  N N   . LEU A 1 77  ? 1.088   -6.373  -0.739  1.00 25.04 ? 1055 LEU A N   1 
ATOM   639  C CA  . LEU A 1 77  ? 2.411   -6.792  -1.193  1.00 27.31 ? 1055 LEU A CA  1 
ATOM   640  C C   . LEU A 1 77  ? 3.497   -6.284  -0.247  1.00 30.39 ? 1055 LEU A C   1 
ATOM   641  O O   . LEU A 1 77  ? 4.449   -7.013  0.060   1.00 29.84 ? 1055 LEU A O   1 
ATOM   642  C CB  . LEU A 1 77  ? 2.653   -6.299  -2.620  1.00 28.56 ? 1055 LEU A CB  1 
ATOM   643  C CG  . LEU A 1 77  ? 4.008   -6.529  -3.289  1.00 33.12 ? 1055 LEU A CG  1 
ATOM   644  C CD1 . LEU A 1 77  ? 4.302   -8.009  -3.476  1.00 32.21 ? 1055 LEU A CD1 1 
ATOM   645  C CD2 . LEU A 1 77  ? 4.058   -5.800  -4.628  1.00 32.44 ? 1055 LEU A CD2 1 
ATOM   646  N N   . ILE A 1 78  ? 3.362   -5.049  0.253   1.00 28.35 ? 1056 ILE A N   1 
ATOM   647  C CA  . ILE A 1 78  ? 4.285   -4.584  1.292   1.00 27.31 ? 1056 ILE A CA  1 
ATOM   648  C C   . ILE A 1 78  ? 4.298   -5.574  2.447   1.00 26.30 ? 1056 ILE A C   1 
ATOM   649  O O   . ILE A 1 78  ? 5.363   -6.009  2.908   1.00 28.87 ? 1056 ILE A O   1 
ATOM   650  C CB  . ILE A 1 78  ? 3.909   -3.170  1.778   1.00 25.86 ? 1056 ILE A CB  1 
ATOM   651  C CG1 . ILE A 1 78  ? 4.099   -2.128  0.674   1.00 26.39 ? 1056 ILE A CG1 1 
ATOM   652  C CG2 . ILE A 1 78  ? 4.758   -2.812  3.018   1.00 25.11 ? 1056 ILE A CG2 1 
ATOM   653  C CD1 . ILE A 1 78  ? 3.647   -0.705  1.066   1.00 25.68 ? 1056 ILE A CD1 1 
ATOM   654  N N   . CYS A 1 79  ? 3.112   -5.971  2.911   1.00 23.36 ? 1057 CYS A N   1 
ATOM   655  C CA  . CYS A 1 79  ? 3.010   -6.888  4.047   1.00 28.71 ? 1057 CYS A CA  1 
ATOM   656  C C   . CYS A 1 79  ? 3.556   -8.277  3.710   1.00 37.31 ? 1057 CYS A C   1 
ATOM   657  O O   . CYS A 1 79  ? 4.381   -8.827  4.451   1.00 31.51 ? 1057 CYS A O   1 
ATOM   658  C CB  . CYS A 1 79  ? 1.560   -7.006  4.503   1.00 27.53 ? 1057 CYS A CB  1 
ATOM   659  S SG  . CYS A 1 79  ? 1.332   -8.041  5.982   1.00 34.65 ? 1057 CYS A SG  1 
ATOM   660  N N   . SER A 1 80  ? 3.100   -8.872  2.605   1.00 29.35 ? 1058 SER A N   1 
ATOM   661  C CA  . SER A 1 80  ? 3.518   -10.241 2.297   1.00 31.05 ? 1058 SER A CA  1 
ATOM   662  C C   . SER A 1 80  ? 5.018   -10.314 2.035   1.00 31.03 ? 1058 SER A C   1 
ATOM   663  O O   . SER A 1 80  ? 5.671   -11.297 2.400   1.00 36.60 ? 1058 SER A O   1 
ATOM   664  C CB  . SER A 1 80  ? 2.731   -10.784 1.097   1.00 31.92 ? 1058 SER A CB  1 
ATOM   665  O OG  . SER A 1 80  ? 2.998   -10.035 -0.073  1.00 37.07 ? 1058 SER A OG  1 
ATOM   666  N N   . ASN A 1 81  ? 5.585   -9.275  1.420   1.00 29.85 ? 1059 ASN A N   1 
ATOM   667  C CA  . ASN A 1 81  ? 7.031   -9.209  1.247   1.00 28.20 ? 1059 ASN A CA  1 
ATOM   668  C C   . ASN A 1 81  ? 7.737   -9.243  2.598   1.00 37.88 ? 1059 ASN A C   1 
ATOM   669  O O   . ASN A 1 81  ? 8.742   -9.942  2.768   1.00 33.32 ? 1059 ASN A O   1 
ATOM   670  C CB  . ASN A 1 81  ? 7.426   -7.943  0.491   1.00 31.37 ? 1059 ASN A CB  1 
ATOM   671  C CG  . ASN A 1 81  ? 7.244   -8.069  -1.025  1.00 30.30 ? 1059 ASN A CG  1 
ATOM   672  O OD1 . ASN A 1 81  ? 6.894   -9.131  -1.539  1.00 31.57 ? 1059 ASN A OD1 1 
ATOM   673  N ND2 . ASN A 1 81  ? 7.494   -6.984  -1.733  1.00 30.77 ? 1059 ASN A ND2 1 
ATOM   674  N N   . ALA A 1 82  ? 7.218   -8.493  3.572   1.00 30.81 ? 1060 ALA A N   1 
ATOM   675  C CA  . ALA A 1 82  ? 7.839   -8.470  4.897   1.00 28.75 ? 1060 ALA A CA  1 
ATOM   676  C C   . ALA A 1 82  ? 7.727   -9.821  5.592   1.00 30.60 ? 1060 ALA A C   1 
ATOM   677  O O   . ALA A 1 82  ? 8.664   -10.253 6.272   1.00 38.31 ? 1060 ALA A O   1 
ATOM   678  C CB  . ALA A 1 82  ? 7.201   -7.367  5.750   1.00 27.65 ? 1060 ALA A CB  1 
ATOM   679  N N   . LEU A 1 83  ? 6.587   -10.500 5.460   1.00 32.01 ? 1061 LEU A N   1 
ATOM   680  C CA  . LEU A 1 83  ? 6.454   -11.803 6.101   1.00 31.20 ? 1061 LEU A CA  1 
ATOM   681  C C   . LEU A 1 83  ? 7.387   -12.825 5.465   1.00 42.44 ? 1061 LEU A C   1 
ATOM   682  O O   . LEU A 1 83  ? 7.946   -13.684 6.164   1.00 38.15 ? 1061 LEU A O   1 
ATOM   683  C CB  . LEU A 1 83  ? 5.015   -12.299 6.033   1.00 34.35 ? 1061 LEU A CB  1 
ATOM   684  C CG  . LEU A 1 83  ? 3.925   -11.403 6.604   1.00 33.94 ? 1061 LEU A CG  1 
ATOM   685  C CD1 . LEU A 1 83  ? 2.619   -12.168 6.696   1.00 42.37 ? 1061 LEU A CD1 1 
ATOM   686  C CD2 . LEU A 1 83  ? 4.329   -10.881 7.955   1.00 36.34 ? 1061 LEU A CD2 1 
ATOM   687  N N   . GLU A 1 84  ? 7.557   -12.758 4.142   1.00 36.76 ? 1062 GLU A N   1 
ATOM   688  C CA  . GLU A 1 84  ? 8.427   -13.714 3.461   1.00 38.60 ? 1062 GLU A CA  1 
ATOM   689  C C   . GLU A 1 84  ? 9.884   -13.475 3.828   1.00 42.79 ? 1062 GLU A C   1 
ATOM   690  O O   . GLU A 1 84  ? 10.634  -14.429 4.078   1.00 42.61 ? 1062 GLU A O   1 
ATOM   691  C CB  . GLU A 1 84  ? 8.232   -13.617 1.946   1.00 39.34 ? 1062 GLU A CB  1 
ATOM   692  C CG  . GLU A 1 84  ? 6.941   -14.261 1.454   1.00 51.62 ? 1062 GLU A CG  1 
ATOM   693  C CD  . GLU A 1 84  ? 6.599   -13.896 0.015   1.00 55.05 ? 1062 GLU A CD  1 
ATOM   694  O OE1 . GLU A 1 84  ? 5.399   -13.960 -0.348  1.00 57.31 ? 1062 GLU A OE1 1 
ATOM   695  O OE2 . GLU A 1 84  ? 7.525   -13.556 -0.752  1.00 51.55 ? 1062 GLU A OE2 1 
ATOM   696  N N   . TYR A 1 85  ? 10.294  -12.210 3.899   1.00 37.60 ? 1063 TYR A N   1 
ATOM   697  C CA  . TYR A 1 85  ? 11.677  -11.890 4.209   1.00 39.91 ? 1063 TYR A CA  1 
ATOM   698  C C   . TYR A 1 85  ? 12.023  -12.092 5.682   1.00 44.23 ? 1063 TYR A C   1 
ATOM   699  O O   . TYR A 1 85  ? 13.204  -12.236 6.007   1.00 44.79 ? 1063 TYR A O   1 
ATOM   700  C CB  . TYR A 1 85  ? 11.997  -10.454 3.795   1.00 35.80 ? 1063 TYR A CB  1 
ATOM   701  C CG  . TYR A 1 85  ? 13.464  -10.141 3.914   1.00 46.34 ? 1063 TYR A CG  1 
ATOM   702  C CD1 . TYR A 1 85  ? 13.931  -9.238  4.859   1.00 49.84 ? 1063 TYR A CD1 1 
ATOM   703  C CD2 . TYR A 1 85  ? 14.391  -10.795 3.115   1.00 52.72 ? 1063 TYR A CD2 1 
ATOM   704  C CE1 . TYR A 1 85  ? 15.280  -8.968  4.977   1.00 55.79 ? 1063 TYR A CE1 1 
ATOM   705  C CE2 . TYR A 1 85  ? 15.738  -10.537 3.228   1.00 56.21 ? 1063 TYR A CE2 1 
ATOM   706  C CZ  . TYR A 1 85  ? 16.179  -9.624  4.158   1.00 62.83 ? 1063 TYR A CZ  1 
ATOM   707  O OH  . TYR A 1 85  ? 17.526  -9.375  4.270   1.00 66.69 ? 1063 TYR A OH  1 
ATOM   708  N N   . ASN A 1 86  ? 11.035  -12.139 6.575   1.00 37.02 ? 1064 ASN A N   1 
ATOM   709  C CA  . ASN A 1 86  ? 11.275  -12.241 8.018   1.00 32.46 ? 1064 ASN A CA  1 
ATOM   710  C C   . ASN A 1 86  ? 10.560  -13.453 8.610   1.00 36.46 ? 1064 ASN A C   1 
ATOM   711  O O   . ASN A 1 86  ? 9.695   -13.303 9.484   1.00 38.00 ? 1064 ASN A O   1 
ATOM   712  C CB  . ASN A 1 86  ? 10.808  -10.966 8.719   1.00 38.57 ? 1064 ASN A CB  1 
ATOM   713  C CG  . ASN A 1 86  ? 11.622  -9.744  8.337   1.00 39.03 ? 1064 ASN A CG  1 
ATOM   714  O OD1 . ASN A 1 86  ? 12.659  -9.471  8.934   1.00 41.95 ? 1064 ASN A OD1 1 
ATOM   715  N ND2 . ASN A 1 86  ? 11.137  -8.980  7.356   1.00 35.43 ? 1064 ASN A ND2 1 
ATOM   716  N N   . PRO A 1 87  ? 10.904  -14.670 8.185   1.00 35.81 ? 1065 PRO A N   1 
ATOM   717  C CA  . PRO A 1 87  ? 10.177  -15.854 8.657   1.00 36.29 ? 1065 PRO A CA  1 
ATOM   718  C C   . PRO A 1 87  ? 10.693  -16.466 9.952   1.00 40.37 ? 1065 PRO A C   1 
ATOM   719  O O   . PRO A 1 87  ? 10.029  -17.357 10.497  1.00 44.71 ? 1065 PRO A O   1 
ATOM   720  C CB  . PRO A 1 87  ? 10.375  -16.829 7.493   1.00 41.03 ? 1065 PRO A CB  1 
ATOM   721  C CG  . PRO A 1 87  ? 11.738  -16.505 7.003   1.00 43.04 ? 1065 PRO A CG  1 
ATOM   722  C CD  . PRO A 1 87  ? 11.983  -15.039 7.252   1.00 40.06 ? 1065 PRO A CD  1 
ATOM   723  N N   . ASP A 1 88  ? 11.836  -16.009 10.450  1.00 39.57 ? 1066 ASP A N   1 
ATOM   724  C CA  . ASP A 1 88  ? 12.517  -16.636 11.576  1.00 42.60 ? 1066 ASP A CA  1 
ATOM   725  C C   . ASP A 1 88  ? 11.854  -16.270 12.904  1.00 50.14 ? 1066 ASP A C   1 
ATOM   726  O O   . ASP A 1 88  ? 11.091  -15.303 13.006  1.00 41.16 ? 1066 ASP A O   1 
ATOM   727  C CB  . ASP A 1 88  ? 13.990  -16.224 11.600  1.00 42.36 ? 1066 ASP A CB  1 
ATOM   728  C CG  . ASP A 1 88  ? 14.739  -16.644 10.342  1.00 52.11 ? 1066 ASP A CG  1 
ATOM   729  O OD1 . ASP A 1 88  ? 14.273  -17.584 9.663   1.00 52.30 ? 1066 ASP A OD1 1 
ATOM   730  O OD2 . ASP A 1 88  ? 15.798  -16.052 10.041  1.00 56.36 ? 1066 ASP A OD2 1 
ATOM   731  N N   . ARG A 1 89  ? 12.164  -17.060 13.940  1.00 42.69 ? 1067 ARG A N   1 
ATOM   732  C CA  . ARG A 1 89  ? 11.630  -16.773 15.268  1.00 41.90 ? 1067 ARG A CA  1 
ATOM   733  C C   . ARG A 1 89  ? 12.374  -15.647 15.967  1.00 37.44 ? 1067 ARG A C   1 
ATOM   734  O O   . ARG A 1 89  ? 11.919  -15.195 17.023  1.00 37.17 ? 1067 ARG A O   1 
ATOM   735  C CB  . ARG A 1 89  ? 11.647  -18.030 16.146  1.00 43.73 ? 1067 ARG A CB  1 
ATOM   736  C CG  . ARG A 1 89  ? 13.026  -18.597 16.504  1.00 44.28 ? 1067 ARG A CG  1 
ATOM   737  C CD  . ARG A 1 89  ? 13.506  -18.136 17.893  1.00 41.90 ? 1067 ARG A CD  1 
ATOM   738  N NE  . ARG A 1 89  ? 12.502  -18.315 18.946  1.00 38.35 ? 1067 ARG A NE  1 
ATOM   739  C CZ  . ARG A 1 89  ? 12.358  -17.475 19.975  1.00 41.54 ? 1067 ARG A CZ  1 
ATOM   740  N NH1 . ARG A 1 89  ? 13.182  -16.439 20.094  1.00 41.04 ? 1067 ARG A NH1 1 
ATOM   741  N NH2 . ARG A 1 89  ? 11.418  -17.673 20.898  1.00 44.18 ? 1067 ARG A NH2 1 
ATOM   742  N N   . ASP A 1 90  ? 13.477  -15.180 15.388  1.00 32.00 ? 1068 ASP A N   1 
ATOM   743  C CA  . ASP A 1 90  ? 14.306  -14.154 15.992  1.00 36.23 ? 1068 ASP A CA  1 
ATOM   744  C C   . ASP A 1 90  ? 13.493  -12.881 16.234  1.00 40.19 ? 1068 ASP A C   1 
ATOM   745  O O   . ASP A 1 90  ? 12.608  -12.542 15.441  1.00 34.96 ? 1068 ASP A O   1 
ATOM   746  C CB  . ASP A 1 90  ? 15.495  -13.861 15.081  1.00 40.55 ? 1068 ASP A CB  1 
ATOM   747  C CG  . ASP A 1 90  ? 16.367  -15.098 14.838  1.00 56.65 ? 1068 ASP A CG  1 
ATOM   748  O OD1 . ASP A 1 90  ? 17.597  -15.020 15.072  1.00 58.50 ? 1068 ASP A OD1 1 
ATOM   749  O OD2 . ASP A 1 90  ? 15.820  -16.153 14.431  1.00 49.65 ? 1068 ASP A OD2 1 
ATOM   750  N N   . PRO A 1 91  ? 13.772  -12.154 17.323  1.00 33.29 ? 1069 PRO A N   1 
ATOM   751  C CA  . PRO A 1 91  ? 12.943  -10.980 17.648  1.00 34.99 ? 1069 PRO A CA  1 
ATOM   752  C C   . PRO A 1 91  ? 12.968  -9.904  16.577  1.00 32.60 ? 1069 PRO A C   1 
ATOM   753  O O   . PRO A 1 91  ? 11.956  -9.215  16.393  1.00 32.93 ? 1069 PRO A O   1 
ATOM   754  C CB  . PRO A 1 91  ? 13.545  -10.465 18.966  1.00 35.63 ? 1069 PRO A CB  1 
ATOM   755  C CG  . PRO A 1 91  ? 14.365  -11.596 19.498  1.00 37.14 ? 1069 PRO A CG  1 
ATOM   756  C CD  . PRO A 1 91  ? 14.834  -12.383 18.320  1.00 37.10 ? 1069 PRO A CD  1 
ATOM   757  N N   . GLY A 1 92  ? 14.093  -9.714  15.884  1.00 31.38 ? 1070 GLY A N   1 
ATOM   758  C CA  . GLY A 1 92  ? 14.118  -8.757  14.788  1.00 33.76 ? 1070 GLY A CA  1 
ATOM   759  C C   . GLY A 1 92  ? 13.131  -9.116  13.689  1.00 36.48 ? 1070 GLY A C   1 
ATOM   760  O O   . GLY A 1 92  ? 12.459  -8.242  13.132  1.00 35.94 ? 1070 GLY A O   1 
ATOM   761  N N   . ASP A 1 93  ? 13.023  -10.410 13.377  1.00 32.43 ? 1071 ASP A N   1 
ATOM   762  C CA  . ASP A 1 93  ? 12.028  -10.880 12.416  1.00 38.78 ? 1071 ASP A CA  1 
ATOM   763  C C   . ASP A 1 93  ? 10.616  -10.696 12.953  1.00 36.13 ? 1071 ASP A C   1 
ATOM   764  O O   . ASP A 1 93  ? 9.719   -10.242 12.232  1.00 35.25 ? 1071 ASP A O   1 
ATOM   765  C CB  . ASP A 1 93  ? 12.264  -12.356 12.079  1.00 35.47 ? 1071 ASP A CB  1 
ATOM   766  C CG  . ASP A 1 93  ? 13.476  -12.573 11.191  1.00 45.26 ? 1071 ASP A CG  1 
ATOM   767  O OD1 . ASP A 1 93  ? 14.517  -11.935 11.442  1.00 48.20 ? 1071 ASP A OD1 1 
ATOM   768  O OD2 . ASP A 1 93  ? 13.382  -13.377 10.232  1.00 41.40 ? 1071 ASP A OD2 1 
ATOM   769  N N   . ARG A 1 94  ? 10.384  -11.076 14.211  1.00 31.71 ? 1072 ARG A N   1 
ATOM   770  C CA  . ARG A 1 94  ? 9.024   -10.995 14.725  1.00 31.64 ? 1072 ARG A CA  1 
ATOM   771  C C   . ARG A 1 94  ? 8.568   -9.545  14.839  1.00 31.07 ? 1072 ARG A C   1 
ATOM   772  O O   . ARG A 1 94  ? 7.377   -9.262  14.667  1.00 31.28 ? 1072 ARG A O   1 
ATOM   773  C CB  . ARG A 1 94  ? 8.914   -11.726 16.064  1.00 34.74 ? 1072 ARG A CB  1 
ATOM   774  C CG  . ARG A 1 94  ? 9.289   -13.204 15.966  1.00 36.36 ? 1072 ARG A CG  1 
ATOM   775  C CD  . ARG A 1 94  ? 8.898   -13.980 17.213  1.00 45.28 ? 1072 ARG A CD  1 
ATOM   776  N NE  . ARG A 1 94  ? 8.513   -15.357 16.905  1.00 51.64 ? 1072 ARG A NE  1 
ATOM   777  C CZ  . ARG A 1 94  ? 8.619   -16.372 17.764  1.00 57.79 ? 1072 ARG A CZ  1 
ATOM   778  N NH1 . ARG A 1 94  ? 9.097   -16.161 18.985  1.00 53.57 ? 1072 ARG A NH1 1 
ATOM   779  N NH2 . ARG A 1 94  ? 8.246   -17.597 17.407  1.00 56.77 ? 1072 ARG A NH2 1 
ATOM   780  N N   . LEU A 1 95  ? 9.500   -8.617  15.083  1.00 29.84 ? 1073 LEU A N   1 
ATOM   781  C CA  . LEU A 1 95  ? 9.118   -7.212  15.177  1.00 28.67 ? 1073 LEU A CA  1 
ATOM   782  C C   . LEU A 1 95  ? 8.675   -6.681  13.819  1.00 30.67 ? 1073 LEU A C   1 
ATOM   783  O O   . LEU A 1 95  ? 7.668   -5.968  13.722  1.00 26.83 ? 1073 LEU A O   1 
ATOM   784  C CB  . LEU A 1 95  ? 10.272  -6.383  15.730  1.00 30.66 ? 1073 LEU A CB  1 
ATOM   785  C CG  . LEU A 1 95  ? 10.105  -4.858  15.783  1.00 30.23 ? 1073 LEU A CG  1 
ATOM   786  C CD1 . LEU A 1 95  ? 8.940   -4.446  16.671  1.00 29.34 ? 1073 LEU A CD1 1 
ATOM   787  C CD2 . LEU A 1 95  ? 11.382  -4.185  16.253  1.00 31.75 ? 1073 LEU A CD2 1 
ATOM   788  N N   . ILE A 1 96  ? 9.404   -7.023  12.758  1.00 27.37 ? 1074 ILE A N   1 
ATOM   789  C CA  . ILE A 1 96  ? 9.011   -6.549  11.430  1.00 28.36 ? 1074 ILE A CA  1 
ATOM   790  C C   . ILE A 1 96  ? 7.690   -7.178  11.009  1.00 30.83 ? 1074 ILE A C   1 
ATOM   791  O O   . ILE A 1 96  ? 6.826   -6.499  10.425  1.00 29.21 ? 1074 ILE A O   1 
ATOM   792  C CB  . ILE A 1 96  ? 10.124  -6.814  10.397  1.00 28.90 ? 1074 ILE A CB  1 
ATOM   793  C CG1 . ILE A 1 96  ? 11.385  -6.047  10.776  1.00 33.22 ? 1074 ILE A CG1 1 
ATOM   794  C CG2 . ILE A 1 96  ? 9.670   -6.374  8.992   1.00 31.52 ? 1074 ILE A CG2 1 
ATOM   795  C CD1 . ILE A 1 96  ? 11.129  -4.586  11.061  1.00 37.47 ? 1074 ILE A CD1 1 
ATOM   796  N N   . ARG A 1 97  ? 7.506   -8.480  11.284  1.00 28.01 ? 1075 ARG A N   1 
ATOM   797  C CA  . ARG A 1 97  ? 6.242   -9.135  10.949  1.00 30.63 ? 1075 ARG A CA  1 
ATOM   798  C C   . ARG A 1 97  ? 5.076   -8.489  11.683  1.00 34.98 ? 1075 ARG A C   1 
ATOM   799  O O   . ARG A 1 97  ? 4.003   -8.279  11.104  1.00 26.44 ? 1075 ARG A O   1 
ATOM   800  C CB  . ARG A 1 97  ? 6.293   -10.630 11.283  1.00 32.84 ? 1075 ARG A CB  1 
ATOM   801  C CG  . ARG A 1 97  ? 7.265   -11.448 10.444  1.00 31.07 ? 1075 ARG A CG  1 
ATOM   802  C CD  . ARG A 1 97  ? 6.750   -12.873 10.224  1.00 35.15 ? 1075 ARG A CD  1 
ATOM   803  N NE  . ARG A 1 97  ? 6.590   -13.648 11.453  1.00 46.64 ? 1075 ARG A NE  1 
ATOM   804  C CZ  . ARG A 1 97  ? 7.588   -14.226 12.123  1.00 44.19 ? 1075 ARG A CZ  1 
ATOM   805  N NH1 . ARG A 1 97  ? 8.842   -14.108 11.701  1.00 40.75 ? 1075 ARG A NH1 1 
ATOM   806  N NH2 . ARG A 1 97  ? 7.324   -14.920 13.225  1.00 47.20 ? 1075 ARG A NH2 1 
ATOM   807  N N   . HIS A 1 98  ? 5.258   -8.178  12.971  1.00 26.35 ? 1076 HIS A N   1 
ATOM   808  C CA  . HIS A 1 98  ? 4.187   -7.522  13.711  1.00 27.42 ? 1076 HIS A CA  1 
ATOM   809  C C   . HIS A 1 98  ? 3.842   -6.175  13.081  1.00 25.79 ? 1076 HIS A C   1 
ATOM   810  O O   . HIS A 1 98  ? 2.663   -5.827  12.941  1.00 28.56 ? 1076 HIS A O   1 
ATOM   811  C CB  . HIS A 1 98  ? 4.593   -7.346  15.179  1.00 28.99 ? 1076 HIS A CB  1 
ATOM   812  C CG  . HIS A 1 98  ? 3.466   -6.923  16.068  1.00 30.41 ? 1076 HIS A CG  1 
ATOM   813  N ND1 . HIS A 1 98  ? 3.227   -5.600  16.380  1.00 31.47 ? 1076 HIS A ND1 1 
ATOM   814  C CD2 . HIS A 1 98  ? 2.515   -7.641  16.712  1.00 33.93 ? 1076 HIS A CD2 1 
ATOM   815  C CE1 . HIS A 1 98  ? 2.172   -5.521  17.174  1.00 31.98 ? 1076 HIS A CE1 1 
ATOM   816  N NE2 . HIS A 1 98  ? 1.720   -6.745  17.390  1.00 32.78 ? 1076 HIS A NE2 1 
ATOM   817  N N   . ARG A 1 99  ? 4.857   -5.408  12.694  1.00 23.36 ? 1077 ARG A N   1 
ATOM   818  C CA  . ARG A 1 99  ? 4.612   -4.098  12.096  1.00 25.81 ? 1077 ARG A CA  1 
ATOM   819  C C   . ARG A 1 99  ? 3.957   -4.238  10.732  1.00 27.86 ? 1077 ARG A C   1 
ATOM   820  O O   . ARG A 1 99  ? 3.107   -3.421  10.360  1.00 26.08 ? 1077 ARG A O   1 
ATOM   821  C CB  . ARG A 1 99  ? 5.917   -3.326  11.971  1.00 26.39 ? 1077 ARG A CB  1 
ATOM   822  C CG  . ARG A 1 99  ? 6.526   -2.976  13.336  1.00 27.34 ? 1077 ARG A CG  1 
ATOM   823  C CD  . ARG A 1 99  ? 7.903   -2.408  13.160  1.00 29.38 ? 1077 ARG A CD  1 
ATOM   824  N NE  . ARG A 1 99  ? 8.385   -1.744  14.367  1.00 29.98 ? 1077 ARG A NE  1 
ATOM   825  C CZ  . ARG A 1 99  ? 9.645   -1.362  14.536  1.00 31.41 ? 1077 ARG A CZ  1 
ATOM   826  N NH1 . ARG A 1 99  ? 10.535  -1.585  13.581  1.00 33.13 ? 1077 ARG A NH1 1 
ATOM   827  N NH2 . ARG A 1 99  ? 10.014  -0.774  15.668  1.00 37.14 ? 1077 ARG A NH2 1 
ATOM   828  N N   . ALA A 1 100 ? 4.353   -5.260  9.976   1.00 24.98 ? 1078 ALA A N   1 
ATOM   829  C CA  . ALA A 1 100 ? 3.771   -5.485  8.656   1.00 27.97 ? 1078 ALA A CA  1 
ATOM   830  C C   . ALA A 1 100 ? 2.295   -5.821  8.766   1.00 27.52 ? 1078 ALA A C   1 
ATOM   831  O O   . ALA A 1 100 ? 1.463   -5.298  8.013   1.00 30.09 ? 1078 ALA A O   1 
ATOM   832  C CB  . ALA A 1 100 ? 4.527   -6.609  7.944   1.00 28.65 ? 1078 ALA A CB  1 
ATOM   833  N N   . CYS A 1 101 ? 1.947   -6.693  9.712   1.00 27.06 ? 1079 CYS A N   1 
ATOM   834  C CA  . CYS A 1 101 ? 0.545   -7.009  9.924   1.00 29.33 ? 1079 CYS A CA  1 
ATOM   835  C C   . CYS A 1 101 ? -0.213  -5.784  10.408  1.00 30.37 ? 1079 CYS A C   1 
ATOM   836  O O   . CYS A 1 101 ? -1.382  -5.586  10.053  1.00 27.75 ? 1079 CYS A O   1 
ATOM   837  C CB  . CYS A 1 101 ? 0.426   -8.153  10.924  1.00 34.24 ? 1079 CYS A CB  1 
ATOM   838  S SG  . CYS A 1 101 ? 0.932   -9.717  10.178  1.00 41.96 ? 1079 CYS A SG  1 
ATOM   839  N N   . ALA A 1 102 ? 0.439   -4.940  11.212  1.00 26.69 ? 1080 ALA A N   1 
ATOM   840  C CA  . ALA A 1 102 ? -0.239  -3.734  11.686  1.00 26.47 ? 1080 ALA A CA  1 
ATOM   841  C C   . ALA A 1 102 ? -0.457  -2.747  10.549  1.00 26.58 ? 1080 ALA A C   1 
ATOM   842  O O   . ALA A 1 102 ? -1.487  -2.066  10.508  1.00 28.41 ? 1080 ALA A O   1 
ATOM   843  C CB  . ALA A 1 102 ? 0.548   -3.069  12.816  1.00 26.03 ? 1080 ALA A CB  1 
ATOM   844  N N   . LEU A 1 103 ? 0.502   -2.647  9.629   1.00 26.11 ? 1081 LEU A N   1 
ATOM   845  C CA  . LEU A 1 103 ? 0.331   -1.768  8.475   1.00 25.53 ? 1081 LEU A CA  1 
ATOM   846  C C   . LEU A 1 103 ? -0.865  -2.207  7.644   1.00 28.57 ? 1081 LEU A C   1 
ATOM   847  O O   . LEU A 1 103 ? -1.715  -1.388  7.269   1.00 26.38 ? 1081 LEU A O   1 
ATOM   848  C CB  . LEU A 1 103 ? 1.596   -1.767  7.617   1.00 27.09 ? 1081 LEU A CB  1 
ATOM   849  C CG  . LEU A 1 103 ? 1.402   -1.022  6.285   1.00 28.72 ? 1081 LEU A CG  1 
ATOM   850  C CD1 . LEU A 1 103 ? 1.526   0.454   6.520   1.00 29.85 ? 1081 LEU A CD1 1 
ATOM   851  C CD2 . LEU A 1 103 ? 2.410   -1.475  5.243   1.00 35.93 ? 1081 LEU A CD2 1 
ATOM   852  N N   . ARG A 1 104 ? -0.935  -3.503  7.337   1.00 25.64 ? 1082 ARG A N   1 
ATOM   853  C CA  . ARG A 1 104 ? -2.062  -4.044  6.580   1.00 30.09 ? 1082 ARG A CA  1 
ATOM   854  C C   . ARG A 1 104 ? -3.384  -3.823  7.310   1.00 30.23 ? 1082 ARG A C   1 
ATOM   855  O O   . ARG A 1 104 ? -4.353  -3.331  6.722   1.00 27.93 ? 1082 ARG A O   1 
ATOM   856  C CB  . ARG A 1 104 ? -1.823  -5.535  6.309   1.00 30.58 ? 1082 ARG A CB  1 
ATOM   857  C CG  . ARG A 1 104 ? -2.899  -6.233  5.470   1.00 35.96 ? 1082 ARG A CG  1 
ATOM   858  C CD  . ARG A 1 104 ? -2.919  -7.725  5.767   1.00 46.70 ? 1082 ARG A CD  1 
ATOM   859  N NE  . ARG A 1 104 ? -3.131  -7.974  7.195   1.00 47.32 ? 1082 ARG A NE  1 
ATOM   860  C CZ  . ARG A 1 104 ? -2.607  -8.995  7.869   1.00 51.55 ? 1082 ARG A CZ  1 
ATOM   861  N NH1 . ARG A 1 104 ? -1.830  -9.880  7.251   1.00 55.62 ? 1082 ARG A NH1 1 
ATOM   862  N NH2 . ARG A 1 104 ? -2.855  -9.132  9.165   1.00 51.65 ? 1082 ARG A NH2 1 
ATOM   863  N N   . ASP A 1 105 ? -3.442  -4.173  8.602   1.00 26.40 ? 1083 ASP A N   1 
ATOM   864  C CA  . ASP A 1 105 ? -4.682  -4.020  9.358   1.00 28.51 ? 1083 ASP A CA  1 
ATOM   865  C C   . ASP A 1 105 ? -5.105  -2.561  9.450   1.00 27.33 ? 1083 ASP A C   1 
ATOM   866  O O   . ASP A 1 105 ? -6.302  -2.245  9.365   1.00 25.71 ? 1083 ASP A O   1 
ATOM   867  C CB  . ASP A 1 105 ? -4.528  -4.594  10.762  1.00 29.56 ? 1083 ASP A CB  1 
ATOM   868  C CG  . ASP A 1 105 ? -4.364  -6.101  10.765  1.00 41.77 ? 1083 ASP A CG  1 
ATOM   869  O OD1 . ASP A 1 105 ? -4.581  -6.734  9.711   1.00 37.10 ? 1083 ASP A OD1 1 
ATOM   870  O OD2 . ASP A 1 105 ? -4.002  -6.641  11.831  1.00 43.43 ? 1083 ASP A OD2 1 
ATOM   871  N N   . THR A 1 106 ? -4.137  -1.658  9.618   1.00 24.68 ? 1084 THR A N   1 
ATOM   872  C CA  . THR A 1 106 ? -4.474  -0.248  9.750   1.00 22.73 ? 1084 THR A CA  1 
ATOM   873  C C   . THR A 1 106 ? -5.032  0.300   8.445   1.00 24.03 ? 1084 THR A C   1 
ATOM   874  O O   . THR A 1 106 ? -6.032  1.026   8.452   1.00 24.84 ? 1084 THR A O   1 
ATOM   875  C CB  . THR A 1 106 ? -3.249  0.554   10.181  1.00 23.44 ? 1084 THR A CB  1 
ATOM   876  O OG1 . THR A 1 106 ? -2.811  0.089   11.465  1.00 26.30 ? 1084 THR A OG1 1 
ATOM   877  C CG2 . THR A 1 106 ? -3.601  2.025   10.295  1.00 23.95 ? 1084 THR A CG2 1 
ATOM   878  N N   . ALA A 1 107 ? -4.394  -0.034  7.318   1.00 22.01 ? 1085 ALA A N   1 
ATOM   879  C CA  . ALA A 1 107 ? -4.906  0.405   6.014   1.00 24.65 ? 1085 ALA A CA  1 
ATOM   880  C C   . ALA A 1 107 ? -6.327  -0.098  5.778   1.00 26.36 ? 1085 ALA A C   1 
ATOM   881  O O   . ALA A 1 107 ? -7.214  0.668   5.375   1.00 24.64 ? 1085 ALA A O   1 
ATOM   882  C CB  . ALA A 1 107 ? -3.983  -0.082  4.893   1.00 24.00 ? 1085 ALA A CB  1 
ATOM   883  N N   . TYR A 1 108 ? -6.567  -1.391  6.008   1.00 24.42 ? 1086 TYR A N   1 
ATOM   884  C CA  . TYR A 1 108 ? -7.908  -1.925  5.773   1.00 27.31 ? 1086 TYR A CA  1 
ATOM   885  C C   . TYR A 1 108 ? -8.928  -1.263  6.687   1.00 26.71 ? 1086 TYR A C   1 
ATOM   886  O O   . TYR A 1 108 ? -10.059 -0.988  6.273   1.00 26.32 ? 1086 TYR A O   1 
ATOM   887  C CB  . TYR A 1 108 ? -7.927  -3.449  5.968   1.00 26.84 ? 1086 TYR A CB  1 
ATOM   888  C CG  . TYR A 1 108 ? -7.541  -4.221  4.720   1.00 27.39 ? 1086 TYR A CG  1 
ATOM   889  C CD1 . TYR A 1 108 ? -6.207  -4.421  4.386   1.00 31.04 ? 1086 TYR A CD1 1 
ATOM   890  C CD2 . TYR A 1 108 ? -8.518  -4.746  3.871   1.00 28.61 ? 1086 TYR A CD2 1 
ATOM   891  C CE1 . TYR A 1 108 ? -5.846  -5.128  3.243   1.00 33.22 ? 1086 TYR A CE1 1 
ATOM   892  C CE2 . TYR A 1 108 ? -8.170  -5.447  2.733   1.00 31.34 ? 1086 TYR A CE2 1 
ATOM   893  C CZ  . TYR A 1 108 ? -6.837  -5.636  2.419   1.00 34.42 ? 1086 TYR A CZ  1 
ATOM   894  O OH  . TYR A 1 108 ? -6.497  -6.340  1.284   1.00 33.10 ? 1086 TYR A OH  1 
ATOM   895  N N   . ALA A 1 109 ? -8.544  -0.984  7.931   1.00 24.26 ? 1087 ALA A N   1 
ATOM   896  C CA  . ALA A 1 109 ? -9.501  -0.407  8.865   1.00 26.10 ? 1087 ALA A CA  1 
ATOM   897  C C   . ALA A 1 109 ? -9.821  1.042   8.511   1.00 25.41 ? 1087 ALA A C   1 
ATOM   898  O O   . ALA A 1 109 ? -10.956 1.483   8.691   1.00 26.92 ? 1087 ALA A O   1 
ATOM   899  C CB  . ALA A 1 109 ? -8.978  -0.506  10.296  1.00 27.00 ? 1087 ALA A CB  1 
ATOM   900  N N   . ILE A 1 110 ? -8.831  1.805   8.035   1.00 22.73 ? 1088 ILE A N   1 
ATOM   901  C CA  . ILE A 1 110 ? -9.119  3.170   7.611   1.00 23.54 ? 1088 ILE A CA  1 
ATOM   902  C C   . ILE A 1 110 ? -10.100 3.145   6.456   1.00 25.43 ? 1088 ILE A C   1 
ATOM   903  O O   . ILE A 1 110 ? -11.080 3.899   6.437   1.00 25.20 ? 1088 ILE A O   1 
ATOM   904  C CB  . ILE A 1 110 ? -7.828  3.913   7.222   1.00 20.46 ? 1088 ILE A CB  1 
ATOM   905  C CG1 . ILE A 1 110 ? -6.998  4.225   8.467   1.00 25.82 ? 1088 ILE A CG1 1 
ATOM   906  C CG2 . ILE A 1 110 ? -8.156  5.208   6.477   1.00 24.81 ? 1088 ILE A CG2 1 
ATOM   907  C CD1 . ILE A 1 110 ? -5.620  4.742   8.135   1.00 24.29 ? 1088 ILE A CD1 1 
ATOM   908  N N   . ILE A 1 111 ? -9.875  2.242   5.503   1.00 23.74 ? 1089 ILE A N   1 
ATOM   909  C CA  . ILE A 1 111 ? -10.737 2.173   4.323   1.00 25.70 ? 1089 ILE A CA  1 
ATOM   910  C C   . ILE A 1 111 ? -12.134 1.702   4.714   1.00 28.84 ? 1089 ILE A C   1 
ATOM   911  O O   . ILE A 1 111 ? -13.141 2.248   4.250   1.00 28.39 ? 1089 ILE A O   1 
ATOM   912  C CB  . ILE A 1 111 ? -10.089 1.268   3.254   1.00 28.07 ? 1089 ILE A CB  1 
ATOM   913  C CG1 . ILE A 1 111 ? -8.924  2.014   2.604   1.00 29.88 ? 1089 ILE A CG1 1 
ATOM   914  C CG2 . ILE A 1 111 ? -11.123 0.824   2.208   1.00 33.28 ? 1089 ILE A CG2 1 
ATOM   915  C CD1 . ILE A 1 111 ? -7.926  1.116   1.925   1.00 36.09 ? 1089 ILE A CD1 1 
ATOM   916  N N   . LYS A 1 112 ? -12.224 0.720   5.608   1.00 28.19 ? 1090 LYS A N   1 
ATOM   917  C CA  . LYS A 1 112 ? -13.545 0.267   6.039   1.00 28.29 ? 1090 LYS A CA  1 
ATOM   918  C C   . LYS A 1 112 ? -14.318 1.380   6.737   1.00 30.27 ? 1090 LYS A C   1 
ATOM   919  O O   . LYS A 1 112 ? -15.539 1.491   6.572   1.00 32.69 ? 1090 LYS A O   1 
ATOM   920  C CB  . LYS A 1 112 ? -13.420 -0.946  6.957   1.00 32.38 ? 1090 LYS A CB  1 
ATOM   921  C CG  . LYS A 1 112 ? -14.773 -1.530  7.367   1.00 39.05 ? 1090 LYS A CG  1 
ATOM   922  C CD  . LYS A 1 112 ? -14.611 -2.798  8.185   1.00 46.86 ? 1090 LYS A CD  1 
ATOM   923  C CE  . LYS A 1 112 ? -15.874 -3.641  8.129   1.00 57.18 ? 1090 LYS A CE  1 
ATOM   924  N NZ  . LYS A 1 112 ? -16.502 -3.740  9.478   1.00 55.01 ? 1090 LYS A NZ  1 
ATOM   925  N N   . GLU A 1 113 ? -13.627 2.236   7.494   1.00 26.73 ? 1091 GLU A N   1 
ATOM   926  C CA  . GLU A 1 113 ? -14.327 3.260   8.254   1.00 26.21 ? 1091 GLU A CA  1 
ATOM   927  C C   . GLU A 1 113 ? -14.644 4.490   7.424   1.00 29.32 ? 1091 GLU A C   1 
ATOM   928  O O   . GLU A 1 113 ? -15.605 5.205   7.732   1.00 30.87 ? 1091 GLU A O   1 
ATOM   929  C CB  . GLU A 1 113 ? -13.492 3.680   9.466   1.00 31.22 ? 1091 GLU A CB  1 
ATOM   930  C CG  . GLU A 1 113 ? -14.324 4.115   10.641  1.00 43.51 ? 1091 GLU A CG  1 
ATOM   931  C CD  . GLU A 1 113 ? -13.505 4.303   11.916  1.00 53.94 ? 1091 GLU A CD  1 
ATOM   932  O OE1 . GLU A 1 113 ? -12.457 4.989   11.866  1.00 54.28 ? 1091 GLU A OE1 1 
ATOM   933  O OE2 . GLU A 1 113 ? -13.915 3.763   12.971  1.00 57.20 ? 1091 GLU A OE2 1 
ATOM   934  N N   . GLU A 1 114 ? -13.849 4.769   6.392   1.00 26.37 ? 1092 GLU A N   1 
ATOM   935  C CA  . GLU A 1 114 ? -13.890 6.078   5.764   1.00 25.24 ? 1092 GLU A CA  1 
ATOM   936  C C   . GLU A 1 114 ? -14.218 6.079   4.278   1.00 28.01 ? 1092 GLU A C   1 
ATOM   937  O O   . GLU A 1 114 ? -14.535 7.146   3.748   1.00 32.08 ? 1092 GLU A O   1 
ATOM   938  C CB  . GLU A 1 114 ? -12.554 6.811   5.962   1.00 24.85 ? 1092 GLU A CB  1 
ATOM   939  C CG  . GLU A 1 114 ? -12.154 6.943   7.427   1.00 25.27 ? 1092 GLU A CG  1 
ATOM   940  C CD  . GLU A 1 114 ? -10.832 7.667   7.630   1.00 26.60 ? 1092 GLU A CD  1 
ATOM   941  O OE1 . GLU A 1 114 ? -10.392 8.417   6.729   1.00 27.39 ? 1092 GLU A OE1 1 
ATOM   942  O OE2 . GLU A 1 114 ? -10.238 7.495   8.710   1.00 29.78 ? 1092 GLU A OE2 1 
ATOM   943  N N   . LEU A 1 115 ? -14.135 4.951   3.589   1.00 26.53 ? 1093 LEU A N   1 
ATOM   944  C CA  . LEU A 1 115 ? -14.470 4.903   2.168   1.00 28.80 ? 1093 LEU A CA  1 
ATOM   945  C C   . LEU A 1 115 ? -15.917 4.463   1.994   1.00 34.05 ? 1093 LEU A C   1 
ATOM   946  O O   . LEU A 1 115 ? -16.312 3.414   2.509   1.00 32.71 ? 1093 LEU A O   1 
ATOM   947  C CB  . LEU A 1 115 ? -13.545 3.948   1.420   1.00 34.59 ? 1093 LEU A CB  1 
ATOM   948  C CG  . LEU A 1 115 ? -13.831 3.853   -0.081  1.00 38.63 ? 1093 LEU A CG  1 
ATOM   949  C CD1 . LEU A 1 115 ? -13.073 4.932   -0.800  1.00 41.18 ? 1093 LEU A CD1 1 
ATOM   950  C CD2 . LEU A 1 115 ? -13.467 2.464   -0.584  1.00 43.26 ? 1093 LEU A CD2 1 
ATOM   951  N N   . ASP A 1 116 ? -16.704 5.256   1.269   1.00 30.58 ? 1094 ASP A N   1 
ATOM   952  C CA  . ASP A 1 116 ? -18.074 4.857   0.967   1.00 32.52 ? 1094 ASP A CA  1 
ATOM   953  C C   . ASP A 1 116 ? -18.070 3.682   -0.001  1.00 31.44 ? 1094 ASP A C   1 
ATOM   954  O O   . ASP A 1 116 ? -17.370 3.715   -1.016  1.00 31.26 ? 1094 ASP A O   1 
ATOM   955  C CB  . ASP A 1 116 ? -18.843 6.039   0.380   1.00 32.70 ? 1094 ASP A CB  1 
ATOM   956  C CG  . ASP A 1 116 ? -20.346 5.794   0.323   1.00 37.74 ? 1094 ASP A CG  1 
ATOM   957  O OD1 . ASP A 1 116 ? -20.777 4.695   -0.099  1.00 39.59 ? 1094 ASP A OD1 1 
ATOM   958  O OD2 . ASP A 1 116 ? -21.095 6.720   0.698   1.00 36.93 ? 1094 ASP A OD2 1 
ATOM   959  N N   . GLU A 1 117 ? -18.855 2.643   0.315   1.00 29.63 ? 1095 GLU A N   1 
ATOM   960  C CA  . GLU A 1 117 ? -18.902 1.447   -0.524  1.00 32.55 ? 1095 GLU A CA  1 
ATOM   961  C C   . GLU A 1 117 ? -19.416 1.757   -1.921  1.00 30.85 ? 1095 GLU A C   1 
ATOM   962  O O   . GLU A 1 117 ? -18.999 1.115   -2.892  1.00 31.99 ? 1095 GLU A O   1 
ATOM   963  C CB  . GLU A 1 117 ? -19.797 0.382   0.108   1.00 36.48 ? 1095 GLU A CB  1 
ATOM   964  C CG  . GLU A 1 117 ? -19.200 -0.348  1.297   1.00 47.99 ? 1095 GLU A CG  1 
ATOM   965  C CD  . GLU A 1 117 ? -20.253 -1.129  2.069   1.00 63.14 ? 1095 GLU A CD  1 
ATOM   966  O OE1 . GLU A 1 117 ? -20.638 -0.676  3.169   1.00 69.74 ? 1095 GLU A OE1 1 
ATOM   967  O OE2 . GLU A 1 117 ? -20.706 -2.185  1.571   1.00 62.32 ? 1095 GLU A OE2 1 
ATOM   968  N N   . ASP A 1 118 ? -20.334 2.717   -2.037  1.00 32.44 ? 1096 ASP A N   1 
ATOM   969  C CA  . ASP A 1 118 ? -20.836 3.096   -3.353  1.00 30.61 ? 1096 ASP A CA  1 
ATOM   970  C C   . ASP A 1 118 ? -19.768 3.817   -4.160  1.00 30.03 ? 1096 ASP A C   1 
ATOM   971  O O   . ASP A 1 118 ? -19.781 3.763   -5.395  1.00 28.67 ? 1096 ASP A O   1 
ATOM   972  C CB  . ASP A 1 118 ? -22.084 3.975   -3.209  1.00 31.37 ? 1096 ASP A CB  1 
ATOM   973  C CG  . ASP A 1 118 ? -23.275 3.205   -2.678  1.00 38.80 ? 1096 ASP A CG  1 
ATOM   974  O OD1 . ASP A 1 118 ? -23.350 1.990   -2.953  1.00 39.04 ? 1096 ASP A OD1 1 
ATOM   975  O OD2 . ASP A 1 118 ? -24.113 3.806   -1.973  1.00 43.97 ? 1096 ASP A OD2 1 
ATOM   976  N N   . PHE A 1 119 ? -18.838 4.500   -3.488  1.00 26.88 ? 1097 PHE A N   1 
ATOM   977  C CA  . PHE A 1 119 ? -17.752 5.149   -4.216  1.00 28.13 ? 1097 PHE A CA  1 
ATOM   978  C C   . PHE A 1 119 ? -16.789 4.112   -4.782  1.00 28.50 ? 1097 PHE A C   1 
ATOM   979  O O   . PHE A 1 119 ? -16.353 4.224   -5.931  1.00 30.11 ? 1097 PHE A O   1 
ATOM   980  C CB  . PHE A 1 119 ? -17.004 6.150   -3.323  1.00 27.34 ? 1097 PHE A CB  1 
ATOM   981  C CG  . PHE A 1 119 ? -15.872 6.864   -4.038  1.00 29.30 ? 1097 PHE A CG  1 
ATOM   982  C CD1 . PHE A 1 119 ? -16.111 8.027   -4.766  1.00 28.99 ? 1097 PHE A CD1 1 
ATOM   983  C CD2 . PHE A 1 119 ? -14.588 6.349   -4.017  1.00 28.56 ? 1097 PHE A CD2 1 
ATOM   984  C CE1 . PHE A 1 119 ? -15.086 8.676   -5.436  1.00 29.72 ? 1097 PHE A CE1 1 
ATOM   985  C CE2 . PHE A 1 119 ? -13.557 6.983   -4.690  1.00 29.45 ? 1097 PHE A CE2 1 
ATOM   986  C CZ  . PHE A 1 119 ? -13.805 8.157   -5.406  1.00 29.08 ? 1097 PHE A CZ  1 
ATOM   987  N N   . GLU A 1 120 ? -16.425 3.103   -3.987  1.00 28.31 ? 1098 GLU A N   1 
ATOM   988  C CA  . GLU A 1 120 ? -15.564 2.053   -4.530  1.00 29.01 ? 1098 GLU A CA  1 
ATOM   989  C C   . GLU A 1 120 ? -16.271 1.296   -5.640  1.00 31.28 ? 1098 GLU A C   1 
ATOM   990  O O   . GLU A 1 120 ? -15.645 0.919   -6.633  1.00 30.77 ? 1098 GLU A O   1 
ATOM   991  C CB  . GLU A 1 120 ? -15.103 1.085   -3.431  1.00 35.92 ? 1098 GLU A CB  1 
ATOM   992  C CG  . GLU A 1 120 ? -14.454 -0.251  -3.924  1.00 36.10 ? 1098 GLU A CG  1 
ATOM   993  C CD  . GLU A 1 120 ? -13.140 -0.135  -4.766  1.00 47.83 ? 1098 GLU A CD  1 
ATOM   994  O OE1 . GLU A 1 120 ? -12.826 0.950   -5.321  1.00 42.89 ? 1098 GLU A OE1 1 
ATOM   995  O OE2 . GLU A 1 120 ? -12.407 -1.168  -4.880  1.00 41.23 ? 1098 GLU A OE2 1 
ATOM   996  N N   . GLN A 1 121 ? -17.583 1.078   -5.503  1.00 30.94 ? 1099 GLN A N   1 
ATOM   997  C CA  . GLN A 1 121 ? -18.304 0.366   -6.555  1.00 32.54 ? 1099 GLN A CA  1 
ATOM   998  C C   . GLN A 1 121 ? -18.309 1.163   -7.853  1.00 30.99 ? 1099 GLN A C   1 
ATOM   999  O O   . GLN A 1 121 ? -18.126 0.598   -8.939  1.00 32.84 ? 1099 GLN A O   1 
ATOM   1000 C CB  . GLN A 1 121 ? -19.729 0.052   -6.108  1.00 32.39 ? 1099 GLN A CB  1 
ATOM   1001 C CG  . GLN A 1 121 ? -20.507 -0.769  -7.123  1.00 35.88 ? 1099 GLN A CG  1 
ATOM   1002 C CD  . GLN A 1 121 ? -19.922 -2.154  -7.308  1.00 41.34 ? 1099 GLN A CD  1 
ATOM   1003 O OE1 . GLN A 1 121 ? -19.382 -2.738  -6.368  1.00 44.43 ? 1099 GLN A OE1 1 
ATOM   1004 N NE2 . GLN A 1 121 ? -20.019 -2.686  -8.522  1.00 37.91 ? 1099 GLN A NE2 1 
ATOM   1005 N N   . LEU A 1 122 ? -18.503 2.479   -7.763  1.00 28.45 ? 1100 LEU A N   1 
ATOM   1006 C CA  . LEU A 1 122 ? -18.445 3.308   -8.962  1.00 28.28 ? 1100 LEU A CA  1 
ATOM   1007 C C   . LEU A 1 122 ? -17.081 3.206   -9.636  1.00 32.57 ? 1100 LEU A C   1 
ATOM   1008 O O   . LEU A 1 122 ? -16.991 3.060   -10.862 1.00 31.05 ? 1100 LEU A O   1 
ATOM   1009 C CB  . LEU A 1 122 ? -18.770 4.760   -8.614  1.00 26.81 ? 1100 LEU A CB  1 
ATOM   1010 C CG  . LEU A 1 122 ? -18.615 5.767   -9.749  1.00 31.73 ? 1100 LEU A CG  1 
ATOM   1011 C CD1 . LEU A 1 122 ? -19.487 5.356   -10.932 1.00 33.40 ? 1100 LEU A CD1 1 
ATOM   1012 C CD2 . LEU A 1 122 ? -18.964 7.162   -9.269  1.00 31.24 ? 1100 LEU A CD2 1 
ATOM   1013 N N   . CYS A 1 123 ? -15.998 3.279   -8.847  1.00 28.40 ? 1101 CYS A N   1 
ATOM   1014 C CA  . CYS A 1 123 ? -14.657 3.125   -9.422  1.00 28.72 ? 1101 CYS A CA  1 
ATOM   1015 C C   . CYS A 1 123 ? -14.535 1.800   -10.165 1.00 29.81 ? 1101 CYS A C   1 
ATOM   1016 O O   . CYS A 1 123 ? -14.007 1.747   -11.284 1.00 33.79 ? 1101 CYS A O   1 
ATOM   1017 C CB  . CYS A 1 123 ? -13.585 3.221   -8.326  1.00 26.53 ? 1101 CYS A CB  1 
ATOM   1018 S SG  . CYS A 1 123 ? -13.400 4.868   -7.628  1.00 29.67 ? 1101 CYS A SG  1 
ATOM   1019 N N   . GLU A 1 124 ? -15.023 0.722   -9.554  1.00 33.22 ? 1102 GLU A N   1 
ATOM   1020 C CA  . GLU A 1 124 ? -14.979 -0.590  -10.192 1.00 33.90 ? 1102 GLU A CA  1 
ATOM   1021 C C   . GLU A 1 124 ? -15.716 -0.571  -11.522 1.00 40.68 ? 1102 GLU A C   1 
ATOM   1022 O O   . GLU A 1 124 ? -15.218 -1.094  -12.526 1.00 39.41 ? 1102 GLU A O   1 
ATOM   1023 C CB  . GLU A 1 124 ? -15.597 -1.640  -9.271  1.00 31.66 ? 1102 GLU A CB  1 
ATOM   1024 C CG  . GLU A 1 124 ? -14.751 -2.037  -8.077  1.00 42.40 ? 1102 GLU A CG  1 
ATOM   1025 C CD  . GLU A 1 124 ? -13.690 -3.058  -8.435  1.00 57.41 ? 1102 GLU A CD  1 
ATOM   1026 O OE1 . GLU A 1 124 ? -12.664 -3.132  -7.719  1.00 57.84 ? 1102 GLU A OE1 1 
ATOM   1027 O OE2 . GLU A 1 124 ? -13.884 -3.792  -9.430  1.00 61.85 ? 1102 GLU A OE2 1 
ATOM   1028 N N   . GLU A 1 125 ? -16.905 0.039   -11.553 1.00 39.21 ? 1103 GLU A N   1 
ATOM   1029 C CA  . GLU A 1 125 ? -17.715 -0.042  -12.764 1.00 38.71 ? 1103 GLU A CA  1 
ATOM   1030 C C   . GLU A 1 125 ? -17.144 0.827   -13.879 1.00 38.58 ? 1103 GLU A C   1 
ATOM   1031 O O   . GLU A 1 125 ? -17.218 0.439   -15.049 1.00 41.37 ? 1103 GLU A O   1 
ATOM   1032 C CB  . GLU A 1 125 ? -19.182 0.288   -12.445 1.00 37.63 ? 1103 GLU A CB  1 
ATOM   1033 C CG  . GLU A 1 125 ? -19.846 -0.854  -11.647 1.00 38.87 ? 1103 GLU A CG  1 
ATOM   1034 C CD  . GLU A 1 125 ? -21.309 -0.623  -11.271 1.00 38.14 ? 1103 GLU A CD  1 
ATOM   1035 O OE1 . GLU A 1 125 ? -21.941 0.295   -11.828 1.00 36.43 ? 1103 GLU A OE1 1 
ATOM   1036 O OE2 . GLU A 1 125 ? -21.828 -1.368  -10.398 1.00 36.64 ? 1103 GLU A OE2 1 
ATOM   1037 N N   . ILE A 1 126 ? -16.526 1.965   -13.549 1.00 34.95 ? 1104 ILE A N   1 
ATOM   1038 C CA  . ILE A 1 126 ? -15.815 2.736   -14.565 1.00 36.97 ? 1104 ILE A CA  1 
ATOM   1039 C C   . ILE A 1 126 ? -14.646 1.928   -15.112 1.00 46.75 ? 1104 ILE A C   1 
ATOM   1040 O O   . ILE A 1 126 ? -14.431 1.858   -16.328 1.00 50.43 ? 1104 ILE A O   1 
ATOM   1041 C CB  . ILE A 1 126 ? -15.333 4.081   -13.999 1.00 32.91 ? 1104 ILE A CB  1 
ATOM   1042 C CG1 . ILE A 1 126 ? -16.483 4.864   -13.358 1.00 34.02 ? 1104 ILE A CG1 1 
ATOM   1043 C CG2 . ILE A 1 126 ? -14.657 4.897   -15.097 1.00 39.84 ? 1104 ILE A CG2 1 
ATOM   1044 C CD1 . ILE A 1 126 ? -16.045 6.183   -12.757 1.00 35.05 ? 1104 ILE A CD1 1 
ATOM   1045 N N   . GLN A 1 127 ? -13.875 1.297   -14.218 1.00 45.32 ? 1105 GLN A N   1 
ATOM   1046 C CA  . GLN A 1 127 ? -12.702 0.545   -14.656 1.00 49.72 ? 1105 GLN A CA  1 
ATOM   1047 C C   . GLN A 1 127 ? -13.094 -0.613  -15.571 1.00 51.35 ? 1105 GLN A C   1 
ATOM   1048 O O   . GLN A 1 127 ? -12.449 -0.844  -16.601 1.00 51.40 ? 1105 GLN A O   1 
ATOM   1049 C CB  . GLN A 1 127 ? -11.916 0.038   -13.444 1.00 42.49 ? 1105 GLN A CB  1 
ATOM   1050 C CG  . GLN A 1 127 ? -10.693 -0.805  -13.802 1.00 50.63 ? 1105 GLN A CG  1 
ATOM   1051 C CD  . GLN A 1 127 ? -10.083 -1.504  -12.594 1.00 50.30 ? 1105 GLN A CD  1 
ATOM   1052 O OE1 . GLN A 1 127 ? -10.726 -2.334  -11.946 1.00 55.41 ? 1105 GLN A OE1 1 
ATOM   1053 N NE2 . GLN A 1 127 ? -8.834  -1.163  -12.281 1.00 51.35 ? 1105 GLN A NE2 1 
ATOM   1054 N N   . GLU A 1 128 ? -14.150 -1.348  -15.216 1.00 48.13 ? 1106 GLU A N   1 
ATOM   1055 C CA  . GLU A 1 128 ? -14.585 -2.471  -16.042 1.00 51.72 ? 1106 GLU A CA  1 
ATOM   1056 C C   . GLU A 1 128 ? -15.153 -2.025  -17.384 1.00 56.18 ? 1106 GLU A C   1 
ATOM   1057 O O   . GLU A 1 128 ? -15.248 -2.844  -18.304 1.00 58.18 ? 1106 GLU A O   1 
ATOM   1058 C CB  . GLU A 1 128 ? -15.624 -3.309  -15.300 1.00 48.46 ? 1106 GLU A CB  1 
ATOM   1059 C CG  . GLU A 1 128 ? -15.052 -4.105  -14.145 1.00 59.93 ? 1106 GLU A CG  1 
ATOM   1060 C CD  . GLU A 1 128 ? -16.094 -4.481  -13.107 1.00 62.36 ? 1106 GLU A CD  1 
ATOM   1061 O OE1 . GLU A 1 128 ? -15.717 -5.103  -12.089 1.00 69.76 ? 1106 GLU A OE1 1 
ATOM   1062 O OE2 . GLU A 1 128 ? -17.289 -4.165  -13.306 1.00 61.42 ? 1106 GLU A OE2 1 
ATOM   1063 N N   . SER A 1 129 ? -15.535 -0.758  -17.515 1.00 54.84 ? 1107 SER A N   1 
ATOM   1064 C CA  . SER A 1 129 ? -16.038 -0.234  -18.778 1.00 57.81 ? 1107 SER A CA  1 
ATOM   1065 C C   . SER A 1 129 ? -14.927 0.162   -19.741 1.00 61.07 ? 1107 SER A C   1 
ATOM   1066 O O   . SER A 1 129 ? -15.227 0.617   -20.851 1.00 62.84 ? 1107 SER A O   1 
ATOM   1067 C CB  . SER A 1 129 ? -16.948 0.969   -18.518 1.00 49.96 ? 1107 SER A CB  1 
ATOM   1068 O OG  . SER A 1 129 ? -16.194 2.167   -18.394 1.00 54.16 ? 1107 SER A OG  1 
ATOM   1069 N N   . ARG A 1 130 ? -13.665 -0.001  -19.350 1.00 60.10 ? 1108 ARG A N   1 
ATOM   1070 C CA  . ARG A 1 130 ? -12.546 0.417   -20.185 1.00 65.53 ? 1108 ARG A CA  1 
ATOM   1071 C C   . ARG A 1 130 ? -11.702 -0.777  -20.638 1.00 68.80 ? 1108 ARG A C   1 
ATOM   1072 O O   . ARG A 1 130 ? -11.798 -1.887  -20.100 1.00 67.92 ? 1108 ARG A O   1 
ATOM   1073 C CB  . ARG A 1 130 ? -11.684 1.437   -19.435 1.00 57.45 ? 1108 ARG A CB  1 
ATOM   1074 C CG  . ARG A 1 130 ? -12.392 2.774   -19.221 1.00 59.45 ? 1108 ARG A CG  1 
ATOM   1075 C CD  . ARG A 1 130 ? -11.525 3.800   -18.500 1.00 57.01 ? 1108 ARG A CD  1 
ATOM   1076 N NE  . ARG A 1 130 ? -12.255 5.049   -18.282 1.00 53.92 ? 1108 ARG A NE  1 
ATOM   1077 C CZ  . ARG A 1 130 ? -11.719 6.165   -17.793 1.00 51.42 ? 1108 ARG A CZ  1 
ATOM   1078 N NH1 . ARG A 1 130 ? -12.469 7.249   -17.635 1.00 54.01 ? 1108 ARG A NH1 1 
ATOM   1079 N NH2 . ARG A 1 130 ? -10.436 6.201   -17.460 1.00 54.60 ? 1108 ARG A NH2 1 
ATOM   1080 O OXT . ARG A 1 130 ? -10.907 -0.659  -21.572 1.00 71.24 ? 1108 ARG A OXT 1 
HETATM 1081 N N   . G5W B 2 .   ? 15.145  -9.554  10.136  1.00 52.77 ? 1201 G5W A N   1 
HETATM 1082 C CA  . G5W B 2 .   ? 16.131  -8.478  10.161  1.00 55.70 ? 1201 G5W A CA  1 
HETATM 1083 C C   . G5W B 2 .   ? 15.614  -7.289  9.353   1.00 58.66 ? 1201 G5W A C   1 
HETATM 1084 O O   . G5W B 2 .   ? 16.091  -6.195  9.643   1.00 56.46 ? 1201 G5W A O   1 
HETATM 1085 C CB  . G5W B 2 .   ? 16.393  -7.986  11.596  1.00 49.91 ? 1201 G5W A CB  1 
HETATM 1086 C CAB . G5W B 2 .   ? 11.292  -4.198  4.562   1.00 43.55 ? 1201 G5W A CAB 1 
HETATM 1087 C CAO . G5W B 2 .   ? 11.654  -5.439  5.387   1.00 35.82 ? 1201 G5W A CAO 1 
HETATM 1088 C CAR . G5W B 2 .   ? 13.764  -3.236  5.961   1.00 54.23 ? 1201 G5W A CAR 1 
HETATM 1089 C CAS . G5W B 2 .   ? 14.142  -6.525  7.647   1.00 51.02 ? 1201 G5W A CAS 1 
HETATM 1090 C CAT . G5W B 2 .   ? 12.753  -5.457  6.185   1.00 49.50 ? 1201 G5W A CAT 1 
HETATM 1091 C CAU . G5W B 2 .   ? 13.664  -4.484  6.423   1.00 52.17 ? 1201 G5W A CAU 1 
HETATM 1092 N NAK . G5W B 2 .   ? 13.035  -6.594  6.878   1.00 43.56 ? 1201 G5W A NAK 1 
HETATM 1093 N NAL . G5W B 2 .   ? 14.637  -7.525  8.414   1.00 51.52 ? 1201 G5W A NAL 1 
HETATM 1094 O OAE . G5W B 2 .   ? 10.920  -6.429  5.308   1.00 40.02 ? 1201 G5W A OAE 1 
HETATM 1095 S SAN . G5W B 2 .   ? 14.762  -5.055  7.447   1.00 58.49 ? 1201 G5W A SAN 1 
HETATM 1096 S S   . SO4 C 3 .   ? -4.565  15.044  -8.996  1.00 46.85 ? 1202 SO4 A S   1 
HETATM 1097 O O1  . SO4 C 3 .   ? -3.127  15.333  -8.998  1.00 43.16 ? 1202 SO4 A O1  1 
HETATM 1098 O O2  . SO4 C 3 .   ? -5.243  16.119  -8.246  1.00 53.16 ? 1202 SO4 A O2  1 
HETATM 1099 O O3  . SO4 C 3 .   ? -4.801  13.748  -8.334  1.00 45.58 ? 1202 SO4 A O3  1 
HETATM 1100 O O4  . SO4 C 3 .   ? -5.109  14.980  -10.355 1.00 40.92 ? 1202 SO4 A O4  1 
HETATM 1101 O O   . HOH D 4 .   ? 13.448  -7.400  -4.318  1.00 59.91 ? 1301 HOH A O   1 
HETATM 1102 O O   . HOH D 4 .   ? -6.123  14.421  5.235   1.00 45.58 ? 1302 HOH A O   1 
HETATM 1103 O O   . HOH D 4 .   ? 9.491   -12.801 -1.260  1.00 54.66 ? 1303 HOH A O   1 
HETATM 1104 O O   . HOH D 4 .   ? -7.439  14.496  -13.468 1.00 53.65 ? 1304 HOH A O   1 
HETATM 1105 O O   . HOH D 4 .   ? 13.669  2.669   10.522  1.00 52.80 ? 1305 HOH A O   1 
HETATM 1106 O O   . HOH D 4 .   ? 5.364   -11.030 -1.367  1.00 36.57 ? 1306 HOH A O   1 
HETATM 1107 O O   . HOH D 4 .   ? -10.451 5.829   10.723  1.00 36.17 ? 1307 HOH A O   1 
HETATM 1108 O O   . HOH D 4 .   ? -17.753 4.021   -17.936 1.00 48.84 ? 1308 HOH A O   1 
HETATM 1109 O O   . HOH D 4 .   ? 5.496   -4.326  -8.873  1.00 54.44 ? 1309 HOH A O   1 
HETATM 1110 O O   . HOH D 4 .   ? 10.269  -0.819  -2.825  1.00 46.72 ? 1310 HOH A O   1 
HETATM 1111 O O   . HOH D 4 .   ? -11.511 17.209  -9.108  0.50 43.30 ? 1311 HOH A O   1 
HETATM 1112 O O   . HOH D 4 .   ? 15.021  -13.866 8.418   1.00 51.86 ? 1312 HOH A O   1 
HETATM 1113 O O   . HOH D 4 .   ? 10.688  -8.912  18.520  1.00 37.25 ? 1313 HOH A O   1 
HETATM 1114 O O   . HOH D 4 .   ? -5.050  -7.505  -2.107  1.00 39.08 ? 1314 HOH A O   1 
HETATM 1115 O O   . HOH D 4 .   ? 8.995   -4.933  -0.390  1.00 35.28 ? 1315 HOH A O   1 
HETATM 1116 O O   . HOH D 4 .   ? -18.959 -0.989  -16.198 1.00 46.12 ? 1316 HOH A O   1 
HETATM 1117 O O   . HOH D 4 .   ? 24.574  -1.664  -3.970  1.00 69.10 ? 1317 HOH A O   1 
HETATM 1118 O O   . HOH D 4 .   ? 9.818   -6.629  2.983   1.00 35.71 ? 1318 HOH A O   1 
HETATM 1119 O O   . HOH D 4 .   ? 4.832   11.403  -7.221  1.00 42.13 ? 1319 HOH A O   1 
HETATM 1120 O O   . HOH D 4 .   ? -14.950 5.518   -19.629 1.00 50.09 ? 1320 HOH A O   1 
HETATM 1121 O O   . HOH D 4 .   ? 7.026   6.142   9.535   1.00 33.95 ? 1321 HOH A O   1 
HETATM 1122 O O   . HOH D 4 .   ? 2.331   -3.964  -7.866  1.00 46.68 ? 1322 HOH A O   1 
HETATM 1123 O O   . HOH D 4 .   ? -16.280 1.059   3.598   1.00 53.82 ? 1323 HOH A O   1 
HETATM 1124 O O   . HOH D 4 .   ? -16.484 11.760  -6.916  1.00 46.33 ? 1324 HOH A O   1 
HETATM 1125 O O   . HOH D 4 .   ? -3.231  12.208  5.929   1.00 39.12 ? 1325 HOH A O   1 
HETATM 1126 O O   . HOH D 4 .   ? 3.440   0.523   -16.260 1.00 53.90 ? 1326 HOH A O   1 
HETATM 1127 O O   . HOH D 4 .   ? -3.087  1.408   13.734  1.00 41.58 ? 1327 HOH A O   1 
HETATM 1128 O O   . HOH D 4 .   ? -8.537  9.736   2.911   1.00 37.90 ? 1328 HOH A O   1 
HETATM 1129 O O   . HOH D 4 .   ? -17.606 10.885  -2.535  1.00 37.10 ? 1329 HOH A O   1 
HETATM 1130 O O   . HOH D 4 .   ? 12.248  -9.127  -9.967  1.00 47.57 ? 1330 HOH A O   1 
HETATM 1131 O O   . HOH D 4 .   ? -17.790 10.454  -8.331  1.00 48.32 ? 1331 HOH A O   1 
HETATM 1132 O O   . HOH D 4 .   ? 7.385   9.372   6.816   1.00 40.58 ? 1332 HOH A O   1 
HETATM 1133 O O   . HOH D 4 .   ? -14.747 9.532   4.980   1.00 40.93 ? 1333 HOH A O   1 
HETATM 1134 O O   . HOH D 4 .   ? -0.838  8.450   11.295  1.00 40.37 ? 1334 HOH A O   1 
HETATM 1135 O O   . HOH D 4 .   ? -22.446 -3.864  -11.199 1.00 42.59 ? 1335 HOH A O   1 
HETATM 1136 O O   . HOH D 4 .   ? -12.456 10.115  -19.569 1.00 55.71 ? 1336 HOH A O   1 
HETATM 1137 O O   . HOH D 4 .   ? -8.713  11.661  -13.069 1.00 41.82 ? 1337 HOH A O   1 
HETATM 1138 O O   . HOH D 4 .   ? -6.191  7.384   11.227  1.00 45.47 ? 1338 HOH A O   1 
HETATM 1139 O O   . HOH D 4 .   ? 3.213   10.437  13.555  1.00 59.09 ? 1339 HOH A O   1 
HETATM 1140 O O   . HOH D 4 .   ? 10.345  4.036   13.850  1.00 45.45 ? 1340 HOH A O   1 
HETATM 1141 O O   . HOH D 4 .   ? -0.696  -8.377  -3.206  1.00 31.39 ? 1341 HOH A O   1 
HETATM 1142 O O   . HOH D 4 .   ? -19.181 -3.137  -14.966 1.00 52.36 ? 1342 HOH A O   1 
HETATM 1143 O O   . HOH D 4 .   ? -10.243 -3.706  -8.841  1.00 45.65 ? 1343 HOH A O   1 
HETATM 1144 O O   . HOH D 4 .   ? 2.056   13.294  -4.209  1.00 45.93 ? 1344 HOH A O   1 
HETATM 1145 O O   . HOH D 4 .   ? -20.231 9.122   1.686   1.00 43.49 ? 1345 HOH A O   1 
HETATM 1146 O O   . HOH D 4 .   ? 8.060   -17.416 14.678  1.00 53.49 ? 1346 HOH A O   1 
HETATM 1147 O O   . HOH D 4 .   ? 10.208  -17.115 3.678   1.00 53.69 ? 1347 HOH A O   1 
HETATM 1148 O O   . HOH D 4 .   ? -13.746 9.554   -1.285  1.00 39.88 ? 1348 HOH A O   1 
HETATM 1149 O O   . HOH D 4 .   ? 10.732  -1.038  2.623   1.00 41.96 ? 1349 HOH A O   1 
HETATM 1150 O O   . HOH D 4 .   ? 8.394   -2.175  2.250   1.00 30.95 ? 1350 HOH A O   1 
HETATM 1151 O O   . HOH D 4 .   ? 12.438  -2.340  -1.450  1.00 61.23 ? 1351 HOH A O   1 
HETATM 1152 O O   . HOH D 4 .   ? -0.684  -1.705  -9.797  1.00 55.52 ? 1352 HOH A O   1 
HETATM 1153 O O   . HOH D 4 .   ? -4.776  13.817  -0.317  1.00 24.75 ? 1353 HOH A O   1 
HETATM 1154 O O   . HOH D 4 .   ? -8.233  -4.232  9.664   1.00 34.21 ? 1354 HOH A O   1 
HETATM 1155 O O   . HOH D 4 .   ? -17.072 -2.508  -4.820  1.00 45.78 ? 1355 HOH A O   1 
HETATM 1156 O O   . HOH D 4 .   ? 0.576   -9.901  -1.452  1.00 35.79 ? 1356 HOH A O   1 
HETATM 1157 O O   . HOH D 4 .   ? 6.680   -15.550 7.817   1.00 47.00 ? 1357 HOH A O   1 
HETATM 1158 O O   . HOH D 4 .   ? -2.470  -1.311  15.581  1.00 48.23 ? 1358 HOH A O   1 
HETATM 1159 O O   . HOH D 4 .   ? -0.529  -9.419  2.618   1.00 38.35 ? 1359 HOH A O   1 
HETATM 1160 O O   . HOH D 4 .   ? -12.501 0.041   10.538  1.00 43.27 ? 1360 HOH A O   1 
HETATM 1161 O O   . HOH D 4 .   ? -17.905 4.659   9.256   1.00 43.76 ? 1361 HOH A O   1 
HETATM 1162 O O   . HOH D 4 .   ? 3.841   -2.973  15.584  1.00 32.67 ? 1362 HOH A O   1 
HETATM 1163 O O   . HOH D 4 .   ? -1.876  -2.859  -7.886  1.00 45.08 ? 1363 HOH A O   1 
HETATM 1164 O O   . HOH D 4 .   ? 7.878   -4.819  2.467   1.00 34.17 ? 1364 HOH A O   1 
HETATM 1165 O O   . HOH D 4 .   ? -2.516  -5.318  13.829  1.00 46.93 ? 1365 HOH A O   1 
HETATM 1166 O O   . HOH D 4 .   ? 7.700   -10.133 -4.053  1.00 36.06 ? 1366 HOH A O   1 
HETATM 1167 O O   . HOH D 4 .   ? 4.215   -13.683 2.864   1.00 47.02 ? 1367 HOH A O   1 
HETATM 1168 O O   . HOH D 4 .   ? -6.794  -6.047  -3.245  1.00 36.83 ? 1368 HOH A O   1 
HETATM 1169 O O   . HOH D 4 .   ? -22.633 -0.513  -4.079  1.00 47.20 ? 1369 HOH A O   1 
HETATM 1170 O O   . HOH D 4 .   ? 16.454  -10.636 13.076  1.00 46.87 ? 1370 HOH A O   1 
HETATM 1171 O O   . HOH D 4 .   ? 9.439   0.644   11.328  1.00 31.69 ? 1371 HOH A O   1 
HETATM 1172 O O   . HOH D 4 .   ? 18.588  -12.637 16.296  1.00 53.74 ? 1372 HOH A O   1 
HETATM 1173 O O   . HOH D 4 .   ? -1.156  4.899   10.811  1.00 34.13 ? 1373 HOH A O   1 
HETATM 1174 O O   . HOH D 4 .   ? 0.228   -6.528  14.277  1.00 36.24 ? 1374 HOH A O   1 
HETATM 1175 O O   . HOH D 4 .   ? -13.319 9.704   3.267   1.00 35.30 ? 1375 HOH A O   1 
HETATM 1176 O O   . HOH D 4 .   ? -3.733  6.313   -9.003  1.00 26.90 ? 1376 HOH A O   1 
HETATM 1177 O O   . HOH D 4 .   ? -18.152 -1.624  -2.699  1.00 45.89 ? 1377 HOH A O   1 
HETATM 1178 O O   . HOH D 4 .   ? 16.709  -10.912 15.997  1.00 46.02 ? 1378 HOH A O   1 
HETATM 1179 O O   . HOH D 4 .   ? 3.831   7.665   15.108  1.00 38.12 ? 1379 HOH A O   1 
HETATM 1180 O O   . HOH D 4 .   ? -20.273 2.552   2.840   1.00 47.60 ? 1380 HOH A O   1 
HETATM 1181 O O   . HOH D 4 .   ? 9.007   -12.336 -3.810  1.00 51.34 ? 1381 HOH A O   1 
HETATM 1182 O O   . HOH D 4 .   ? 4.933   9.588   -9.663  1.00 42.88 ? 1382 HOH A O   1 
HETATM 1183 O O   . HOH D 4 .   ? -15.659 13.612  -0.648  1.00 30.19 ? 1383 HOH A O   1 
HETATM 1184 O O   . HOH D 4 .   ? 1.266   -2.171  16.524  1.00 36.52 ? 1384 HOH A O   1 
HETATM 1185 O O   . HOH D 4 .   ? 7.251   9.097   -3.568  1.00 39.58 ? 1385 HOH A O   1 
HETATM 1186 O O   . HOH D 4 .   ? -11.430 -2.731  4.377   1.00 36.76 ? 1386 HOH A O   1 
HETATM 1187 O O   . HOH D 4 .   ? -2.388  -1.108  -10.317 1.00 48.15 ? 1387 HOH A O   1 
HETATM 1188 O O   . HOH D 4 .   ? 9.050   5.596   -6.567  1.00 49.82 ? 1388 HOH A O   1 
HETATM 1189 O O   . HOH D 4 .   ? 19.505  -17.077 15.926  1.00 57.13 ? 1389 HOH A O   1 
HETATM 1190 O O   . HOH D 4 .   ? 11.505  7.658   5.740   1.00 54.81 ? 1390 HOH A O   1 
HETATM 1191 O O   . HOH D 4 .   ? -1.996  13.124  -10.573 1.00 55.29 ? 1391 HOH A O   1 
HETATM 1192 O O   . HOH D 4 .   ? -18.429 9.159   -12.510 1.00 39.48 ? 1392 HOH A O   1 
HETATM 1193 O O   . HOH D 4 .   ? -7.177  -6.684  8.277   1.00 55.50 ? 1393 HOH A O   1 
HETATM 1194 O O   . HOH D 4 .   ? 7.164   9.878   11.522  1.00 51.52 ? 1394 HOH A O   1 
HETATM 1195 O O   . HOH D 4 .   ? 12.962  -0.279  15.765  1.00 50.75 ? 1395 HOH A O   1 
HETATM 1196 O O   . HOH D 4 .   ? 5.101   -11.130 15.267  1.00 41.99 ? 1396 HOH A O   1 
HETATM 1197 O O   . HOH D 4 .   ? 4.489   -1.517  -9.706  1.00 46.81 ? 1397 HOH A O   1 
HETATM 1198 O O   . HOH D 4 .   ? 12.230  2.462   4.837   1.00 45.00 ? 1398 HOH A O   1 
HETATM 1199 O O   . HOH D 4 .   ? -23.015 3.277   1.349   1.00 57.96 ? 1399 HOH A O   1 
HETATM 1200 O O   . HOH D 4 .   ? 7.038   7.318   2.475   1.00 41.51 ? 1400 HOH A O   1 
HETATM 1201 O O   . HOH D 4 .   ? 13.459  -0.769  13.606  1.00 50.84 ? 1401 HOH A O   1 
HETATM 1202 O O   . HOH D 4 .   ? 0.483   13.648  -10.998 1.00 44.94 ? 1402 HOH A O   1 
HETATM 1203 O O   . HOH D 4 .   ? -5.075  -9.048  3.448   1.00 57.32 ? 1403 HOH A O   1 
HETATM 1204 O O   . HOH D 4 .   ? 13.206  -19.918 13.558  1.00 46.11 ? 1404 HOH A O   1 
HETATM 1205 O O   . HOH D 4 .   ? -11.461 7.638   13.072  1.00 69.00 ? 1405 HOH A O   1 
HETATM 1206 O O   . HOH D 4 .   ? -6.072  7.372   -11.037 1.00 32.29 ? 1406 HOH A O   1 
HETATM 1207 O O   . HOH D 4 .   ? 10.577  -3.017  -0.010  1.00 49.02 ? 1407 HOH A O   1 
HETATM 1208 O O   . HOH D 4 .   ? -16.882 8.417   2.114   1.00 49.15 ? 1408 HOH A O   1 
HETATM 1209 O O   . HOH D 4 .   ? 15.950  -16.281 18.630  1.00 38.81 ? 1409 HOH A O   1 
HETATM 1210 O O   . HOH D 4 .   ? -8.463  -6.070  -1.145  1.00 42.19 ? 1410 HOH A O   1 
HETATM 1211 O O   . HOH D 4 .   ? -4.564  8.339   11.126  1.00 40.73 ? 1411 HOH A O   1 
HETATM 1212 O O   . HOH D 4 .   ? -6.907  2.166   11.260  1.00 37.80 ? 1412 HOH A O   1 
HETATM 1213 O O   . HOH D 4 .   ? -15.708 8.133   0.419   1.00 41.78 ? 1413 HOH A O   1 
HETATM 1214 O O   . HOH D 4 .   ? 5.576   -10.822 -5.861  1.00 46.49 ? 1414 HOH A O   1 
HETATM 1215 O O   . HOH D 4 .   ? 4.823   7.962   1.140   1.00 44.16 ? 1415 HOH A O   1 
HETATM 1216 O O   . HOH D 4 .   ? 6.639   2.785   -7.916  1.00 48.43 ? 1416 HOH A O   1 
HETATM 1217 O O   . HOH D 4 .   ? -3.265  -2.546  13.511  1.00 43.93 ? 1417 HOH A O   1 
HETATM 1218 O O   . HOH D 4 .   ? -17.580 -0.794  4.579   1.00 54.02 ? 1418 HOH A O   1 
HETATM 1219 O O   . HOH D 4 .   ? -11.421 1.520   12.491  1.00 51.45 ? 1419 HOH A O   1 
HETATM 1220 O O   . HOH D 4 .   ? -7.006  7.879   -13.627 1.00 42.23 ? 1420 HOH A O   1 
HETATM 1221 O O   . HOH D 4 .   ? -7.719  6.441   12.029  1.00 51.38 ? 1421 HOH A O   1 
HETATM 1222 O O   . HOH D 4 .   ? -2.560  13.633  1.372   1.00 34.18 ? 1422 HOH A O   1 
HETATM 1223 O O   . HOH D 4 .   ? -9.410  3.047   11.428  1.00 42.60 ? 1423 HOH A O   1 
HETATM 1224 O O   . HOH D 4 .   ? 6.668   10.826  -5.283  1.00 48.96 ? 1424 HOH A O   1 
HETATM 1225 O O   . HOH D 4 .   ? 11.659  1.695   12.833  1.00 47.32 ? 1425 HOH A O   1 
HETATM 1226 O O   . HOH D 4 .   ? 1.887   -14.342 -0.906  1.00 56.54 ? 1426 HOH A O   1 
HETATM 1227 O O   . HOH D 4 .   ? -18.743 -2.236  -18.949 1.00 55.72 ? 1427 HOH A O   1 
HETATM 1228 O O   . HOH D 4 .   ? 1.364   9.494   13.581  1.00 67.79 ? 1428 HOH A O   1 
HETATM 1229 O O   . HOH D 4 .   ? 0.152   -10.951 4.411   1.00 49.47 ? 1429 HOH A O   1 
HETATM 1230 O O   . HOH D 4 .   ? -10.763 -3.735  8.844   1.00 38.71 ? 1430 HOH A O   1 
HETATM 1231 O O   . HOH D 4 .   ? 13.886  -6.966  -7.428  1.00 58.77 ? 1431 HOH A O   1 
HETATM 1232 O O   . HOH D 4 .   ? 14.118  -3.219  -3.012  1.00 59.86 ? 1432 HOH A O   1 
HETATM 1233 O O   . HOH D 4 .   ? -3.228  4.435   13.359  1.00 50.48 ? 1433 HOH A O   1 
HETATM 1234 O O   . HOH D 4 .   ? 3.983   11.620  -11.579 1.00 47.86 ? 1434 HOH A O   1 
HETATM 1235 O O   . HOH D 4 .   ? -5.983  -2.221  13.143  1.00 46.78 ? 1435 HOH A O   1 
HETATM 1236 O O   . HOH D 4 .   ? -0.500  -3.865  16.319  1.00 42.29 ? 1436 HOH A O   1 
HETATM 1237 O O   . HOH D 4 .   ? 4.027   11.347  3.632   1.00 47.78 ? 1437 HOH A O   1 
HETATM 1238 O O   . HOH D 4 .   ? -13.717 -1.898  3.219   1.00 45.85 ? 1438 HOH A O   1 
HETATM 1239 O O   . HOH D 4 .   ? -21.093 -2.433  -2.915  1.00 51.22 ? 1439 HOH A O   1 
HETATM 1240 O O   . HOH D 4 .   ? -7.924  -3.993  12.432  1.00 46.02 ? 1440 HOH A O   1 
HETATM 1241 O O   . HOH D 4 .   ? -21.003 -5.360  -13.167 1.00 53.04 ? 1441 HOH A O   1 
HETATM 1242 O O   . HOH D 4 .   ? 3.010   10.174  1.982   1.00 46.29 ? 1442 HOH A O   1 
HETATM 1243 O O   . HOH D 4 .   ? 0.610   -9.428  14.709  1.00 48.97 ? 1443 HOH A O   1 
HETATM 1244 O O   . HOH D 4 .   ? 2.688   -13.027 11.605  1.00 55.26 ? 1444 HOH A O   1 
HETATM 1245 O O   . HOH D 4 .   ? -9.749  11.641  1.599   1.00 28.21 ? 1445 HOH A O   1 
HETATM 1246 O O   . HOH D 4 .   ? -15.459 -0.154  0.945   1.00 61.00 ? 1446 HOH A O   1 
HETATM 1247 O O   . HOH D 4 .   ? -23.221 -5.049  -9.085  1.00 48.51 ? 1447 HOH A O   1 
HETATM 1248 O O   . HOH D 4 .   ? -11.759 -4.629  6.429   1.00 44.60 ? 1448 HOH A O   1 
HETATM 1249 O O   . HOH D 4 .   ? -15.545 0.410   10.539  1.00 50.13 ? 1449 HOH A O   1 
HETATM 1250 O O   . HOH D 4 .   ? 2.607   -11.169 13.622  1.00 48.26 ? 1450 HOH A O   1 
HETATM 1251 O O   . HOH D 4 .   ? -3.236  -9.242  -3.073  1.00 42.75 ? 1451 HOH A O   1 
HETATM 1252 O O   . HOH D 4 .   ? -17.148 9.329   0.021   1.00 53.51 ? 1452 HOH A O   1 
HETATM 1253 O O   . HOH D 4 .   ? 10.108  6.290   -8.735  1.00 52.39 ? 1453 HOH A O   1 
HETATM 1254 O O   . HOH D 4 .   ? 4.825   -15.849 4.606   1.00 52.08 ? 1454 HOH A O   1 
HETATM 1255 O O   . HOH D 4 .   ? 5.936   4.196   -10.034 1.00 43.20 ? 1455 HOH A O   1 
HETATM 1256 O O   . HOH D 4 .   ? 3.943   -11.774 -3.731  1.00 50.77 ? 1456 HOH A O   1 
HETATM 1257 O O   . HOH D 4 .   ? -1.188  -11.235 0.400   1.00 47.39 ? 1457 HOH A O   1 
HETATM 1258 O O   . HOH D 4 .   ? 10.513  7.175   13.170  1.00 54.40 ? 1458 HOH A O   1 
HETATM 1259 O O   . HOH D 4 .   ? -3.630  -11.306 -0.609  1.00 57.91 ? 1459 HOH A O   1 
HETATM 1260 O O   . HOH D 4 .   ? 6.540   -4.565  -11.832 1.00 46.06 ? 1460 HOH A O   1 
HETATM 1261 O O   . HOH D 4 .   ? -6.802  0.419   13.146  1.00 43.55 ? 1461 HOH A O   1 
HETATM 1262 O O   . HOH D 4 .   ? -7.311  -8.098  5.919   1.00 52.81 ? 1462 HOH A O   1 
HETATM 1263 O O   . HOH D 4 .   ? -6.182  15.289  1.476   1.00 32.32 ? 1463 HOH A O   1 
HETATM 1264 O O   . HOH D 4 .   ? 8.709   7.915   10.987  1.00 50.37 ? 1464 HOH A O   1 
HETATM 1265 O O   . HOH D 4 .   ? 1.824   -13.392 3.411   1.00 44.20 ? 1465 HOH A O   1 
HETATM 1266 O O   . HOH D 4 .   ? -3.080  6.321   14.563  1.00 56.58 ? 1466 HOH A O   1 
HETATM 1267 O O   . HOH D 4 .   ? 1.239   12.170  -1.409  1.00 45.81 ? 1467 HOH A O   1 
HETATM 1268 O O   . HOH D 4 .   ? 7.933   8.997   4.041   1.00 52.79 ? 1468 HOH A O   1 
HETATM 1269 O O   . HOH D 4 .   ? -12.183 -2.579  10.824  1.00 44.08 ? 1469 HOH A O   1 
HETATM 1270 O O   . HOH D 4 .   ? -3.730  5.654   11.499  1.00 44.39 ? 1470 HOH A O   1 
HETATM 1271 O O   . HOH D 4 .   ? -5.262  1.431   15.391  1.00 51.50 ? 1471 HOH A O   1 
HETATM 1272 O O   . HOH D 4 .   ? -0.021  -13.760 1.094   1.00 59.10 ? 1472 HOH A O   1 
HETATM 1273 O O   . HOH D 4 .   ? -11.472 -4.698  -0.568  1.00 64.11 ? 1473 HOH A O   1 
HETATM 1274 O O   . HOH D 4 .   ? -10.332 -2.691  13.312  1.00 51.83 ? 1474 HOH A O   1 
HETATM 1275 O O   . HOH D 4 .   ? -9.640  -0.405  13.931  1.00 47.53 ? 1475 HOH A O   1 
HETATM 1276 O O   . HOH D 4 .   ? -12.178 -5.490  2.213   1.00 52.82 ? 1476 HOH A O   1 
# 
